data_7Z9U
# 
_entry.id   7Z9U 
# 
_audit_conform.dict_name       mmcif_pdbx.dic 
_audit_conform.dict_version    5.397 
_audit_conform.dict_location   http://mmcif.pdb.org/dictionaries/ascii/mmcif_pdbx.dic 
# 
loop_
_database_2.database_id 
_database_2.database_code 
_database_2.pdbx_database_accession 
_database_2.pdbx_DOI 
PDB   7Z9U         pdb_00007z9u 10.2210/pdb7z9u/pdb 
WWPDB D_1292121846 ?            ?                   
# 
loop_
_pdbx_audit_revision_history.ordinal 
_pdbx_audit_revision_history.data_content_type 
_pdbx_audit_revision_history.major_revision 
_pdbx_audit_revision_history.minor_revision 
_pdbx_audit_revision_history.revision_date 
1 'Structure model' 1 0 2022-11-23 
2 'Structure model' 1 1 2022-12-07 
3 'Structure model' 1 2 2024-01-31 
4 'Structure model' 1 3 2024-10-23 
# 
_pdbx_audit_revision_details.ordinal             1 
_pdbx_audit_revision_details.revision_ordinal    1 
_pdbx_audit_revision_details.data_content_type   'Structure model' 
_pdbx_audit_revision_details.provider            repository 
_pdbx_audit_revision_details.type                'Initial release' 
_pdbx_audit_revision_details.description         ? 
_pdbx_audit_revision_details.details             ? 
# 
loop_
_pdbx_audit_revision_group.ordinal 
_pdbx_audit_revision_group.revision_ordinal 
_pdbx_audit_revision_group.data_content_type 
_pdbx_audit_revision_group.group 
1 2 'Structure model' 'Database references'    
2 3 'Structure model' 'Data collection'        
3 3 'Structure model' 'Refinement description' 
4 4 'Structure model' 'Structure summary'      
# 
loop_
_pdbx_audit_revision_category.ordinal 
_pdbx_audit_revision_category.revision_ordinal 
_pdbx_audit_revision_category.data_content_type 
_pdbx_audit_revision_category.category 
1 2 'Structure model' citation                      
2 2 'Structure model' citation_author               
3 3 'Structure model' chem_comp_atom                
4 3 'Structure model' chem_comp_bond                
5 3 'Structure model' pdbx_initial_refinement_model 
6 4 'Structure model' pdbx_entry_details            
7 4 'Structure model' pdbx_modification_feature     
# 
loop_
_pdbx_audit_revision_item.ordinal 
_pdbx_audit_revision_item.revision_ordinal 
_pdbx_audit_revision_item.data_content_type 
_pdbx_audit_revision_item.item 
1 2 'Structure model' '_citation.journal_volume'                     
2 2 'Structure model' '_citation.page_first'                         
3 2 'Structure model' '_citation.page_last'                          
4 2 'Structure model' '_citation_author.identifier_ORCID'            
5 4 'Structure model' '_pdbx_entry_details.has_protein_modification' 
# 
_pdbx_database_status.status_code                     REL 
_pdbx_database_status.status_code_sf                  REL 
_pdbx_database_status.status_code_mr                  ? 
_pdbx_database_status.entry_id                        7Z9U 
_pdbx_database_status.recvd_initial_deposition_date   2022-03-21 
_pdbx_database_status.SG_entry                        N 
_pdbx_database_status.deposit_site                    PDBE 
_pdbx_database_status.process_site                    PDBE 
_pdbx_database_status.status_code_cs                  ? 
_pdbx_database_status.status_code_nmr_data            ? 
_pdbx_database_status.methods_development_category    ? 
_pdbx_database_status.pdb_format_compatible           N 
# 
_pdbx_contact_author.id                 2 
_pdbx_contact_author.email              martin.noble@ncl.ac.uk 
_pdbx_contact_author.name_first         Martin 
_pdbx_contact_author.name_last          Noble 
_pdbx_contact_author.name_mi            E.M 
_pdbx_contact_author.role               'principal investigator/group leader' 
_pdbx_contact_author.identifier_ORCID   0000-0002-3595-9807 
# 
loop_
_audit_author.name 
_audit_author.pdbx_ordinal 
_audit_author.identifier_ORCID 
'Turberville, S.' 1 0000-0003-2173-9675 
'Martin, M.P.'    2 0000-0003-4810-3351 
'Hope, I.'        3 ?                   
'Noble, M.E.M.'   4 0000-0002-3595-9807 
# 
_citation.abstract                  ? 
_citation.abstract_id_CAS           ? 
_citation.book_id_ISBN              ? 
_citation.book_publisher            ? 
_citation.book_publisher_city       ? 
_citation.book_title                ? 
_citation.coordinate_linkage        ? 
_citation.country                   US 
_citation.database_id_Medline       ? 
_citation.details                   ? 
_citation.id                        primary 
_citation.journal_abbrev            J.Med.Chem. 
_citation.journal_id_ASTM           JMCMAR 
_citation.journal_id_CSD            0151 
_citation.journal_id_ISSN           0022-2623 
_citation.journal_full              ? 
_citation.journal_issue             ? 
_citation.journal_volume            65 
_citation.language                  ? 
_citation.page_first                15416 
_citation.page_last                 15432 
_citation.title                     
;Mapping Ligand Interactions of Bromodomains BRD4 and ATAD2 with FragLites and PepLites&#9472;Halogenated Probes of Druglike and Peptide-like Molecular Interactions.
;
_citation.year                      2022 
_citation.database_id_CSD           ? 
_citation.pdbx_database_id_DOI      10.1021/acs.jmedchem.2c01357 
_citation.pdbx_database_id_PubMed   36367089 
_citation.pdbx_database_id_patent   ? 
_citation.unpublished_flag          ? 
# 
loop_
_citation_author.citation_id 
_citation_author.name 
_citation_author.ordinal 
_citation_author.identifier_ORCID 
primary 'Davison, G.'       1  ? 
primary 'Martin, M.P.'      2  ? 
primary 'Turberville, S.'   3  ? 
primary 'Dormen, S.'        4  ? 
primary 'Heath, R.'         5  ? 
primary 'Heptinstall, A.B.' 6  ? 
primary 'Lawson, M.'        7  ? 
primary 'Miller, D.C.'      8  ? 
primary 'Ng, Y.M.'          9  ? 
primary 'Sanderson, J.N.'   10 ? 
primary 'Hope, I.'          11 ? 
primary 'Wood, D.J.'        12 ? 
primary 'Cano, C.'          13 ? 
primary 'Endicott, J.A.'    14 ? 
primary 'Hardcastle, I.R.'  15 ? 
primary 'Noble, M.E.M.'     16 ? 
primary 'Waring, M.J.'      17 ? 
# 
loop_
_entity.id 
_entity.type 
_entity.src_method 
_entity.pdbx_description 
_entity.formula_weight 
_entity.pdbx_number_of_molecules 
_entity.pdbx_ec 
_entity.pdbx_mutation 
_entity.pdbx_fragment 
_entity.details 
1 polymer     man 'ATPase family AAA domain-containing protein 2' 15453.514 1   3.6.1.3 ? bromodomain ? 
2 non-polymer syn ARGININE                                        175.209   1   ?       ? ?           ? 
3 non-polymer syn 'SULFATE ION'                                   96.063    2   ?       ? ?           ? 
4 non-polymer syn 'CHLORIDE ION'                                  35.453    1   ?       ? ?           ? 
5 non-polymer syn 1,2-ETHANEDIOL                                  62.068    5   ?       ? ?           ? 
6 non-polymer syn '(2S)-2,6-diacetamido-N-methyl-hexanamide'      243.303   1   ?       ? ?           ? 
7 water       nat water                                           18.015    113 ?       ? ?           ? 
# 
_entity_name_com.entity_id   1 
_entity_name_com.name        'AAA nuclear coregulator cancer-associated protein,ANCCA' 
# 
_entity_poly.entity_id                      1 
_entity_poly.type                           'polypeptide(L)' 
_entity_poly.nstd_linkage                   no 
_entity_poly.nstd_monomer                   no 
_entity_poly.pdbx_seq_one_letter_code       
;SMQEEDTFRELRIFLRNVTHRLAIDKRFRVFTKPVDPDEVPDYVTVIKQPMDLSSVISKIDLHKYLTVKDYLRDIDLICS
NALEYNPDRDPGDRLIRHRACALRDTAYAIIKEELDEDFEQLCEEIQESR
;
_entity_poly.pdbx_seq_one_letter_code_can   
;SMQEEDTFRELRIFLRNVTHRLAIDKRFRVFTKPVDPDEVPDYVTVIKQPMDLSSVISKIDLHKYLTVKDYLRDIDLICS
NALEYNPDRDPGDRLIRHRACALRDTAYAIIKEELDEDFEQLCEEIQESR
;
_entity_poly.pdbx_strand_id                 AAA 
_entity_poly.pdbx_target_identifier         ? 
# 
loop_
_pdbx_entity_nonpoly.entity_id 
_pdbx_entity_nonpoly.name 
_pdbx_entity_nonpoly.comp_id 
2 ARGININE                                   ARG 
3 'SULFATE ION'                              SO4 
4 'CHLORIDE ION'                             CL  
5 1,2-ETHANEDIOL                             EDO 
6 '(2S)-2,6-diacetamido-N-methyl-hexanamide' 8WS 
7 water                                      HOH 
# 
loop_
_entity_poly_seq.entity_id 
_entity_poly_seq.num 
_entity_poly_seq.mon_id 
_entity_poly_seq.hetero 
1 1   SER n 
1 2   MET n 
1 3   GLN n 
1 4   GLU n 
1 5   GLU n 
1 6   ASP n 
1 7   THR n 
1 8   PHE n 
1 9   ARG n 
1 10  GLU n 
1 11  LEU n 
1 12  ARG n 
1 13  ILE n 
1 14  PHE n 
1 15  LEU n 
1 16  ARG n 
1 17  ASN n 
1 18  VAL n 
1 19  THR n 
1 20  HIS n 
1 21  ARG n 
1 22  LEU n 
1 23  ALA n 
1 24  ILE n 
1 25  ASP n 
1 26  LYS n 
1 27  ARG n 
1 28  PHE n 
1 29  ARG n 
1 30  VAL n 
1 31  PHE n 
1 32  THR n 
1 33  LYS n 
1 34  PRO n 
1 35  VAL n 
1 36  ASP n 
1 37  PRO n 
1 38  ASP n 
1 39  GLU n 
1 40  VAL n 
1 41  PRO n 
1 42  ASP n 
1 43  TYR n 
1 44  VAL n 
1 45  THR n 
1 46  VAL n 
1 47  ILE n 
1 48  LYS n 
1 49  GLN n 
1 50  PRO n 
1 51  MET n 
1 52  ASP n 
1 53  LEU n 
1 54  SER n 
1 55  SER n 
1 56  VAL n 
1 57  ILE n 
1 58  SER n 
1 59  LYS n 
1 60  ILE n 
1 61  ASP n 
1 62  LEU n 
1 63  HIS n 
1 64  LYS n 
1 65  TYR n 
1 66  LEU n 
1 67  THR n 
1 68  VAL n 
1 69  LYS n 
1 70  ASP n 
1 71  TYR n 
1 72  LEU n 
1 73  ARG n 
1 74  ASP n 
1 75  ILE n 
1 76  ASP n 
1 77  LEU n 
1 78  ILE n 
1 79  CYS n 
1 80  SER n 
1 81  ASN n 
1 82  ALA n 
1 83  LEU n 
1 84  GLU n 
1 85  TYR n 
1 86  ASN n 
1 87  PRO n 
1 88  ASP n 
1 89  ARG n 
1 90  ASP n 
1 91  PRO n 
1 92  GLY n 
1 93  ASP n 
1 94  ARG n 
1 95  LEU n 
1 96  ILE n 
1 97  ARG n 
1 98  HIS n 
1 99  ARG n 
1 100 ALA n 
1 101 CYS n 
1 102 ALA n 
1 103 LEU n 
1 104 ARG n 
1 105 ASP n 
1 106 THR n 
1 107 ALA n 
1 108 TYR n 
1 109 ALA n 
1 110 ILE n 
1 111 ILE n 
1 112 LYS n 
1 113 GLU n 
1 114 GLU n 
1 115 LEU n 
1 116 ASP n 
1 117 GLU n 
1 118 ASP n 
1 119 PHE n 
1 120 GLU n 
1 121 GLN n 
1 122 LEU n 
1 123 CYS n 
1 124 GLU n 
1 125 GLU n 
1 126 ILE n 
1 127 GLN n 
1 128 GLU n 
1 129 SER n 
1 130 ARG n 
# 
_entity_src_gen.entity_id                          1 
_entity_src_gen.pdbx_src_id                        1 
_entity_src_gen.pdbx_alt_source_flag               sample 
_entity_src_gen.pdbx_seq_type                      'Biological sequence' 
_entity_src_gen.pdbx_beg_seq_num                   1 
_entity_src_gen.pdbx_end_seq_num                   130 
_entity_src_gen.gene_src_common_name               human 
_entity_src_gen.gene_src_genus                     ? 
_entity_src_gen.pdbx_gene_src_gene                 'ATAD2, L16, PRO2000' 
_entity_src_gen.gene_src_species                   ? 
_entity_src_gen.gene_src_strain                    ? 
_entity_src_gen.gene_src_tissue                    ? 
_entity_src_gen.gene_src_tissue_fraction           ? 
_entity_src_gen.gene_src_details                   ? 
_entity_src_gen.pdbx_gene_src_fragment             ? 
_entity_src_gen.pdbx_gene_src_scientific_name      'Homo sapiens' 
_entity_src_gen.pdbx_gene_src_ncbi_taxonomy_id     9606 
_entity_src_gen.pdbx_gene_src_variant              ? 
_entity_src_gen.pdbx_gene_src_cell_line            ? 
_entity_src_gen.pdbx_gene_src_atcc                 ? 
_entity_src_gen.pdbx_gene_src_organ                ? 
_entity_src_gen.pdbx_gene_src_organelle            ? 
_entity_src_gen.pdbx_gene_src_cell                 ? 
_entity_src_gen.pdbx_gene_src_cellular_location    ? 
_entity_src_gen.host_org_common_name               ? 
_entity_src_gen.pdbx_host_org_scientific_name      'Escherichia coli BL21(DE3)' 
_entity_src_gen.pdbx_host_org_ncbi_taxonomy_id     469008 
_entity_src_gen.host_org_genus                     ? 
_entity_src_gen.pdbx_host_org_gene                 ? 
_entity_src_gen.pdbx_host_org_organ                ? 
_entity_src_gen.host_org_species                   ? 
_entity_src_gen.pdbx_host_org_tissue               ? 
_entity_src_gen.pdbx_host_org_tissue_fraction      ? 
_entity_src_gen.pdbx_host_org_strain               ? 
_entity_src_gen.pdbx_host_org_variant              ? 
_entity_src_gen.pdbx_host_org_cell_line            ? 
_entity_src_gen.pdbx_host_org_atcc                 ? 
_entity_src_gen.pdbx_host_org_culture_collection   ? 
_entity_src_gen.pdbx_host_org_cell                 ? 
_entity_src_gen.pdbx_host_org_organelle            ? 
_entity_src_gen.pdbx_host_org_cellular_location    ? 
_entity_src_gen.pdbx_host_org_vector_type          ? 
_entity_src_gen.pdbx_host_org_vector               ? 
_entity_src_gen.host_org_details                   ? 
_entity_src_gen.expression_system_id               ? 
_entity_src_gen.plasmid_name                       pET28b 
_entity_src_gen.plasmid_details                    ? 
_entity_src_gen.pdbx_description                   ? 
# 
loop_
_chem_comp.id 
_chem_comp.type 
_chem_comp.mon_nstd_flag 
_chem_comp.name 
_chem_comp.pdbx_synonyms 
_chem_comp.formula 
_chem_comp.formula_weight 
8WS non-polymer         . '(2S)-2,6-diacetamido-N-methyl-hexanamide' ?                 'C11 H21 N3 O3'  243.303 
ALA 'L-peptide linking' y ALANINE                                    ?                 'C3 H7 N O2'     89.093  
ARG 'L-peptide linking' y ARGININE                                   ?                 'C6 H15 N4 O2 1' 175.209 
ASN 'L-peptide linking' y ASPARAGINE                                 ?                 'C4 H8 N2 O3'    132.118 
ASP 'L-peptide linking' y 'ASPARTIC ACID'                            ?                 'C4 H7 N O4'     133.103 
CL  non-polymer         . 'CHLORIDE ION'                             ?                 'Cl -1'          35.453  
CYS 'L-peptide linking' y CYSTEINE                                   ?                 'C3 H7 N O2 S'   121.158 
EDO non-polymer         . 1,2-ETHANEDIOL                             'ETHYLENE GLYCOL' 'C2 H6 O2'       62.068  
GLN 'L-peptide linking' y GLUTAMINE                                  ?                 'C5 H10 N2 O3'   146.144 
GLU 'L-peptide linking' y 'GLUTAMIC ACID'                            ?                 'C5 H9 N O4'     147.129 
GLY 'peptide linking'   y GLYCINE                                    ?                 'C2 H5 N O2'     75.067  
HIS 'L-peptide linking' y HISTIDINE                                  ?                 'C6 H10 N3 O2 1' 156.162 
HOH non-polymer         . WATER                                      ?                 'H2 O'           18.015  
ILE 'L-peptide linking' y ISOLEUCINE                                 ?                 'C6 H13 N O2'    131.173 
LEU 'L-peptide linking' y LEUCINE                                    ?                 'C6 H13 N O2'    131.173 
LYS 'L-peptide linking' y LYSINE                                     ?                 'C6 H15 N2 O2 1' 147.195 
MET 'L-peptide linking' y METHIONINE                                 ?                 'C5 H11 N O2 S'  149.211 
PHE 'L-peptide linking' y PHENYLALANINE                              ?                 'C9 H11 N O2'    165.189 
PRO 'L-peptide linking' y PROLINE                                    ?                 'C5 H9 N O2'     115.130 
SER 'L-peptide linking' y SERINE                                     ?                 'C3 H7 N O3'     105.093 
SO4 non-polymer         . 'SULFATE ION'                              ?                 'O4 S -2'        96.063  
THR 'L-peptide linking' y THREONINE                                  ?                 'C4 H9 N O3'     119.119 
TYR 'L-peptide linking' y TYROSINE                                   ?                 'C9 H11 N O3'    181.189 
VAL 'L-peptide linking' y VALINE                                     ?                 'C5 H11 N O2'    117.146 
# 
loop_
_pdbx_poly_seq_scheme.asym_id 
_pdbx_poly_seq_scheme.entity_id 
_pdbx_poly_seq_scheme.seq_id 
_pdbx_poly_seq_scheme.mon_id 
_pdbx_poly_seq_scheme.ndb_seq_num 
_pdbx_poly_seq_scheme.pdb_seq_num 
_pdbx_poly_seq_scheme.auth_seq_num 
_pdbx_poly_seq_scheme.pdb_mon_id 
_pdbx_poly_seq_scheme.auth_mon_id 
_pdbx_poly_seq_scheme.pdb_strand_id 
_pdbx_poly_seq_scheme.pdb_ins_code 
_pdbx_poly_seq_scheme.hetero 
A 1 1   SER 1   979  979  SER SER AAA . n 
A 1 2   MET 2   980  980  MET MET AAA . n 
A 1 3   GLN 3   981  981  GLN GLN AAA . n 
A 1 4   GLU 4   982  982  GLU GLU AAA . n 
A 1 5   GLU 5   983  983  GLU GLU AAA . n 
A 1 6   ASP 6   984  984  ASP ASP AAA . n 
A 1 7   THR 7   985  985  THR THR AAA . n 
A 1 8   PHE 8   986  986  PHE PHE AAA . n 
A 1 9   ARG 9   987  987  ARG ARG AAA . n 
A 1 10  GLU 10  988  988  GLU GLU AAA . n 
A 1 11  LEU 11  989  989  LEU LEU AAA . n 
A 1 12  ARG 12  990  990  ARG ARG AAA . n 
A 1 13  ILE 13  991  991  ILE ILE AAA . n 
A 1 14  PHE 14  992  992  PHE PHE AAA . n 
A 1 15  LEU 15  993  993  LEU LEU AAA . n 
A 1 16  ARG 16  994  994  ARG ARG AAA . n 
A 1 17  ASN 17  995  995  ASN ASN AAA . n 
A 1 18  VAL 18  996  996  VAL VAL AAA . n 
A 1 19  THR 19  997  997  THR THR AAA . n 
A 1 20  HIS 20  998  998  HIS HIS AAA . n 
A 1 21  ARG 21  999  999  ARG ARG AAA . n 
A 1 22  LEU 22  1000 1000 LEU LEU AAA . n 
A 1 23  ALA 23  1001 1001 ALA ALA AAA . n 
A 1 24  ILE 24  1002 1002 ILE ILE AAA . n 
A 1 25  ASP 25  1003 1003 ASP ASP AAA . n 
A 1 26  LYS 26  1004 1004 LYS LYS AAA . n 
A 1 27  ARG 27  1005 1005 ARG ARG AAA . n 
A 1 28  PHE 28  1006 1006 PHE PHE AAA . n 
A 1 29  ARG 29  1007 1007 ARG ARG AAA . n 
A 1 30  VAL 30  1008 1008 VAL VAL AAA . n 
A 1 31  PHE 31  1009 1009 PHE PHE AAA . n 
A 1 32  THR 32  1010 1010 THR THR AAA . n 
A 1 33  LYS 33  1011 1011 LYS LYS AAA . n 
A 1 34  PRO 34  1012 1012 PRO PRO AAA . n 
A 1 35  VAL 35  1013 1013 VAL VAL AAA . n 
A 1 36  ASP 36  1014 1014 ASP ASP AAA . n 
A 1 37  PRO 37  1015 1015 PRO PRO AAA . n 
A 1 38  ASP 38  1016 1016 ASP ASP AAA . n 
A 1 39  GLU 39  1017 1017 GLU GLU AAA . n 
A 1 40  VAL 40  1018 1018 VAL VAL AAA . n 
A 1 41  PRO 41  1019 1019 PRO PRO AAA . n 
A 1 42  ASP 42  1020 1020 ASP ASP AAA . n 
A 1 43  TYR 43  1021 1021 TYR TYR AAA . n 
A 1 44  VAL 44  1022 1022 VAL VAL AAA . n 
A 1 45  THR 45  1023 1023 THR THR AAA . n 
A 1 46  VAL 46  1024 1024 VAL VAL AAA . n 
A 1 47  ILE 47  1025 1025 ILE ILE AAA . n 
A 1 48  LYS 48  1026 1026 LYS LYS AAA . n 
A 1 49  GLN 49  1027 1027 GLN GLN AAA . n 
A 1 50  PRO 50  1028 1028 PRO PRO AAA . n 
A 1 51  MET 51  1029 1029 MET MET AAA . n 
A 1 52  ASP 52  1030 1030 ASP ASP AAA . n 
A 1 53  LEU 53  1031 1031 LEU LEU AAA . n 
A 1 54  SER 54  1032 1032 SER SER AAA . n 
A 1 55  SER 55  1033 1033 SER SER AAA . n 
A 1 56  VAL 56  1034 1034 VAL VAL AAA . n 
A 1 57  ILE 57  1035 1035 ILE ILE AAA . n 
A 1 58  SER 58  1036 1036 SER SER AAA . n 
A 1 59  LYS 59  1037 1037 LYS LYS AAA . n 
A 1 60  ILE 60  1038 1038 ILE ILE AAA . n 
A 1 61  ASP 61  1039 1039 ASP ASP AAA . n 
A 1 62  LEU 62  1040 1040 LEU LEU AAA . n 
A 1 63  HIS 63  1041 1041 HIS HIS AAA . n 
A 1 64  LYS 64  1042 1042 LYS LYS AAA . n 
A 1 65  TYR 65  1043 1043 TYR TYR AAA . n 
A 1 66  LEU 66  1044 1044 LEU LEU AAA . n 
A 1 67  THR 67  1045 1045 THR THR AAA . n 
A 1 68  VAL 68  1046 1046 VAL VAL AAA . n 
A 1 69  LYS 69  1047 1047 LYS LYS AAA . n 
A 1 70  ASP 70  1048 1048 ASP ASP AAA . n 
A 1 71  TYR 71  1049 1049 TYR TYR AAA . n 
A 1 72  LEU 72  1050 1050 LEU LEU AAA . n 
A 1 73  ARG 73  1051 1051 ARG ARG AAA . n 
A 1 74  ASP 74  1052 1052 ASP ASP AAA . n 
A 1 75  ILE 75  1053 1053 ILE ILE AAA . n 
A 1 76  ASP 76  1054 1054 ASP ASP AAA . n 
A 1 77  LEU 77  1055 1055 LEU LEU AAA . n 
A 1 78  ILE 78  1056 1056 ILE ILE AAA . n 
A 1 79  CYS 79  1057 1057 CYS CYS AAA . n 
A 1 80  SER 80  1058 1058 SER SER AAA . n 
A 1 81  ASN 81  1059 1059 ASN ASN AAA . n 
A 1 82  ALA 82  1060 1060 ALA ALA AAA . n 
A 1 83  LEU 83  1061 1061 LEU LEU AAA . n 
A 1 84  GLU 84  1062 1062 GLU GLU AAA . n 
A 1 85  TYR 85  1063 1063 TYR TYR AAA . n 
A 1 86  ASN 86  1064 1064 ASN ASN AAA . n 
A 1 87  PRO 87  1065 1065 PRO PRO AAA . n 
A 1 88  ASP 88  1066 1066 ASP ASP AAA . n 
A 1 89  ARG 89  1067 1067 ARG ARG AAA . n 
A 1 90  ASP 90  1068 1068 ASP ASP AAA . n 
A 1 91  PRO 91  1069 1069 PRO PRO AAA . n 
A 1 92  GLY 92  1070 1070 GLY GLY AAA . n 
A 1 93  ASP 93  1071 1071 ASP ASP AAA . n 
A 1 94  ARG 94  1072 1072 ARG ARG AAA . n 
A 1 95  LEU 95  1073 1073 LEU LEU AAA . n 
A 1 96  ILE 96  1074 1074 ILE ILE AAA . n 
A 1 97  ARG 97  1075 1075 ARG ARG AAA . n 
A 1 98  HIS 98  1076 1076 HIS HIS AAA . n 
A 1 99  ARG 99  1077 1077 ARG ARG AAA . n 
A 1 100 ALA 100 1078 1078 ALA ALA AAA . n 
A 1 101 CYS 101 1079 1079 CYS CYS AAA . n 
A 1 102 ALA 102 1080 1080 ALA ALA AAA . n 
A 1 103 LEU 103 1081 1081 LEU LEU AAA . n 
A 1 104 ARG 104 1082 1082 ARG ARG AAA . n 
A 1 105 ASP 105 1083 1083 ASP ASP AAA . n 
A 1 106 THR 106 1084 1084 THR THR AAA . n 
A 1 107 ALA 107 1085 1085 ALA ALA AAA . n 
A 1 108 TYR 108 1086 1086 TYR TYR AAA . n 
A 1 109 ALA 109 1087 1087 ALA ALA AAA . n 
A 1 110 ILE 110 1088 1088 ILE ILE AAA . n 
A 1 111 ILE 111 1089 1089 ILE ILE AAA . n 
A 1 112 LYS 112 1090 1090 LYS LYS AAA . n 
A 1 113 GLU 113 1091 1091 GLU GLU AAA . n 
A 1 114 GLU 114 1092 1092 GLU GLU AAA . n 
A 1 115 LEU 115 1093 1093 LEU LEU AAA . n 
A 1 116 ASP 116 1094 1094 ASP ASP AAA . n 
A 1 117 GLU 117 1095 1095 GLU GLU AAA . n 
A 1 118 ASP 118 1096 1096 ASP ASP AAA . n 
A 1 119 PHE 119 1097 1097 PHE PHE AAA . n 
A 1 120 GLU 120 1098 1098 GLU GLU AAA . n 
A 1 121 GLN 121 1099 1099 GLN GLN AAA . n 
A 1 122 LEU 122 1100 1100 LEU LEU AAA . n 
A 1 123 CYS 123 1101 1101 CYS CYS AAA . n 
A 1 124 GLU 124 1102 1102 GLU GLU AAA . n 
A 1 125 GLU 125 1103 1103 GLU GLU AAA . n 
A 1 126 ILE 126 1104 1104 ILE ILE AAA . n 
A 1 127 GLN 127 1105 1105 GLN GLN AAA . n 
A 1 128 GLU 128 1106 1106 GLU GLU AAA . n 
A 1 129 SER 129 1107 1107 SER SER AAA . n 
A 1 130 ARG 130 1108 1108 ARG ARG AAA . n 
# 
_pdbx_entity_instance_feature.ordinal        1 
_pdbx_entity_instance_feature.comp_id        8WS 
_pdbx_entity_instance_feature.asym_id        ? 
_pdbx_entity_instance_feature.seq_num        ? 
_pdbx_entity_instance_feature.auth_comp_id   8WS 
_pdbx_entity_instance_feature.auth_asym_id   ? 
_pdbx_entity_instance_feature.auth_seq_num   ? 
_pdbx_entity_instance_feature.feature_type   'SUBJECT OF INVESTIGATION' 
_pdbx_entity_instance_feature.details        ? 
# 
loop_
_pdbx_nonpoly_scheme.asym_id 
_pdbx_nonpoly_scheme.entity_id 
_pdbx_nonpoly_scheme.mon_id 
_pdbx_nonpoly_scheme.ndb_seq_num 
_pdbx_nonpoly_scheme.pdb_seq_num 
_pdbx_nonpoly_scheme.auth_seq_num 
_pdbx_nonpoly_scheme.pdb_mon_id 
_pdbx_nonpoly_scheme.auth_mon_id 
_pdbx_nonpoly_scheme.pdb_strand_id 
_pdbx_nonpoly_scheme.pdb_ins_code 
B 2 ARG 1   1201 1108 ARG ARG AAA . 
C 3 SO4 1   1202 1    SO4 SO4 AAA . 
D 4 CL  1   1203 1109 CL  CL  AAA . 
E 5 EDO 1   1204 1    EDO EDO AAA . 
F 5 EDO 1   1205 2    EDO EDO AAA . 
G 5 EDO 1   1206 3    EDO EDO AAA . 
H 5 EDO 1   1207 4    EDO EDO AAA . 
I 5 EDO 1   1208 5    EDO EDO AAA . 
J 3 SO4 1   1209 1    SO4 SO4 AAA . 
K 6 8WS 1   1210 2    8WS DRG AAA . 
L 7 HOH 1   1301 236  HOH HOH AAA . 
L 7 HOH 2   1302 159  HOH HOH AAA . 
L 7 HOH 3   1303 158  HOH HOH AAA . 
L 7 HOH 4   1304 193  HOH HOH AAA . 
L 7 HOH 5   1305 240  HOH HOH AAA . 
L 7 HOH 6   1306 255  HOH HOH AAA . 
L 7 HOH 7   1307 24   HOH HOH AAA . 
L 7 HOH 8   1308 124  HOH HOH AAA . 
L 7 HOH 9   1309 61   HOH HOH AAA . 
L 7 HOH 10  1310 104  HOH HOH AAA . 
L 7 HOH 11  1311 49   HOH HOH AAA . 
L 7 HOH 12  1312 234  HOH HOH AAA . 
L 7 HOH 13  1313 47   HOH HOH AAA . 
L 7 HOH 14  1314 147  HOH HOH AAA . 
L 7 HOH 15  1315 51   HOH HOH AAA . 
L 7 HOH 16  1316 22   HOH HOH AAA . 
L 7 HOH 17  1317 37   HOH HOH AAA . 
L 7 HOH 18  1318 23   HOH HOH AAA . 
L 7 HOH 19  1319 120  HOH HOH AAA . 
L 7 HOH 20  1320 246  HOH HOH AAA . 
L 7 HOH 21  1321 55   HOH HOH AAA . 
L 7 HOH 22  1322 242  HOH HOH AAA . 
L 7 HOH 23  1323 71   HOH HOH AAA . 
L 7 HOH 24  1324 241  HOH HOH AAA . 
L 7 HOH 25  1325 39   HOH HOH AAA . 
L 7 HOH 26  1326 14   HOH HOH AAA . 
L 7 HOH 27  1327 253  HOH HOH AAA . 
L 7 HOH 28  1328 15   HOH HOH AAA . 
L 7 HOH 29  1329 77   HOH HOH AAA . 
L 7 HOH 30  1330 243  HOH HOH AAA . 
L 7 HOH 31  1331 197  HOH HOH AAA . 
L 7 HOH 32  1332 245  HOH HOH AAA . 
L 7 HOH 33  1333 57   HOH HOH AAA . 
L 7 HOH 34  1334 13   HOH HOH AAA . 
L 7 HOH 35  1335 107  HOH HOH AAA . 
L 7 HOH 36  1336 114  HOH HOH AAA . 
L 7 HOH 37  1337 132  HOH HOH AAA . 
L 7 HOH 38  1338 8    HOH HOH AAA . 
L 7 HOH 39  1339 129  HOH HOH AAA . 
L 7 HOH 40  1340 53   HOH HOH AAA . 
L 7 HOH 41  1341 69   HOH HOH AAA . 
L 7 HOH 42  1342 1    HOH HOH AAA . 
L 7 HOH 43  1343 32   HOH HOH AAA . 
L 7 HOH 44  1344 113  HOH HOH AAA . 
L 7 HOH 45  1345 21   HOH HOH AAA . 
L 7 HOH 46  1346 238  HOH HOH AAA . 
L 7 HOH 47  1347 169  HOH HOH AAA . 
L 7 HOH 48  1348 2    HOH HOH AAA . 
L 7 HOH 49  1349 175  HOH HOH AAA . 
L 7 HOH 50  1350 40   HOH HOH AAA . 
L 7 HOH 51  1351 72   HOH HOH AAA . 
L 7 HOH 52  1352 58   HOH HOH AAA . 
L 7 HOH 53  1353 33   HOH HOH AAA . 
L 7 HOH 54  1354 73   HOH HOH AAA . 
L 7 HOH 55  1355 35   HOH HOH AAA . 
L 7 HOH 56  1356 52   HOH HOH AAA . 
L 7 HOH 57  1357 19   HOH HOH AAA . 
L 7 HOH 58  1358 127  HOH HOH AAA . 
L 7 HOH 59  1359 239  HOH HOH AAA . 
L 7 HOH 60  1360 128  HOH HOH AAA . 
L 7 HOH 61  1361 38   HOH HOH AAA . 
L 7 HOH 62  1362 41   HOH HOH AAA . 
L 7 HOH 63  1363 43   HOH HOH AAA . 
L 7 HOH 64  1364 64   HOH HOH AAA . 
L 7 HOH 65  1365 3    HOH HOH AAA . 
L 7 HOH 66  1366 237  HOH HOH AAA . 
L 7 HOH 67  1367 20   HOH HOH AAA . 
L 7 HOH 68  1368 68   HOH HOH AAA . 
L 7 HOH 69  1369 48   HOH HOH AAA . 
L 7 HOH 70  1370 25   HOH HOH AAA . 
L 7 HOH 71  1371 50   HOH HOH AAA . 
L 7 HOH 72  1372 248  HOH HOH AAA . 
L 7 HOH 73  1373 195  HOH HOH AAA . 
L 7 HOH 74  1374 249  HOH HOH AAA . 
L 7 HOH 75  1375 66   HOH HOH AAA . 
L 7 HOH 76  1376 9    HOH HOH AAA . 
L 7 HOH 77  1377 252  HOH HOH AAA . 
L 7 HOH 78  1378 87   HOH HOH AAA . 
L 7 HOH 79  1379 188  HOH HOH AAA . 
L 7 HOH 80  1380 74   HOH HOH AAA . 
L 7 HOH 81  1381 76   HOH HOH AAA . 
L 7 HOH 82  1382 88   HOH HOH AAA . 
L 7 HOH 83  1383 244  HOH HOH AAA . 
L 7 HOH 84  1384 117  HOH HOH AAA . 
L 7 HOH 85  1385 139  HOH HOH AAA . 
L 7 HOH 86  1386 135  HOH HOH AAA . 
L 7 HOH 87  1387 198  HOH HOH AAA . 
L 7 HOH 88  1388 168  HOH HOH AAA . 
L 7 HOH 89  1389 194  HOH HOH AAA . 
L 7 HOH 90  1390 16   HOH HOH AAA . 
L 7 HOH 91  1391 254  HOH HOH AAA . 
L 7 HOH 92  1392 204  HOH HOH AAA . 
L 7 HOH 93  1393 56   HOH HOH AAA . 
L 7 HOH 94  1394 227  HOH HOH AAA . 
L 7 HOH 95  1395 123  HOH HOH AAA . 
L 7 HOH 96  1396 27   HOH HOH AAA . 
L 7 HOH 97  1397 82   HOH HOH AAA . 
L 7 HOH 98  1398 30   HOH HOH AAA . 
L 7 HOH 99  1399 171  HOH HOH AAA . 
L 7 HOH 100 1400 251  HOH HOH AAA . 
L 7 HOH 101 1401 217  HOH HOH AAA . 
L 7 HOH 102 1402 228  HOH HOH AAA . 
L 7 HOH 103 1403 137  HOH HOH AAA . 
L 7 HOH 104 1404 186  HOH HOH AAA . 
L 7 HOH 105 1405 62   HOH HOH AAA . 
L 7 HOH 106 1406 5    HOH HOH AAA . 
L 7 HOH 107 1407 60   HOH HOH AAA . 
L 7 HOH 108 1408 250  HOH HOH AAA . 
L 7 HOH 109 1409 45   HOH HOH AAA . 
L 7 HOH 110 1410 70   HOH HOH AAA . 
L 7 HOH 111 1411 232  HOH HOH AAA . 
L 7 HOH 112 1412 44   HOH HOH AAA . 
L 7 HOH 113 1413 154  HOH HOH AAA . 
# 
loop_
_software.citation_id 
_software.classification 
_software.compiler_name 
_software.compiler_version 
_software.contact_author 
_software.contact_author_email 
_software.date 
_software.description 
_software.dependencies 
_software.hardware 
_software.language 
_software.location 
_software.mods 
_software.name 
_software.os 
_software.os_version 
_software.type 
_software.version 
_software.pdbx_ordinal 
? refinement       ? ? ? ? ? ? ? ? ? ? ? REFMAC  ? ? ? 5.8.0258 1 
? refinement       ? ? ? ? ? ? ? ? ? ? ? REFMAC  ? ? ? 5.8.0258 2 
? 'data scaling'   ? ? ? ? ? ? ? ? ? ? ? Aimless ? ? ? 0.7.4    3 
? 'data reduction' ? ? ? ? ? ? ? ? ? ? ? xia2    ? ? ? .        4 
? phasing          ? ? ? ? ? ? ? ? ? ? ? PHASER  ? ? ? .        5 
# 
_cell.angle_alpha                  90.000 
_cell.angle_alpha_esd              ? 
_cell.angle_beta                   90.000 
_cell.angle_beta_esd               ? 
_cell.angle_gamma                  120.000 
_cell.angle_gamma_esd              ? 
_cell.entry_id                     7Z9U 
_cell.details                      ? 
_cell.formula_units_Z              ? 
_cell.length_a                     79.029 
_cell.length_a_esd                 ? 
_cell.length_b                     79.029 
_cell.length_b_esd                 ? 
_cell.length_c                     137.875 
_cell.length_c_esd                 ? 
_cell.volume                       ? 
_cell.volume_esd                   ? 
_cell.Z_PDB                        12 
_cell.reciprocal_angle_alpha       ? 
_cell.reciprocal_angle_beta        ? 
_cell.reciprocal_angle_gamma       ? 
_cell.reciprocal_angle_alpha_esd   ? 
_cell.reciprocal_angle_beta_esd    ? 
_cell.reciprocal_angle_gamma_esd   ? 
_cell.reciprocal_length_a          ? 
_cell.reciprocal_length_b          ? 
_cell.reciprocal_length_c          ? 
_cell.reciprocal_length_a_esd      ? 
_cell.reciprocal_length_b_esd      ? 
_cell.reciprocal_length_c_esd      ? 
_cell.pdbx_unique_axis             ? 
# 
_symmetry.entry_id                         7Z9U 
_symmetry.cell_setting                     ? 
_symmetry.Int_Tables_number                179 
_symmetry.space_group_name_Hall            ? 
_symmetry.space_group_name_H-M             'P 65 2 2' 
_symmetry.pdbx_full_space_group_name_H-M   ? 
# 
_exptl.absorpt_coefficient_mu     ? 
_exptl.absorpt_correction_T_max   ? 
_exptl.absorpt_correction_T_min   ? 
_exptl.absorpt_correction_type    ? 
_exptl.absorpt_process_details    ? 
_exptl.entry_id                   7Z9U 
_exptl.crystals_number            1 
_exptl.details                    ? 
_exptl.method                     'X-RAY DIFFRACTION' 
_exptl.method_details             ? 
# 
_exptl_crystal.colour                      ? 
_exptl_crystal.density_diffrn              ? 
_exptl_crystal.density_Matthews            4.02 
_exptl_crystal.density_method              ? 
_exptl_crystal.density_percent_sol         69.41 
_exptl_crystal.description                 ? 
_exptl_crystal.F_000                       ? 
_exptl_crystal.id                          1 
_exptl_crystal.preparation                 ? 
_exptl_crystal.size_max                    ? 
_exptl_crystal.size_mid                    ? 
_exptl_crystal.size_min                    ? 
_exptl_crystal.size_rad                    ? 
_exptl_crystal.colour_lustre               ? 
_exptl_crystal.colour_modifier             ? 
_exptl_crystal.colour_primary              ? 
_exptl_crystal.density_meas                ? 
_exptl_crystal.density_meas_esd            ? 
_exptl_crystal.density_meas_gt             ? 
_exptl_crystal.density_meas_lt             ? 
_exptl_crystal.density_meas_temp           ? 
_exptl_crystal.density_meas_temp_esd       ? 
_exptl_crystal.density_meas_temp_gt        ? 
_exptl_crystal.density_meas_temp_lt        ? 
_exptl_crystal.pdbx_crystal_image_url      ? 
_exptl_crystal.pdbx_crystal_image_format   ? 
_exptl_crystal.pdbx_mosaicity              ? 
_exptl_crystal.pdbx_mosaicity_esd          ? 
# 
_exptl_crystal_grow.apparatus       ? 
_exptl_crystal_grow.atmosphere      ? 
_exptl_crystal_grow.crystal_id      1 
_exptl_crystal_grow.details         ? 
_exptl_crystal_grow.method          'VAPOR DIFFUSION, HANGING DROP' 
_exptl_crystal_grow.method_ref      ? 
_exptl_crystal_grow.pH              6.5 
_exptl_crystal_grow.pressure        ? 
_exptl_crystal_grow.pressure_esd    ? 
_exptl_crystal_grow.seeding         ? 
_exptl_crystal_grow.seeding_ref     ? 
_exptl_crystal_grow.temp            293 
_exptl_crystal_grow.temp_details    ? 
_exptl_crystal_grow.temp_esd        ? 
_exptl_crystal_grow.time            ? 
_exptl_crystal_grow.pdbx_details    '0.1M BisTris pH 6-7, 1.7-2.1M Ammonium sulphate' 
_exptl_crystal_grow.pdbx_pH_range   6-7 
# 
_diffrn.ambient_environment              ? 
_diffrn.ambient_temp                     100 
_diffrn.ambient_temp_details             ? 
_diffrn.ambient_temp_esd                 ? 
_diffrn.crystal_id                       1 
_diffrn.crystal_support                  ? 
_diffrn.crystal_treatment                ? 
_diffrn.details                          ? 
_diffrn.id                               1 
_diffrn.ambient_pressure                 ? 
_diffrn.ambient_pressure_esd             ? 
_diffrn.ambient_pressure_gt              ? 
_diffrn.ambient_pressure_lt              ? 
_diffrn.ambient_temp_gt                  ? 
_diffrn.ambient_temp_lt                  ? 
_diffrn.pdbx_serial_crystal_experiment   N 
# 
_diffrn_detector.details                      ? 
_diffrn_detector.detector                     PIXEL 
_diffrn_detector.diffrn_id                    1 
_diffrn_detector.type                         'DECTRIS PILATUS 6M' 
_diffrn_detector.area_resol_mean              ? 
_diffrn_detector.dtime                        ? 
_diffrn_detector.pdbx_frames_total            ? 
_diffrn_detector.pdbx_collection_time_total   ? 
_diffrn_detector.pdbx_collection_date         2019-09-25 
_diffrn_detector.pdbx_frequency               ? 
# 
_diffrn_radiation.collimation                      ? 
_diffrn_radiation.diffrn_id                        1 
_diffrn_radiation.filter_edge                      ? 
_diffrn_radiation.inhomogeneity                    ? 
_diffrn_radiation.monochromator                    ? 
_diffrn_radiation.polarisn_norm                    ? 
_diffrn_radiation.polarisn_ratio                   ? 
_diffrn_radiation.probe                            ? 
_diffrn_radiation.type                             ? 
_diffrn_radiation.xray_symbol                      ? 
_diffrn_radiation.wavelength_id                    1 
_diffrn_radiation.pdbx_monochromatic_or_laue_m_l   M 
_diffrn_radiation.pdbx_wavelength_list             ? 
_diffrn_radiation.pdbx_wavelength                  ? 
_diffrn_radiation.pdbx_diffrn_protocol             'SINGLE WAVELENGTH' 
_diffrn_radiation.pdbx_analyzer                    ? 
_diffrn_radiation.pdbx_scattering_type             x-ray 
# 
_diffrn_radiation_wavelength.id           1 
_diffrn_radiation_wavelength.wavelength   0.91162 
_diffrn_radiation_wavelength.wt           1.0 
# 
_diffrn_source.current                     ? 
_diffrn_source.details                     ? 
_diffrn_source.diffrn_id                   1 
_diffrn_source.power                       ? 
_diffrn_source.size                        ? 
_diffrn_source.source                      SYNCHROTRON 
_diffrn_source.target                      ? 
_diffrn_source.type                        'DIAMOND BEAMLINE I04-1' 
_diffrn_source.voltage                     ? 
_diffrn_source.take-off_angle              ? 
_diffrn_source.pdbx_wavelength_list        0.91162 
_diffrn_source.pdbx_wavelength             ? 
_diffrn_source.pdbx_synchrotron_beamline   I04-1 
_diffrn_source.pdbx_synchrotron_site       Diamond 
# 
_reflns.B_iso_Wilson_estimate                          ? 
_reflns.entry_id                                       7Z9U 
_reflns.data_reduction_details                         ? 
_reflns.data_reduction_method                          ? 
_reflns.d_resolution_high                              1.76 
_reflns.d_resolution_low                               48.57 
_reflns.details                                        ? 
_reflns.limit_h_max                                    ? 
_reflns.limit_h_min                                    ? 
_reflns.limit_k_max                                    ? 
_reflns.limit_k_min                                    ? 
_reflns.limit_l_max                                    ? 
_reflns.limit_l_min                                    ? 
_reflns.number_all                                     ? 
_reflns.number_obs                                     26026 
_reflns.observed_criterion                             ? 
_reflns.observed_criterion_F_max                       ? 
_reflns.observed_criterion_F_min                       ? 
_reflns.observed_criterion_I_max                       ? 
_reflns.observed_criterion_I_min                       ? 
_reflns.observed_criterion_sigma_F                     ? 
_reflns.observed_criterion_sigma_I                     ? 
_reflns.percent_possible_obs                           100.0 
_reflns.R_free_details                                 ? 
_reflns.Rmerge_F_all                                   ? 
_reflns.Rmerge_F_obs                                   ? 
_reflns.Friedel_coverage                               ? 
_reflns.number_gt                                      ? 
_reflns.threshold_expression                           ? 
_reflns.pdbx_redundancy                                39.2 
_reflns.pdbx_Rmerge_I_obs                              0.150 
_reflns.pdbx_Rmerge_I_all                              ? 
_reflns.pdbx_Rsym_value                                ? 
_reflns.pdbx_netI_over_av_sigmaI                       ? 
_reflns.pdbx_netI_over_sigmaI                          19.6 
_reflns.pdbx_res_netI_over_av_sigmaI_2                 ? 
_reflns.pdbx_res_netI_over_sigmaI_2                    ? 
_reflns.pdbx_chi_squared                               ? 
_reflns.pdbx_scaling_rejects                           ? 
_reflns.pdbx_d_res_high_opt                            ? 
_reflns.pdbx_d_res_low_opt                             ? 
_reflns.pdbx_d_res_opt_method                          ? 
_reflns.phase_calculation_details                      ? 
_reflns.pdbx_Rrim_I_all                                0.153 
_reflns.pdbx_Rpim_I_all                                0.033 
_reflns.pdbx_d_opt                                     ? 
_reflns.pdbx_number_measured_all                       ? 
_reflns.pdbx_diffrn_id                                 1 
_reflns.pdbx_ordinal                                   1 
_reflns.pdbx_CC_half                                   1.000 
_reflns.pdbx_CC_star                                   ? 
_reflns.pdbx_R_split                                   ? 
_reflns.pdbx_aniso_diffraction_limit_axis_1_ortho[1]   ? 
_reflns.pdbx_aniso_diffraction_limit_axis_1_ortho[2]   ? 
_reflns.pdbx_aniso_diffraction_limit_axis_1_ortho[3]   ? 
_reflns.pdbx_aniso_diffraction_limit_axis_2_ortho[1]   ? 
_reflns.pdbx_aniso_diffraction_limit_axis_2_ortho[2]   ? 
_reflns.pdbx_aniso_diffraction_limit_axis_2_ortho[3]   ? 
_reflns.pdbx_aniso_diffraction_limit_axis_3_ortho[1]   ? 
_reflns.pdbx_aniso_diffraction_limit_axis_3_ortho[2]   ? 
_reflns.pdbx_aniso_diffraction_limit_axis_3_ortho[3]   ? 
_reflns.pdbx_aniso_diffraction_limit_1                 ? 
_reflns.pdbx_aniso_diffraction_limit_2                 ? 
_reflns.pdbx_aniso_diffraction_limit_3                 ? 
_reflns.pdbx_aniso_B_tensor_eigenvector_1_ortho[1]     ? 
_reflns.pdbx_aniso_B_tensor_eigenvector_1_ortho[2]     ? 
_reflns.pdbx_aniso_B_tensor_eigenvector_1_ortho[3]     ? 
_reflns.pdbx_aniso_B_tensor_eigenvector_2_ortho[1]     ? 
_reflns.pdbx_aniso_B_tensor_eigenvector_2_ortho[2]     ? 
_reflns.pdbx_aniso_B_tensor_eigenvector_2_ortho[3]     ? 
_reflns.pdbx_aniso_B_tensor_eigenvector_3_ortho[1]     ? 
_reflns.pdbx_aniso_B_tensor_eigenvector_3_ortho[2]     ? 
_reflns.pdbx_aniso_B_tensor_eigenvector_3_ortho[3]     ? 
_reflns.pdbx_aniso_B_tensor_eigenvalue_1               ? 
_reflns.pdbx_aniso_B_tensor_eigenvalue_2               ? 
_reflns.pdbx_aniso_B_tensor_eigenvalue_3               ? 
_reflns.pdbx_orthogonalization_convention              ? 
_reflns.pdbx_percent_possible_ellipsoidal              ? 
_reflns.pdbx_percent_possible_spherical                ? 
_reflns.pdbx_percent_possible_ellipsoidal_anomalous    ? 
_reflns.pdbx_percent_possible_spherical_anomalous      ? 
_reflns.pdbx_redundancy_anomalous                      ? 
_reflns.pdbx_CC_half_anomalous                         ? 
_reflns.pdbx_absDiff_over_sigma_anomalous              ? 
_reflns.pdbx_percent_possible_anomalous                ? 
_reflns.pdbx_observed_signal_threshold                 ? 
_reflns.pdbx_signal_type                               ? 
_reflns.pdbx_signal_details                            ? 
_reflns.pdbx_signal_software_id                        ? 
# 
loop_
_reflns_shell.d_res_high 
_reflns_shell.d_res_low 
_reflns_shell.meanI_over_sigI_all 
_reflns_shell.meanI_over_sigI_obs 
_reflns_shell.number_measured_all 
_reflns_shell.number_measured_obs 
_reflns_shell.number_possible 
_reflns_shell.number_unique_all 
_reflns_shell.number_unique_obs 
_reflns_shell.percent_possible_all 
_reflns_shell.percent_possible_obs 
_reflns_shell.Rmerge_F_all 
_reflns_shell.Rmerge_F_obs 
_reflns_shell.Rmerge_I_all 
_reflns_shell.Rmerge_I_obs 
_reflns_shell.meanI_over_sigI_gt 
_reflns_shell.meanI_over_uI_all 
_reflns_shell.meanI_over_uI_gt 
_reflns_shell.number_measured_gt 
_reflns_shell.number_unique_gt 
_reflns_shell.percent_possible_gt 
_reflns_shell.Rmerge_F_gt 
_reflns_shell.Rmerge_I_gt 
_reflns_shell.pdbx_redundancy 
_reflns_shell.pdbx_Rsym_value 
_reflns_shell.pdbx_chi_squared 
_reflns_shell.pdbx_netI_over_sigmaI_all 
_reflns_shell.pdbx_netI_over_sigmaI_obs 
_reflns_shell.pdbx_Rrim_I_all 
_reflns_shell.pdbx_Rpim_I_all 
_reflns_shell.pdbx_rejects 
_reflns_shell.pdbx_ordinal 
_reflns_shell.pdbx_diffrn_id 
_reflns_shell.pdbx_CC_half 
_reflns_shell.pdbx_CC_star 
_reflns_shell.pdbx_R_split 
_reflns_shell.pdbx_percent_possible_ellipsoidal 
_reflns_shell.pdbx_percent_possible_spherical 
_reflns_shell.pdbx_percent_possible_ellipsoidal_anomalous 
_reflns_shell.pdbx_percent_possible_spherical_anomalous 
_reflns_shell.pdbx_redundancy_anomalous 
_reflns_shell.pdbx_CC_half_anomalous 
_reflns_shell.pdbx_absDiff_over_sigma_anomalous 
_reflns_shell.pdbx_percent_possible_anomalous 
8.97 48.57 ? ? ? ? ? ? 269  ? ? ? ? ? 0.027 ? ? ? ? ? ? ? ? 28.0 ? ? ? ? 0.028  0.006 ? 1 1 1.000 ? ? ? ? ? ? ? ? ? ? 
1.76 1.79  ? ? ? ? ? ? 1441 ? ? ? ? ? ?     ? ? ? ? ? ? ? ? 40.4 ? ? ? ? 10.637 2.295 ? 2 1 0.327 ? ? ? ? ? ? ? ? ? ? 
# 
_refine.aniso_B[1][1]                            -0.419 
_refine.aniso_B[1][2]                            -0.209 
_refine.aniso_B[1][3]                            -0.000 
_refine.aniso_B[2][2]                            -0.419 
_refine.aniso_B[2][3]                            -0.000 
_refine.aniso_B[3][3]                            1.359 
_refine.B_iso_max                                ? 
_refine.B_iso_mean                               42.310 
_refine.B_iso_min                                ? 
_refine.correlation_coeff_Fo_to_Fc               0.965 
_refine.correlation_coeff_Fo_to_Fc_free          0.955 
_refine.details                                  'Hydrogens have been added in their riding positions' 
_refine.diff_density_max                         ? 
_refine.diff_density_max_esd                     ? 
_refine.diff_density_min                         ? 
_refine.diff_density_min_esd                     ? 
_refine.diff_density_rms                         ? 
_refine.diff_density_rms_esd                     ? 
_refine.entry_id                                 7Z9U 
_refine.pdbx_refine_id                           'X-RAY DIFFRACTION' 
_refine.ls_abs_structure_details                 ? 
_refine.ls_abs_structure_Flack                   ? 
_refine.ls_abs_structure_Flack_esd               ? 
_refine.ls_abs_structure_Rogers                  ? 
_refine.ls_abs_structure_Rogers_esd              ? 
_refine.ls_d_res_high                            1.760 
_refine.ls_d_res_low                             48.57 
_refine.ls_extinction_coef                       ? 
_refine.ls_extinction_coef_esd                   ? 
_refine.ls_extinction_expression                 ? 
_refine.ls_extinction_method                     ? 
_refine.ls_goodness_of_fit_all                   ? 
_refine.ls_goodness_of_fit_all_esd               ? 
_refine.ls_goodness_of_fit_obs                   ? 
_refine.ls_goodness_of_fit_obs_esd               ? 
_refine.ls_hydrogen_treatment                    ? 
_refine.ls_matrix_type                           ? 
_refine.ls_number_constraints                    ? 
_refine.ls_number_parameters                     ? 
_refine.ls_number_reflns_all                     ? 
_refine.ls_number_reflns_obs                     25962 
_refine.ls_number_reflns_R_free                  1345 
_refine.ls_number_reflns_R_work                  24617 
_refine.ls_number_restraints                     ? 
_refine.ls_percent_reflns_obs                    99.958 
_refine.ls_percent_reflns_R_free                 5.181 
_refine.ls_R_factor_all                          0.206 
_refine.ls_R_factor_obs                          ? 
_refine.ls_R_factor_R_free                       0.2271 
_refine.ls_R_factor_R_free_error                 ? 
_refine.ls_R_factor_R_free_error_details         ? 
_refine.ls_R_factor_R_work                       0.2047 
_refine.ls_R_Fsqd_factor_obs                     ? 
_refine.ls_R_I_factor_obs                        ? 
_refine.ls_redundancy_reflns_all                 ? 
_refine.ls_redundancy_reflns_obs                 ? 
_refine.ls_restrained_S_all                      ? 
_refine.ls_restrained_S_obs                      ? 
_refine.ls_shift_over_esd_max                    ? 
_refine.ls_shift_over_esd_mean                   ? 
_refine.ls_structure_factor_coef                 ? 
_refine.ls_weighting_details                     ? 
_refine.ls_weighting_scheme                      ? 
_refine.ls_wR_factor_all                         ? 
_refine.ls_wR_factor_obs                         ? 
_refine.ls_wR_factor_R_free                      ? 
_refine.ls_wR_factor_R_work                      ? 
_refine.occupancy_max                            ? 
_refine.occupancy_min                            ? 
_refine.solvent_model_details                    'MASK BULK SOLVENT' 
_refine.solvent_model_param_bsol                 ? 
_refine.solvent_model_param_ksol                 ? 
_refine.pdbx_R_complete                          ? 
_refine.ls_R_factor_gt                           ? 
_refine.ls_goodness_of_fit_gt                    ? 
_refine.ls_goodness_of_fit_ref                   ? 
_refine.ls_shift_over_su_max                     ? 
_refine.ls_shift_over_su_max_lt                  ? 
_refine.ls_shift_over_su_mean                    ? 
_refine.ls_shift_over_su_mean_lt                 ? 
_refine.pdbx_ls_sigma_I                          ? 
_refine.pdbx_ls_sigma_F                          ? 
_refine.pdbx_ls_sigma_Fsqd                       ? 
_refine.pdbx_data_cutoff_high_absF               ? 
_refine.pdbx_data_cutoff_high_rms_absF           ? 
_refine.pdbx_data_cutoff_low_absF                ? 
_refine.pdbx_isotropic_thermal_model             ? 
_refine.pdbx_ls_cross_valid_method               'FREE R-VALUE' 
_refine.pdbx_method_to_determine_struct          'MOLECULAR REPLACEMENT' 
_refine.pdbx_starting_model                      3DAI 
_refine.pdbx_stereochemistry_target_values       ? 
_refine.pdbx_R_Free_selection_details            ? 
_refine.pdbx_stereochem_target_val_spec_case     ? 
_refine.pdbx_overall_ESU_R                       0.095 
_refine.pdbx_overall_ESU_R_Free                  0.093 
_refine.pdbx_solvent_vdw_probe_radii             1.200 
_refine.pdbx_solvent_ion_probe_radii             0.800 
_refine.pdbx_solvent_shrinkage_radii             0.800 
_refine.pdbx_real_space_R                        ? 
_refine.pdbx_density_correlation                 ? 
_refine.pdbx_pd_number_of_powder_patterns        ? 
_refine.pdbx_pd_number_of_points                 ? 
_refine.pdbx_pd_meas_number_of_points            ? 
_refine.pdbx_pd_proc_ls_prof_R_factor            ? 
_refine.pdbx_pd_proc_ls_prof_wR_factor           ? 
_refine.pdbx_pd_Marquardt_correlation_coeff      ? 
_refine.pdbx_pd_Fsqrd_R_factor                   ? 
_refine.pdbx_pd_ls_matrix_band_width             ? 
_refine.pdbx_overall_phase_error                 ? 
_refine.pdbx_overall_SU_R_free_Cruickshank_DPI   ? 
_refine.pdbx_overall_SU_R_free_Blow_DPI          ? 
_refine.pdbx_overall_SU_R_Blow_DPI               ? 
_refine.pdbx_TLS_residual_ADP_flag               ? 
_refine.pdbx_diffrn_id                           1 
_refine.overall_SU_B                             2.600 
_refine.overall_SU_ML                            0.078 
_refine.overall_SU_R_Cruickshank_DPI             ? 
_refine.overall_SU_R_free                        ? 
_refine.overall_FOM_free_R_set                   ? 
_refine.overall_FOM_work_R_set                   ? 
_refine.pdbx_average_fsc_overall                 ? 
_refine.pdbx_average_fsc_work                    ? 
_refine.pdbx_average_fsc_free                    ? 
# 
_refine_hist.pdbx_refine_id                   'X-RAY DIFFRACTION' 
_refine_hist.cycle_id                         LAST 
_refine_hist.details                          ? 
_refine_hist.d_res_high                       1.760 
_refine_hist.d_res_low                        48.57 
_refine_hist.number_atoms_solvent             113 
_refine_hist.number_atoms_total               1257 
_refine_hist.number_reflns_all                ? 
_refine_hist.number_reflns_obs                ? 
_refine_hist.number_reflns_R_free             ? 
_refine_hist.number_reflns_R_work             ? 
_refine_hist.R_factor_all                     ? 
_refine_hist.R_factor_obs                     ? 
_refine_hist.R_factor_R_free                  ? 
_refine_hist.R_factor_R_work                  ? 
_refine_hist.pdbx_number_residues_total       ? 
_refine_hist.pdbx_B_iso_mean_ligand           ? 
_refine_hist.pdbx_B_iso_mean_solvent          ? 
_refine_hist.pdbx_number_atoms_protein        1084 
_refine_hist.pdbx_number_atoms_nucleic_acid   0 
_refine_hist.pdbx_number_atoms_ligand         60 
_refine_hist.pdbx_number_atoms_lipid          ? 
_refine_hist.pdbx_number_atoms_carb           ? 
_refine_hist.pdbx_pseudo_atom_details         ? 
# 
loop_
_refine_ls_restr.pdbx_refine_id 
_refine_ls_restr.criterion 
_refine_ls_restr.dev_ideal 
_refine_ls_restr.dev_ideal_target 
_refine_ls_restr.number 
_refine_ls_restr.rejects 
_refine_ls_restr.type 
_refine_ls_restr.weight 
_refine_ls_restr.pdbx_restraint_function 
'X-RAY DIFFRACTION' ? 0.013  0.012  1195 ? r_bond_refined_d               ? ? 
'X-RAY DIFFRACTION' ? 2.046  1.666  1606 ? r_angle_refined_deg            ? ? 
'X-RAY DIFFRACTION' ? 5.510  5.000  136  ? r_dihedral_angle_1_deg         ? ? 
'X-RAY DIFFRACTION' ? 31.459 20.119 84   ? r_dihedral_angle_2_deg         ? ? 
'X-RAY DIFFRACTION' ? 15.665 15.000 221  ? r_dihedral_angle_3_deg         ? ? 
'X-RAY DIFFRACTION' ? 16.635 15.000 16   ? r_dihedral_angle_4_deg         ? ? 
'X-RAY DIFFRACTION' ? 0.135  0.200  152  ? r_chiral_restr                 ? ? 
'X-RAY DIFFRACTION' ? 0.011  0.020  933  ? r_gen_planes_refined           ? ? 
'X-RAY DIFFRACTION' ? 0.228  0.200  588  ? r_nbd_refined                  ? ? 
'X-RAY DIFFRACTION' ? 0.322  0.200  793  ? r_nbtor_refined                ? ? 
'X-RAY DIFFRACTION' ? 0.194  0.200  98   ? r_xyhbond_nbd_refined          ? ? 
'X-RAY DIFFRACTION' ? 0.160  0.200  31   ? r_symmetry_nbd_refined         ? ? 
'X-RAY DIFFRACTION' ? 0.475  0.200  13   ? r_symmetry_xyhbond_nbd_refined ? ? 
'X-RAY DIFFRACTION' ? 4.142  3.667  541  ? r_mcbond_it                    ? ? 
'X-RAY DIFFRACTION' ? 5.477  5.440  678  ? r_mcangle_it                   ? ? 
'X-RAY DIFFRACTION' ? 6.640  4.432  654  ? r_scbond_it                    ? ? 
'X-RAY DIFFRACTION' ? 9.461  6.366  928  ? r_scangle_it                   ? ? 
'X-RAY DIFFRACTION' ? 11.515 51.777 1865 ? r_lrange_it                    ? ? 
# 
loop_
_refine_ls_shell.pdbx_refine_id 
_refine_ls_shell.d_res_high 
_refine_ls_shell.d_res_low 
_refine_ls_shell.number_reflns_all 
_refine_ls_shell.number_reflns_obs 
_refine_ls_shell.number_reflns_R_free 
_refine_ls_shell.number_reflns_R_work 
_refine_ls_shell.percent_reflns_obs 
_refine_ls_shell.percent_reflns_R_free 
_refine_ls_shell.R_factor_all 
_refine_ls_shell.R_factor_obs 
_refine_ls_shell.R_factor_R_free 
_refine_ls_shell.R_factor_R_free_error 
_refine_ls_shell.R_factor_R_work 
_refine_ls_shell.redundancy_reflns_all 
_refine_ls_shell.redundancy_reflns_obs 
_refine_ls_shell.wR_factor_all 
_refine_ls_shell.wR_factor_obs 
_refine_ls_shell.wR_factor_R_free 
_refine_ls_shell.wR_factor_R_work 
_refine_ls_shell.pdbx_R_complete 
_refine_ls_shell.pdbx_total_number_of_bins_used 
_refine_ls_shell.pdbx_phase_error 
_refine_ls_shell.pdbx_fsc_work 
_refine_ls_shell.pdbx_fsc_free 
'X-RAY DIFFRACTION' 1.760 1.806 . . 102 1762 99.9464  . . . 0.336 . 0.348 . . . . . . . . . . . 
'X-RAY DIFFRACTION' 1.806 1.855 . . 83  1745 100.0000 . . . 0.316 . 0.323 . . . . . . . . . . . 
'X-RAY DIFFRACTION' 1.855 1.909 . . 91  1677 100.0000 . . . 0.345 . 0.312 . . . . . . . . . . . 
'X-RAY DIFFRACTION' 1.909 1.968 . . 91  1650 100.0000 . . . 0.280 . 0.277 . . . . . . . . . . . 
'X-RAY DIFFRACTION' 1.968 2.032 . . 97  1589 100.0000 . . . 0.256 . 0.242 . . . . . . . . . . . 
'X-RAY DIFFRACTION' 2.032 2.104 . . 64  1555 100.0000 . . . 0.265 . 0.217 . . . . . . . . . . . 
'X-RAY DIFFRACTION' 2.104 2.183 . . 75  1513 100.0000 . . . 0.241 . 0.213 . . . . . . . . . . . 
'X-RAY DIFFRACTION' 2.183 2.272 . . 77  1439 100.0000 . . . 0.248 . 0.200 . . . . . . . . . . . 
'X-RAY DIFFRACTION' 2.272 2.373 . . 82  1382 100.0000 . . . 0.237 . 0.206 . . . . . . . . . . . 
'X-RAY DIFFRACTION' 2.373 2.489 . . 73  1334 100.0000 . . . 0.239 . 0.205 . . . . . . . . . . . 
'X-RAY DIFFRACTION' 2.489 2.623 . . 74  1257 100.0000 . . . 0.267 . 0.204 . . . . . . . . . . . 
'X-RAY DIFFRACTION' 2.623 2.782 . . 68  1202 100.0000 . . . 0.249 . 0.204 . . . . . . . . . . . 
'X-RAY DIFFRACTION' 2.782 2.974 . . 60  1140 100.0000 . . . 0.301 . 0.217 . . . . . . . . . . . 
'X-RAY DIFFRACTION' 2.974 3.213 . . 62  1062 100.0000 . . . 0.222 . 0.199 . . . . . . . . . . . 
'X-RAY DIFFRACTION' 3.213 3.519 . . 47  1004 100.0000 . . . 0.180 . 0.193 . . . . . . . . . . . 
'X-RAY DIFFRACTION' 3.519 3.934 . . 56  899  100.0000 . . . 0.178 . 0.174 . . . . . . . . . . . 
'X-RAY DIFFRACTION' 3.934 4.542 . . 52  803  100.0000 . . . 0.191 . 0.173 . . . . . . . . . . . 
'X-RAY DIFFRACTION' 4.542 5.561 . . 45  687  100.0000 . . . 0.203 . 0.178 . . . . . . . . . . . 
'X-RAY DIFFRACTION' 5.561 7.859 . . 30  569  100.0000 . . . 0.219 . 0.220 . . . . . . . . . . . 
'X-RAY DIFFRACTION' 7.859 48.57 . . 16  348  99.4536  . . . 0.250 . 0.194 . . . . . . . . . . . 
# 
_struct.entry_id                     7Z9U 
_struct.title                        'ATAD2 in complex with Acetyl-Lys' 
_struct.pdbx_model_details           ? 
_struct.pdbx_formula_weight          ? 
_struct.pdbx_formula_weight_method   ? 
_struct.pdbx_model_type_details      ? 
_struct.pdbx_CASP_flag               N 
# 
_struct_keywords.entry_id        7Z9U 
_struct_keywords.text            'ATAD2, INHIBITOR, FRAGMENT, BROMODOMAIN, FRAGLITE, TRANSCRIPTION' 
_struct_keywords.pdbx_keywords   TRANSCRIPTION 
# 
loop_
_struct_asym.id 
_struct_asym.pdbx_blank_PDB_chainid_flag 
_struct_asym.pdbx_modified 
_struct_asym.entity_id 
_struct_asym.details 
A N N 1 ? 
B N N 2 ? 
C N N 3 ? 
D N N 4 ? 
E N N 5 ? 
F N N 5 ? 
G N N 5 ? 
H N N 5 ? 
I N N 5 ? 
J N N 3 ? 
K N N 6 ? 
L N N 7 ? 
# 
_struct_ref.id                         1 
_struct_ref.db_name                    UNP 
_struct_ref.db_code                    ATAD2_HUMAN 
_struct_ref.pdbx_db_accession          Q6PL18 
_struct_ref.pdbx_db_isoform            ? 
_struct_ref.entity_id                  1 
_struct_ref.pdbx_seq_one_letter_code   
;QEEDTFRELRIFLRNVTHRLAIDKRFRVFTKPVDPDEVPDYVTVIKQPMDLSSVISKIDLHKYLTVKDYLRDIDLICSNA
LEYNPDRDPGDRLIRHRACALRDTAYAIIKEELDEDFEQLCEEIQESR
;
_struct_ref.pdbx_align_begin           981 
# 
_struct_ref_seq.align_id                      1 
_struct_ref_seq.ref_id                        1 
_struct_ref_seq.pdbx_PDB_id_code              7Z9U 
_struct_ref_seq.pdbx_strand_id                AAA 
_struct_ref_seq.seq_align_beg                 3 
_struct_ref_seq.pdbx_seq_align_beg_ins_code   ? 
_struct_ref_seq.seq_align_end                 130 
_struct_ref_seq.pdbx_seq_align_end_ins_code   ? 
_struct_ref_seq.pdbx_db_accession             Q6PL18 
_struct_ref_seq.db_align_beg                  981 
_struct_ref_seq.pdbx_db_align_beg_ins_code    ? 
_struct_ref_seq.db_align_end                  1108 
_struct_ref_seq.pdbx_db_align_end_ins_code    ? 
_struct_ref_seq.pdbx_auth_seq_align_beg       981 
_struct_ref_seq.pdbx_auth_seq_align_end       1108 
# 
loop_
_struct_ref_seq_dif.align_id 
_struct_ref_seq_dif.pdbx_pdb_id_code 
_struct_ref_seq_dif.mon_id 
_struct_ref_seq_dif.pdbx_pdb_strand_id 
_struct_ref_seq_dif.seq_num 
_struct_ref_seq_dif.pdbx_pdb_ins_code 
_struct_ref_seq_dif.pdbx_seq_db_name 
_struct_ref_seq_dif.pdbx_seq_db_accession_code 
_struct_ref_seq_dif.db_mon_id 
_struct_ref_seq_dif.pdbx_seq_db_seq_num 
_struct_ref_seq_dif.details 
_struct_ref_seq_dif.pdbx_auth_seq_num 
_struct_ref_seq_dif.pdbx_ordinal 
1 7Z9U SER AAA 1 ? UNP Q6PL18 ? ? 'expression tag' 979 1 
1 7Z9U MET AAA 2 ? UNP Q6PL18 ? ? 'expression tag' 980 2 
# 
_pdbx_struct_assembly.id                   1 
_pdbx_struct_assembly.details              author_defined_assembly 
_pdbx_struct_assembly.method_details       ? 
_pdbx_struct_assembly.oligomeric_details   monomeric 
_pdbx_struct_assembly.oligomeric_count     1 
# 
loop_
_pdbx_struct_assembly_prop.biol_id 
_pdbx_struct_assembly_prop.type 
_pdbx_struct_assembly_prop.value 
_pdbx_struct_assembly_prop.details 
1 'ABSA (A^2)' 1260 ? 
1 MORE         -7   ? 
1 'SSA (A^2)'  8460 ? 
# 
_pdbx_struct_assembly_gen.assembly_id       1 
_pdbx_struct_assembly_gen.oper_expression   1 
_pdbx_struct_assembly_gen.asym_id_list      A,B,C,D,E,F,G,H,I,J,K,L 
# 
_pdbx_struct_assembly_auth_evidence.id                     1 
_pdbx_struct_assembly_auth_evidence.assembly_id            1 
_pdbx_struct_assembly_auth_evidence.experimental_support   'gel filtration' 
_pdbx_struct_assembly_auth_evidence.details                ? 
# 
_pdbx_struct_oper_list.id                   1 
_pdbx_struct_oper_list.type                 'identity operation' 
_pdbx_struct_oper_list.name                 1_555 
_pdbx_struct_oper_list.symmetry_operation   x,y,z 
_pdbx_struct_oper_list.matrix[1][1]         1.0000000000 
_pdbx_struct_oper_list.matrix[1][2]         0.0000000000 
_pdbx_struct_oper_list.matrix[1][3]         0.0000000000 
_pdbx_struct_oper_list.vector[1]            0.0000000000 
_pdbx_struct_oper_list.matrix[2][1]         0.0000000000 
_pdbx_struct_oper_list.matrix[2][2]         1.0000000000 
_pdbx_struct_oper_list.matrix[2][3]         0.0000000000 
_pdbx_struct_oper_list.vector[2]            0.0000000000 
_pdbx_struct_oper_list.matrix[3][1]         0.0000000000 
_pdbx_struct_oper_list.matrix[3][2]         0.0000000000 
_pdbx_struct_oper_list.matrix[3][3]         1.0000000000 
_pdbx_struct_oper_list.vector[3]            0.0000000000 
# 
loop_
_struct_conf.conf_type_id 
_struct_conf.id 
_struct_conf.pdbx_PDB_helix_id 
_struct_conf.beg_label_comp_id 
_struct_conf.beg_label_asym_id 
_struct_conf.beg_label_seq_id 
_struct_conf.pdbx_beg_PDB_ins_code 
_struct_conf.end_label_comp_id 
_struct_conf.end_label_asym_id 
_struct_conf.end_label_seq_id 
_struct_conf.pdbx_end_PDB_ins_code 
_struct_conf.beg_auth_comp_id 
_struct_conf.beg_auth_asym_id 
_struct_conf.beg_auth_seq_id 
_struct_conf.end_auth_comp_id 
_struct_conf.end_auth_asym_id 
_struct_conf.end_auth_seq_id 
_struct_conf.pdbx_PDB_helix_class 
_struct_conf.details 
_struct_conf.pdbx_PDB_helix_length 
HELX_P HELX_P1 AA1 SER A 1   ? ILE A 24  ? SER AAA 979  ILE AAA 1002 1 ? 24 
HELX_P HELX_P2 AA2 ASP A 25  ? THR A 32  ? ASP AAA 1003 THR AAA 1010 5 ? 8  
HELX_P HELX_P3 AA3 ASP A 42  ? ILE A 47  ? ASP AAA 1020 ILE AAA 1025 1 ? 6  
HELX_P HELX_P4 AA4 ASP A 52  ? LEU A 62  ? ASP AAA 1030 LEU AAA 1040 1 ? 11 
HELX_P HELX_P5 AA5 THR A 67  ? ASN A 86  ? THR AAA 1045 ASN AAA 1064 1 ? 20 
HELX_P HELX_P6 AA6 ASP A 90  ? LEU A 115 ? ASP AAA 1068 LEU AAA 1093 1 ? 26 
HELX_P HELX_P7 AA7 ASP A 116 ? SER A 129 ? ASP AAA 1094 SER AAA 1107 1 ? 14 
# 
_struct_conf_type.id          HELX_P 
_struct_conf_type.criteria    ? 
_struct_conf_type.reference   ? 
# 
_struct_conn.id                            disulf1 
_struct_conn.conn_type_id                  disulf 
_struct_conn.pdbx_leaving_atom_flag        ? 
_struct_conn.pdbx_PDB_id                   ? 
_struct_conn.ptnr1_label_asym_id           A 
_struct_conn.ptnr1_label_comp_id           CYS 
_struct_conn.ptnr1_label_seq_id            79 
_struct_conn.ptnr1_label_atom_id           SG 
_struct_conn.pdbx_ptnr1_label_alt_id       ? 
_struct_conn.pdbx_ptnr1_PDB_ins_code       ? 
_struct_conn.pdbx_ptnr1_standard_comp_id   ? 
_struct_conn.ptnr1_symmetry                1_555 
_struct_conn.ptnr2_label_asym_id           A 
_struct_conn.ptnr2_label_comp_id           CYS 
_struct_conn.ptnr2_label_seq_id            101 
_struct_conn.ptnr2_label_atom_id           SG 
_struct_conn.pdbx_ptnr2_label_alt_id       ? 
_struct_conn.pdbx_ptnr2_PDB_ins_code       ? 
_struct_conn.ptnr1_auth_asym_id            AAA 
_struct_conn.ptnr1_auth_comp_id            CYS 
_struct_conn.ptnr1_auth_seq_id             1057 
_struct_conn.ptnr2_auth_asym_id            AAA 
_struct_conn.ptnr2_auth_comp_id            CYS 
_struct_conn.ptnr2_auth_seq_id             1079 
_struct_conn.ptnr2_symmetry                1_555 
_struct_conn.pdbx_ptnr3_label_atom_id      ? 
_struct_conn.pdbx_ptnr3_label_seq_id       ? 
_struct_conn.pdbx_ptnr3_label_comp_id      ? 
_struct_conn.pdbx_ptnr3_label_asym_id      ? 
_struct_conn.pdbx_ptnr3_label_alt_id       ? 
_struct_conn.pdbx_ptnr3_PDB_ins_code       ? 
_struct_conn.details                       ? 
_struct_conn.pdbx_dist_value               2.140 
_struct_conn.pdbx_value_order              ? 
_struct_conn.pdbx_role                     ? 
# 
_struct_conn_type.id          disulf 
_struct_conn_type.criteria    ? 
_struct_conn_type.reference   ? 
# 
_pdbx_modification_feature.ordinal                            1 
_pdbx_modification_feature.label_comp_id                      CYS 
_pdbx_modification_feature.label_asym_id                      A 
_pdbx_modification_feature.label_seq_id                       79 
_pdbx_modification_feature.label_alt_id                       ? 
_pdbx_modification_feature.modified_residue_label_comp_id     CYS 
_pdbx_modification_feature.modified_residue_label_asym_id     A 
_pdbx_modification_feature.modified_residue_label_seq_id      101 
_pdbx_modification_feature.modified_residue_label_alt_id      ? 
_pdbx_modification_feature.auth_comp_id                       CYS 
_pdbx_modification_feature.auth_asym_id                       AAA 
_pdbx_modification_feature.auth_seq_id                        1057 
_pdbx_modification_feature.PDB_ins_code                       ? 
_pdbx_modification_feature.symmetry                           1_555 
_pdbx_modification_feature.modified_residue_auth_comp_id      CYS 
_pdbx_modification_feature.modified_residue_auth_asym_id      AAA 
_pdbx_modification_feature.modified_residue_auth_seq_id       1079 
_pdbx_modification_feature.modified_residue_PDB_ins_code      ? 
_pdbx_modification_feature.modified_residue_symmetry          1_555 
_pdbx_modification_feature.comp_id_linking_atom               SG 
_pdbx_modification_feature.modified_residue_id_linking_atom   SG 
_pdbx_modification_feature.modified_residue_id                . 
_pdbx_modification_feature.ref_pcm_id                         . 
_pdbx_modification_feature.ref_comp_id                        . 
_pdbx_modification_feature.type                               None 
_pdbx_modification_feature.category                           'Disulfide bridge' 
# 
_pdbx_entry_details.entry_id                   7Z9U 
_pdbx_entry_details.has_ligand_of_interest     Y 
_pdbx_entry_details.compound_details           ? 
_pdbx_entry_details.source_details             ? 
_pdbx_entry_details.nonpolymer_details         ? 
_pdbx_entry_details.sequence_details           ? 
_pdbx_entry_details.has_protein_modification   Y 
# 
_pdbx_validate_symm_contact.id                1 
_pdbx_validate_symm_contact.PDB_model_num     1 
_pdbx_validate_symm_contact.auth_atom_id_1    O 
_pdbx_validate_symm_contact.auth_asym_id_1    AAA 
_pdbx_validate_symm_contact.auth_comp_id_1    HOH 
_pdbx_validate_symm_contact.auth_seq_id_1     1305 
_pdbx_validate_symm_contact.PDB_ins_code_1    ? 
_pdbx_validate_symm_contact.label_alt_id_1    ? 
_pdbx_validate_symm_contact.site_symmetry_1   1_555 
_pdbx_validate_symm_contact.auth_atom_id_2    O 
_pdbx_validate_symm_contact.auth_asym_id_2    AAA 
_pdbx_validate_symm_contact.auth_comp_id_2    HOH 
_pdbx_validate_symm_contact.auth_seq_id_2     1306 
_pdbx_validate_symm_contact.PDB_ins_code_2    ? 
_pdbx_validate_symm_contact.label_alt_id_2    ? 
_pdbx_validate_symm_contact.site_symmetry_2   8_565 
_pdbx_validate_symm_contact.dist              1.15 
# 
loop_
_pdbx_validate_rmsd_angle.id 
_pdbx_validate_rmsd_angle.PDB_model_num 
_pdbx_validate_rmsd_angle.auth_atom_id_1 
_pdbx_validate_rmsd_angle.auth_asym_id_1 
_pdbx_validate_rmsd_angle.auth_comp_id_1 
_pdbx_validate_rmsd_angle.auth_seq_id_1 
_pdbx_validate_rmsd_angle.PDB_ins_code_1 
_pdbx_validate_rmsd_angle.label_alt_id_1 
_pdbx_validate_rmsd_angle.auth_atom_id_2 
_pdbx_validate_rmsd_angle.auth_asym_id_2 
_pdbx_validate_rmsd_angle.auth_comp_id_2 
_pdbx_validate_rmsd_angle.auth_seq_id_2 
_pdbx_validate_rmsd_angle.PDB_ins_code_2 
_pdbx_validate_rmsd_angle.label_alt_id_2 
_pdbx_validate_rmsd_angle.auth_atom_id_3 
_pdbx_validate_rmsd_angle.auth_asym_id_3 
_pdbx_validate_rmsd_angle.auth_comp_id_3 
_pdbx_validate_rmsd_angle.auth_seq_id_3 
_pdbx_validate_rmsd_angle.PDB_ins_code_3 
_pdbx_validate_rmsd_angle.label_alt_id_3 
_pdbx_validate_rmsd_angle.angle_value 
_pdbx_validate_rmsd_angle.angle_target_value 
_pdbx_validate_rmsd_angle.angle_deviation 
_pdbx_validate_rmsd_angle.angle_standard_deviation 
_pdbx_validate_rmsd_angle.linker_flag 
1 1 CG AAA ARG 1075 ? ? CD AAA ARG 1075 ? ? NE AAA ARG 1075 ? ? 124.57 111.80 12.77 2.10 N 
2 1 CB AAA CYS 1079 ? ? CA AAA CYS 1079 ? ? C  AAA CYS 1079 ? ? 120.01 111.50 8.51  1.20 N 
# 
_pdbx_validate_torsion.id              1 
_pdbx_validate_torsion.PDB_model_num   1 
_pdbx_validate_torsion.auth_comp_id    ASP 
_pdbx_validate_torsion.auth_asym_id    AAA 
_pdbx_validate_torsion.auth_seq_id     1016 
_pdbx_validate_torsion.PDB_ins_code    ? 
_pdbx_validate_torsion.label_alt_id    ? 
_pdbx_validate_torsion.phi             -68.25 
_pdbx_validate_torsion.psi             -78.41 
# 
loop_
_chem_comp_atom.comp_id 
_chem_comp_atom.atom_id 
_chem_comp_atom.type_symbol 
_chem_comp_atom.pdbx_aromatic_flag 
_chem_comp_atom.pdbx_stereo_config 
_chem_comp_atom.pdbx_ordinal 
8WS C1   C  N N 1   
8WS N1   N  N N 2   
8WS O1   O  N N 3   
8WS C01  C  N N 4   
8WS N01  N  N N 5   
8WS O01  O  N N 6   
8WS C02  C  N N 7   
8WS N02  N  N N 8   
8WS O02  O  N N 9   
8WS C03  C  N S 10  
8WS C04  C  N N 11  
8WS C05  C  N N 12  
8WS C06  C  N N 13  
8WS C07  C  N N 14  
8WS C08  C  N N 15  
8WS C09  C  N N 16  
8WS C10  C  N N 17  
8WS H1   H  N N 18  
8WS H1A  H  N N 19  
8WS H1B  H  N N 20  
8WS HN1  H  N N 21  
8WS H01  H  N N 22  
8WS H01A H  N N 23  
8WS H01B H  N N 24  
8WS HN01 H  N N 25  
8WS HN02 H  N N 26  
8WS H03  H  N N 27  
8WS H04  H  N N 28  
8WS H04A H  N N 29  
8WS H05  H  N N 30  
8WS H05A H  N N 31  
8WS H06  H  N N 32  
8WS H06A H  N N 33  
8WS H07  H  N N 34  
8WS H07A H  N N 35  
8WS H09  H  N N 36  
8WS H09A H  N N 37  
8WS H09B H  N N 38  
ALA N    N  N N 39  
ALA CA   C  N S 40  
ALA C    C  N N 41  
ALA O    O  N N 42  
ALA CB   C  N N 43  
ALA OXT  O  N N 44  
ALA H    H  N N 45  
ALA H2   H  N N 46  
ALA HA   H  N N 47  
ALA HB1  H  N N 48  
ALA HB2  H  N N 49  
ALA HB3  H  N N 50  
ALA HXT  H  N N 51  
ARG N    N  N N 52  
ARG CA   C  N S 53  
ARG C    C  N N 54  
ARG O    O  N N 55  
ARG CB   C  N N 56  
ARG CG   C  N N 57  
ARG CD   C  N N 58  
ARG NE   N  N N 59  
ARG CZ   C  N N 60  
ARG NH1  N  N N 61  
ARG NH2  N  N N 62  
ARG OXT  O  N N 63  
ARG H    H  N N 64  
ARG H2   H  N N 65  
ARG HA   H  N N 66  
ARG HB2  H  N N 67  
ARG HB3  H  N N 68  
ARG HG2  H  N N 69  
ARG HG3  H  N N 70  
ARG HD2  H  N N 71  
ARG HD3  H  N N 72  
ARG HE   H  N N 73  
ARG HH11 H  N N 74  
ARG HH12 H  N N 75  
ARG HH21 H  N N 76  
ARG HH22 H  N N 77  
ARG HXT  H  N N 78  
ASN N    N  N N 79  
ASN CA   C  N S 80  
ASN C    C  N N 81  
ASN O    O  N N 82  
ASN CB   C  N N 83  
ASN CG   C  N N 84  
ASN OD1  O  N N 85  
ASN ND2  N  N N 86  
ASN OXT  O  N N 87  
ASN H    H  N N 88  
ASN H2   H  N N 89  
ASN HA   H  N N 90  
ASN HB2  H  N N 91  
ASN HB3  H  N N 92  
ASN HD21 H  N N 93  
ASN HD22 H  N N 94  
ASN HXT  H  N N 95  
ASP N    N  N N 96  
ASP CA   C  N S 97  
ASP C    C  N N 98  
ASP O    O  N N 99  
ASP CB   C  N N 100 
ASP CG   C  N N 101 
ASP OD1  O  N N 102 
ASP OD2  O  N N 103 
ASP OXT  O  N N 104 
ASP H    H  N N 105 
ASP H2   H  N N 106 
ASP HA   H  N N 107 
ASP HB2  H  N N 108 
ASP HB3  H  N N 109 
ASP HD2  H  N N 110 
ASP HXT  H  N N 111 
CL  CL   CL N N 112 
CYS N    N  N N 113 
CYS CA   C  N R 114 
CYS C    C  N N 115 
CYS O    O  N N 116 
CYS CB   C  N N 117 
CYS SG   S  N N 118 
CYS OXT  O  N N 119 
CYS H    H  N N 120 
CYS H2   H  N N 121 
CYS HA   H  N N 122 
CYS HB2  H  N N 123 
CYS HB3  H  N N 124 
CYS HG   H  N N 125 
CYS HXT  H  N N 126 
EDO C1   C  N N 127 
EDO O1   O  N N 128 
EDO C2   C  N N 129 
EDO O2   O  N N 130 
EDO H11  H  N N 131 
EDO H12  H  N N 132 
EDO HO1  H  N N 133 
EDO H21  H  N N 134 
EDO H22  H  N N 135 
EDO HO2  H  N N 136 
GLN N    N  N N 137 
GLN CA   C  N S 138 
GLN C    C  N N 139 
GLN O    O  N N 140 
GLN CB   C  N N 141 
GLN CG   C  N N 142 
GLN CD   C  N N 143 
GLN OE1  O  N N 144 
GLN NE2  N  N N 145 
GLN OXT  O  N N 146 
GLN H    H  N N 147 
GLN H2   H  N N 148 
GLN HA   H  N N 149 
GLN HB2  H  N N 150 
GLN HB3  H  N N 151 
GLN HG2  H  N N 152 
GLN HG3  H  N N 153 
GLN HE21 H  N N 154 
GLN HE22 H  N N 155 
GLN HXT  H  N N 156 
GLU N    N  N N 157 
GLU CA   C  N S 158 
GLU C    C  N N 159 
GLU O    O  N N 160 
GLU CB   C  N N 161 
GLU CG   C  N N 162 
GLU CD   C  N N 163 
GLU OE1  O  N N 164 
GLU OE2  O  N N 165 
GLU OXT  O  N N 166 
GLU H    H  N N 167 
GLU H2   H  N N 168 
GLU HA   H  N N 169 
GLU HB2  H  N N 170 
GLU HB3  H  N N 171 
GLU HG2  H  N N 172 
GLU HG3  H  N N 173 
GLU HE2  H  N N 174 
GLU HXT  H  N N 175 
GLY N    N  N N 176 
GLY CA   C  N N 177 
GLY C    C  N N 178 
GLY O    O  N N 179 
GLY OXT  O  N N 180 
GLY H    H  N N 181 
GLY H2   H  N N 182 
GLY HA2  H  N N 183 
GLY HA3  H  N N 184 
GLY HXT  H  N N 185 
HIS N    N  N N 186 
HIS CA   C  N S 187 
HIS C    C  N N 188 
HIS O    O  N N 189 
HIS CB   C  N N 190 
HIS CG   C  Y N 191 
HIS ND1  N  Y N 192 
HIS CD2  C  Y N 193 
HIS CE1  C  Y N 194 
HIS NE2  N  Y N 195 
HIS OXT  O  N N 196 
HIS H    H  N N 197 
HIS H2   H  N N 198 
HIS HA   H  N N 199 
HIS HB2  H  N N 200 
HIS HB3  H  N N 201 
HIS HD1  H  N N 202 
HIS HD2  H  N N 203 
HIS HE1  H  N N 204 
HIS HE2  H  N N 205 
HIS HXT  H  N N 206 
HOH O    O  N N 207 
HOH H1   H  N N 208 
HOH H2   H  N N 209 
ILE N    N  N N 210 
ILE CA   C  N S 211 
ILE C    C  N N 212 
ILE O    O  N N 213 
ILE CB   C  N S 214 
ILE CG1  C  N N 215 
ILE CG2  C  N N 216 
ILE CD1  C  N N 217 
ILE OXT  O  N N 218 
ILE H    H  N N 219 
ILE H2   H  N N 220 
ILE HA   H  N N 221 
ILE HB   H  N N 222 
ILE HG12 H  N N 223 
ILE HG13 H  N N 224 
ILE HG21 H  N N 225 
ILE HG22 H  N N 226 
ILE HG23 H  N N 227 
ILE HD11 H  N N 228 
ILE HD12 H  N N 229 
ILE HD13 H  N N 230 
ILE HXT  H  N N 231 
LEU N    N  N N 232 
LEU CA   C  N S 233 
LEU C    C  N N 234 
LEU O    O  N N 235 
LEU CB   C  N N 236 
LEU CG   C  N N 237 
LEU CD1  C  N N 238 
LEU CD2  C  N N 239 
LEU OXT  O  N N 240 
LEU H    H  N N 241 
LEU H2   H  N N 242 
LEU HA   H  N N 243 
LEU HB2  H  N N 244 
LEU HB3  H  N N 245 
LEU HG   H  N N 246 
LEU HD11 H  N N 247 
LEU HD12 H  N N 248 
LEU HD13 H  N N 249 
LEU HD21 H  N N 250 
LEU HD22 H  N N 251 
LEU HD23 H  N N 252 
LEU HXT  H  N N 253 
LYS N    N  N N 254 
LYS CA   C  N S 255 
LYS C    C  N N 256 
LYS O    O  N N 257 
LYS CB   C  N N 258 
LYS CG   C  N N 259 
LYS CD   C  N N 260 
LYS CE   C  N N 261 
LYS NZ   N  N N 262 
LYS OXT  O  N N 263 
LYS H    H  N N 264 
LYS H2   H  N N 265 
LYS HA   H  N N 266 
LYS HB2  H  N N 267 
LYS HB3  H  N N 268 
LYS HG2  H  N N 269 
LYS HG3  H  N N 270 
LYS HD2  H  N N 271 
LYS HD3  H  N N 272 
LYS HE2  H  N N 273 
LYS HE3  H  N N 274 
LYS HZ1  H  N N 275 
LYS HZ2  H  N N 276 
LYS HZ3  H  N N 277 
LYS HXT  H  N N 278 
MET N    N  N N 279 
MET CA   C  N S 280 
MET C    C  N N 281 
MET O    O  N N 282 
MET CB   C  N N 283 
MET CG   C  N N 284 
MET SD   S  N N 285 
MET CE   C  N N 286 
MET OXT  O  N N 287 
MET H    H  N N 288 
MET H2   H  N N 289 
MET HA   H  N N 290 
MET HB2  H  N N 291 
MET HB3  H  N N 292 
MET HG2  H  N N 293 
MET HG3  H  N N 294 
MET HE1  H  N N 295 
MET HE2  H  N N 296 
MET HE3  H  N N 297 
MET HXT  H  N N 298 
PHE N    N  N N 299 
PHE CA   C  N S 300 
PHE C    C  N N 301 
PHE O    O  N N 302 
PHE CB   C  N N 303 
PHE CG   C  Y N 304 
PHE CD1  C  Y N 305 
PHE CD2  C  Y N 306 
PHE CE1  C  Y N 307 
PHE CE2  C  Y N 308 
PHE CZ   C  Y N 309 
PHE OXT  O  N N 310 
PHE H    H  N N 311 
PHE H2   H  N N 312 
PHE HA   H  N N 313 
PHE HB2  H  N N 314 
PHE HB3  H  N N 315 
PHE HD1  H  N N 316 
PHE HD2  H  N N 317 
PHE HE1  H  N N 318 
PHE HE2  H  N N 319 
PHE HZ   H  N N 320 
PHE HXT  H  N N 321 
PRO N    N  N N 322 
PRO CA   C  N S 323 
PRO C    C  N N 324 
PRO O    O  N N 325 
PRO CB   C  N N 326 
PRO CG   C  N N 327 
PRO CD   C  N N 328 
PRO OXT  O  N N 329 
PRO H    H  N N 330 
PRO HA   H  N N 331 
PRO HB2  H  N N 332 
PRO HB3  H  N N 333 
PRO HG2  H  N N 334 
PRO HG3  H  N N 335 
PRO HD2  H  N N 336 
PRO HD3  H  N N 337 
PRO HXT  H  N N 338 
SER N    N  N N 339 
SER CA   C  N S 340 
SER C    C  N N 341 
SER O    O  N N 342 
SER CB   C  N N 343 
SER OG   O  N N 344 
SER OXT  O  N N 345 
SER H    H  N N 346 
SER H2   H  N N 347 
SER HA   H  N N 348 
SER HB2  H  N N 349 
SER HB3  H  N N 350 
SER HG   H  N N 351 
SER HXT  H  N N 352 
SO4 S    S  N N 353 
SO4 O1   O  N N 354 
SO4 O2   O  N N 355 
SO4 O3   O  N N 356 
SO4 O4   O  N N 357 
THR N    N  N N 358 
THR CA   C  N S 359 
THR C    C  N N 360 
THR O    O  N N 361 
THR CB   C  N R 362 
THR OG1  O  N N 363 
THR CG2  C  N N 364 
THR OXT  O  N N 365 
THR H    H  N N 366 
THR H2   H  N N 367 
THR HA   H  N N 368 
THR HB   H  N N 369 
THR HG1  H  N N 370 
THR HG21 H  N N 371 
THR HG22 H  N N 372 
THR HG23 H  N N 373 
THR HXT  H  N N 374 
TYR N    N  N N 375 
TYR CA   C  N S 376 
TYR C    C  N N 377 
TYR O    O  N N 378 
TYR CB   C  N N 379 
TYR CG   C  Y N 380 
TYR CD1  C  Y N 381 
TYR CD2  C  Y N 382 
TYR CE1  C  Y N 383 
TYR CE2  C  Y N 384 
TYR CZ   C  Y N 385 
TYR OH   O  N N 386 
TYR OXT  O  N N 387 
TYR H    H  N N 388 
TYR H2   H  N N 389 
TYR HA   H  N N 390 
TYR HB2  H  N N 391 
TYR HB3  H  N N 392 
TYR HD1  H  N N 393 
TYR HD2  H  N N 394 
TYR HE1  H  N N 395 
TYR HE2  H  N N 396 
TYR HH   H  N N 397 
TYR HXT  H  N N 398 
VAL N    N  N N 399 
VAL CA   C  N S 400 
VAL C    C  N N 401 
VAL O    O  N N 402 
VAL CB   C  N N 403 
VAL CG1  C  N N 404 
VAL CG2  C  N N 405 
VAL OXT  O  N N 406 
VAL H    H  N N 407 
VAL H2   H  N N 408 
VAL HA   H  N N 409 
VAL HB   H  N N 410 
VAL HG11 H  N N 411 
VAL HG12 H  N N 412 
VAL HG13 H  N N 413 
VAL HG21 H  N N 414 
VAL HG22 H  N N 415 
VAL HG23 H  N N 416 
VAL HXT  H  N N 417 
# 
loop_
_chem_comp_bond.comp_id 
_chem_comp_bond.atom_id_1 
_chem_comp_bond.atom_id_2 
_chem_comp_bond.value_order 
_chem_comp_bond.pdbx_aromatic_flag 
_chem_comp_bond.pdbx_stereo_config 
_chem_comp_bond.pdbx_ordinal 
8WS C1  C10  sing N N 1   
8WS N1  C03  sing N N 2   
8WS N1  C10  sing N N 3   
8WS O1  C10  doub N N 4   
8WS C01 N01  sing N N 5   
8WS N01 C02  sing N N 6   
8WS O01 C02  doub N N 7   
8WS C02 C03  sing N N 8   
8WS N02 C07  sing N N 9   
8WS N02 C08  sing N N 10  
8WS O02 C08  doub N N 11  
8WS C03 C04  sing N N 12  
8WS C04 C05  sing N N 13  
8WS C05 C06  sing N N 14  
8WS C06 C07  sing N N 15  
8WS C08 C09  sing N N 16  
8WS C1  H1   sing N N 17  
8WS C1  H1A  sing N N 18  
8WS C1  H1B  sing N N 19  
8WS N1  HN1  sing N N 20  
8WS C01 H01  sing N N 21  
8WS C01 H01A sing N N 22  
8WS C01 H01B sing N N 23  
8WS N01 HN01 sing N N 24  
8WS N02 HN02 sing N N 25  
8WS C03 H03  sing N N 26  
8WS C04 H04  sing N N 27  
8WS C04 H04A sing N N 28  
8WS C05 H05  sing N N 29  
8WS C05 H05A sing N N 30  
8WS C06 H06  sing N N 31  
8WS C06 H06A sing N N 32  
8WS C07 H07  sing N N 33  
8WS C07 H07A sing N N 34  
8WS C09 H09  sing N N 35  
8WS C09 H09A sing N N 36  
8WS C09 H09B sing N N 37  
ALA N   CA   sing N N 38  
ALA N   H    sing N N 39  
ALA N   H2   sing N N 40  
ALA CA  C    sing N N 41  
ALA CA  CB   sing N N 42  
ALA CA  HA   sing N N 43  
ALA C   O    doub N N 44  
ALA C   OXT  sing N N 45  
ALA CB  HB1  sing N N 46  
ALA CB  HB2  sing N N 47  
ALA CB  HB3  sing N N 48  
ALA OXT HXT  sing N N 49  
ARG N   CA   sing N N 50  
ARG N   H    sing N N 51  
ARG N   H2   sing N N 52  
ARG CA  C    sing N N 53  
ARG CA  CB   sing N N 54  
ARG CA  HA   sing N N 55  
ARG C   O    doub N N 56  
ARG C   OXT  sing N N 57  
ARG CB  CG   sing N N 58  
ARG CB  HB2  sing N N 59  
ARG CB  HB3  sing N N 60  
ARG CG  CD   sing N N 61  
ARG CG  HG2  sing N N 62  
ARG CG  HG3  sing N N 63  
ARG CD  NE   sing N N 64  
ARG CD  HD2  sing N N 65  
ARG CD  HD3  sing N N 66  
ARG NE  CZ   sing N N 67  
ARG NE  HE   sing N N 68  
ARG CZ  NH1  sing N N 69  
ARG CZ  NH2  doub N N 70  
ARG NH1 HH11 sing N N 71  
ARG NH1 HH12 sing N N 72  
ARG NH2 HH21 sing N N 73  
ARG NH2 HH22 sing N N 74  
ARG OXT HXT  sing N N 75  
ASN N   CA   sing N N 76  
ASN N   H    sing N N 77  
ASN N   H2   sing N N 78  
ASN CA  C    sing N N 79  
ASN CA  CB   sing N N 80  
ASN CA  HA   sing N N 81  
ASN C   O    doub N N 82  
ASN C   OXT  sing N N 83  
ASN CB  CG   sing N N 84  
ASN CB  HB2  sing N N 85  
ASN CB  HB3  sing N N 86  
ASN CG  OD1  doub N N 87  
ASN CG  ND2  sing N N 88  
ASN ND2 HD21 sing N N 89  
ASN ND2 HD22 sing N N 90  
ASN OXT HXT  sing N N 91  
ASP N   CA   sing N N 92  
ASP N   H    sing N N 93  
ASP N   H2   sing N N 94  
ASP CA  C    sing N N 95  
ASP CA  CB   sing N N 96  
ASP CA  HA   sing N N 97  
ASP C   O    doub N N 98  
ASP C   OXT  sing N N 99  
ASP CB  CG   sing N N 100 
ASP CB  HB2  sing N N 101 
ASP CB  HB3  sing N N 102 
ASP CG  OD1  doub N N 103 
ASP CG  OD2  sing N N 104 
ASP OD2 HD2  sing N N 105 
ASP OXT HXT  sing N N 106 
CYS N   CA   sing N N 107 
CYS N   H    sing N N 108 
CYS N   H2   sing N N 109 
CYS CA  C    sing N N 110 
CYS CA  CB   sing N N 111 
CYS CA  HA   sing N N 112 
CYS C   O    doub N N 113 
CYS C   OXT  sing N N 114 
CYS CB  SG   sing N N 115 
CYS CB  HB2  sing N N 116 
CYS CB  HB3  sing N N 117 
CYS SG  HG   sing N N 118 
CYS OXT HXT  sing N N 119 
EDO C1  O1   sing N N 120 
EDO C1  C2   sing N N 121 
EDO C1  H11  sing N N 122 
EDO C1  H12  sing N N 123 
EDO O1  HO1  sing N N 124 
EDO C2  O2   sing N N 125 
EDO C2  H21  sing N N 126 
EDO C2  H22  sing N N 127 
EDO O2  HO2  sing N N 128 
GLN N   CA   sing N N 129 
GLN N   H    sing N N 130 
GLN N   H2   sing N N 131 
GLN CA  C    sing N N 132 
GLN CA  CB   sing N N 133 
GLN CA  HA   sing N N 134 
GLN C   O    doub N N 135 
GLN C   OXT  sing N N 136 
GLN CB  CG   sing N N 137 
GLN CB  HB2  sing N N 138 
GLN CB  HB3  sing N N 139 
GLN CG  CD   sing N N 140 
GLN CG  HG2  sing N N 141 
GLN CG  HG3  sing N N 142 
GLN CD  OE1  doub N N 143 
GLN CD  NE2  sing N N 144 
GLN NE2 HE21 sing N N 145 
GLN NE2 HE22 sing N N 146 
GLN OXT HXT  sing N N 147 
GLU N   CA   sing N N 148 
GLU N   H    sing N N 149 
GLU N   H2   sing N N 150 
GLU CA  C    sing N N 151 
GLU CA  CB   sing N N 152 
GLU CA  HA   sing N N 153 
GLU C   O    doub N N 154 
GLU C   OXT  sing N N 155 
GLU CB  CG   sing N N 156 
GLU CB  HB2  sing N N 157 
GLU CB  HB3  sing N N 158 
GLU CG  CD   sing N N 159 
GLU CG  HG2  sing N N 160 
GLU CG  HG3  sing N N 161 
GLU CD  OE1  doub N N 162 
GLU CD  OE2  sing N N 163 
GLU OE2 HE2  sing N N 164 
GLU OXT HXT  sing N N 165 
GLY N   CA   sing N N 166 
GLY N   H    sing N N 167 
GLY N   H2   sing N N 168 
GLY CA  C    sing N N 169 
GLY CA  HA2  sing N N 170 
GLY CA  HA3  sing N N 171 
GLY C   O    doub N N 172 
GLY C   OXT  sing N N 173 
GLY OXT HXT  sing N N 174 
HIS N   CA   sing N N 175 
HIS N   H    sing N N 176 
HIS N   H2   sing N N 177 
HIS CA  C    sing N N 178 
HIS CA  CB   sing N N 179 
HIS CA  HA   sing N N 180 
HIS C   O    doub N N 181 
HIS C   OXT  sing N N 182 
HIS CB  CG   sing N N 183 
HIS CB  HB2  sing N N 184 
HIS CB  HB3  sing N N 185 
HIS CG  ND1  sing Y N 186 
HIS CG  CD2  doub Y N 187 
HIS ND1 CE1  doub Y N 188 
HIS ND1 HD1  sing N N 189 
HIS CD2 NE2  sing Y N 190 
HIS CD2 HD2  sing N N 191 
HIS CE1 NE2  sing Y N 192 
HIS CE1 HE1  sing N N 193 
HIS NE2 HE2  sing N N 194 
HIS OXT HXT  sing N N 195 
HOH O   H1   sing N N 196 
HOH O   H2   sing N N 197 
ILE N   CA   sing N N 198 
ILE N   H    sing N N 199 
ILE N   H2   sing N N 200 
ILE CA  C    sing N N 201 
ILE CA  CB   sing N N 202 
ILE CA  HA   sing N N 203 
ILE C   O    doub N N 204 
ILE C   OXT  sing N N 205 
ILE CB  CG1  sing N N 206 
ILE CB  CG2  sing N N 207 
ILE CB  HB   sing N N 208 
ILE CG1 CD1  sing N N 209 
ILE CG1 HG12 sing N N 210 
ILE CG1 HG13 sing N N 211 
ILE CG2 HG21 sing N N 212 
ILE CG2 HG22 sing N N 213 
ILE CG2 HG23 sing N N 214 
ILE CD1 HD11 sing N N 215 
ILE CD1 HD12 sing N N 216 
ILE CD1 HD13 sing N N 217 
ILE OXT HXT  sing N N 218 
LEU N   CA   sing N N 219 
LEU N   H    sing N N 220 
LEU N   H2   sing N N 221 
LEU CA  C    sing N N 222 
LEU CA  CB   sing N N 223 
LEU CA  HA   sing N N 224 
LEU C   O    doub N N 225 
LEU C   OXT  sing N N 226 
LEU CB  CG   sing N N 227 
LEU CB  HB2  sing N N 228 
LEU CB  HB3  sing N N 229 
LEU CG  CD1  sing N N 230 
LEU CG  CD2  sing N N 231 
LEU CG  HG   sing N N 232 
LEU CD1 HD11 sing N N 233 
LEU CD1 HD12 sing N N 234 
LEU CD1 HD13 sing N N 235 
LEU CD2 HD21 sing N N 236 
LEU CD2 HD22 sing N N 237 
LEU CD2 HD23 sing N N 238 
LEU OXT HXT  sing N N 239 
LYS N   CA   sing N N 240 
LYS N   H    sing N N 241 
LYS N   H2   sing N N 242 
LYS CA  C    sing N N 243 
LYS CA  CB   sing N N 244 
LYS CA  HA   sing N N 245 
LYS C   O    doub N N 246 
LYS C   OXT  sing N N 247 
LYS CB  CG   sing N N 248 
LYS CB  HB2  sing N N 249 
LYS CB  HB3  sing N N 250 
LYS CG  CD   sing N N 251 
LYS CG  HG2  sing N N 252 
LYS CG  HG3  sing N N 253 
LYS CD  CE   sing N N 254 
LYS CD  HD2  sing N N 255 
LYS CD  HD3  sing N N 256 
LYS CE  NZ   sing N N 257 
LYS CE  HE2  sing N N 258 
LYS CE  HE3  sing N N 259 
LYS NZ  HZ1  sing N N 260 
LYS NZ  HZ2  sing N N 261 
LYS NZ  HZ3  sing N N 262 
LYS OXT HXT  sing N N 263 
MET N   CA   sing N N 264 
MET N   H    sing N N 265 
MET N   H2   sing N N 266 
MET CA  C    sing N N 267 
MET CA  CB   sing N N 268 
MET CA  HA   sing N N 269 
MET C   O    doub N N 270 
MET C   OXT  sing N N 271 
MET CB  CG   sing N N 272 
MET CB  HB2  sing N N 273 
MET CB  HB3  sing N N 274 
MET CG  SD   sing N N 275 
MET CG  HG2  sing N N 276 
MET CG  HG3  sing N N 277 
MET SD  CE   sing N N 278 
MET CE  HE1  sing N N 279 
MET CE  HE2  sing N N 280 
MET CE  HE3  sing N N 281 
MET OXT HXT  sing N N 282 
PHE N   CA   sing N N 283 
PHE N   H    sing N N 284 
PHE N   H2   sing N N 285 
PHE CA  C    sing N N 286 
PHE CA  CB   sing N N 287 
PHE CA  HA   sing N N 288 
PHE C   O    doub N N 289 
PHE C   OXT  sing N N 290 
PHE CB  CG   sing N N 291 
PHE CB  HB2  sing N N 292 
PHE CB  HB3  sing N N 293 
PHE CG  CD1  doub Y N 294 
PHE CG  CD2  sing Y N 295 
PHE CD1 CE1  sing Y N 296 
PHE CD1 HD1  sing N N 297 
PHE CD2 CE2  doub Y N 298 
PHE CD2 HD2  sing N N 299 
PHE CE1 CZ   doub Y N 300 
PHE CE1 HE1  sing N N 301 
PHE CE2 CZ   sing Y N 302 
PHE CE2 HE2  sing N N 303 
PHE CZ  HZ   sing N N 304 
PHE OXT HXT  sing N N 305 
PRO N   CA   sing N N 306 
PRO N   CD   sing N N 307 
PRO N   H    sing N N 308 
PRO CA  C    sing N N 309 
PRO CA  CB   sing N N 310 
PRO CA  HA   sing N N 311 
PRO C   O    doub N N 312 
PRO C   OXT  sing N N 313 
PRO CB  CG   sing N N 314 
PRO CB  HB2  sing N N 315 
PRO CB  HB3  sing N N 316 
PRO CG  CD   sing N N 317 
PRO CG  HG2  sing N N 318 
PRO CG  HG3  sing N N 319 
PRO CD  HD2  sing N N 320 
PRO CD  HD3  sing N N 321 
PRO OXT HXT  sing N N 322 
SER N   CA   sing N N 323 
SER N   H    sing N N 324 
SER N   H2   sing N N 325 
SER CA  C    sing N N 326 
SER CA  CB   sing N N 327 
SER CA  HA   sing N N 328 
SER C   O    doub N N 329 
SER C   OXT  sing N N 330 
SER CB  OG   sing N N 331 
SER CB  HB2  sing N N 332 
SER CB  HB3  sing N N 333 
SER OG  HG   sing N N 334 
SER OXT HXT  sing N N 335 
SO4 S   O1   doub N N 336 
SO4 S   O2   doub N N 337 
SO4 S   O3   sing N N 338 
SO4 S   O4   sing N N 339 
THR N   CA   sing N N 340 
THR N   H    sing N N 341 
THR N   H2   sing N N 342 
THR CA  C    sing N N 343 
THR CA  CB   sing N N 344 
THR CA  HA   sing N N 345 
THR C   O    doub N N 346 
THR C   OXT  sing N N 347 
THR CB  OG1  sing N N 348 
THR CB  CG2  sing N N 349 
THR CB  HB   sing N N 350 
THR OG1 HG1  sing N N 351 
THR CG2 HG21 sing N N 352 
THR CG2 HG22 sing N N 353 
THR CG2 HG23 sing N N 354 
THR OXT HXT  sing N N 355 
TYR N   CA   sing N N 356 
TYR N   H    sing N N 357 
TYR N   H2   sing N N 358 
TYR CA  C    sing N N 359 
TYR CA  CB   sing N N 360 
TYR CA  HA   sing N N 361 
TYR C   O    doub N N 362 
TYR C   OXT  sing N N 363 
TYR CB  CG   sing N N 364 
TYR CB  HB2  sing N N 365 
TYR CB  HB3  sing N N 366 
TYR CG  CD1  doub Y N 367 
TYR CG  CD2  sing Y N 368 
TYR CD1 CE1  sing Y N 369 
TYR CD1 HD1  sing N N 370 
TYR CD2 CE2  doub Y N 371 
TYR CD2 HD2  sing N N 372 
TYR CE1 CZ   doub Y N 373 
TYR CE1 HE1  sing N N 374 
TYR CE2 CZ   sing Y N 375 
TYR CE2 HE2  sing N N 376 
TYR CZ  OH   sing N N 377 
TYR OH  HH   sing N N 378 
TYR OXT HXT  sing N N 379 
VAL N   CA   sing N N 380 
VAL N   H    sing N N 381 
VAL N   H2   sing N N 382 
VAL CA  C    sing N N 383 
VAL CA  CB   sing N N 384 
VAL CA  HA   sing N N 385 
VAL C   O    doub N N 386 
VAL C   OXT  sing N N 387 
VAL CB  CG1  sing N N 388 
VAL CB  CG2  sing N N 389 
VAL CB  HB   sing N N 390 
VAL CG1 HG11 sing N N 391 
VAL CG1 HG12 sing N N 392 
VAL CG1 HG13 sing N N 393 
VAL CG2 HG21 sing N N 394 
VAL CG2 HG22 sing N N 395 
VAL CG2 HG23 sing N N 396 
VAL OXT HXT  sing N N 397 
# 
loop_
_pdbx_audit_support.funding_organization 
_pdbx_audit_support.country 
_pdbx_audit_support.grant_number 
_pdbx_audit_support.ordinal 
'Cancer Research UK' 'United Kingdom' C57659/A27310 1 
'Cancer Research UK' 'United Kingdom' C1362/A20263  2 
'Cancer Research UK' 'United Kingdom' C2215/A21421  3 
# 
_pdbx_initial_refinement_model.id               1 
_pdbx_initial_refinement_model.entity_id_list   ? 
_pdbx_initial_refinement_model.type             'experimental model' 
_pdbx_initial_refinement_model.source_name      PDB 
_pdbx_initial_refinement_model.accession_code   3DAI 
_pdbx_initial_refinement_model.details          ? 
# 
_atom_sites.entry_id                    7Z9U 
_atom_sites.Cartn_transf_matrix[1][1]   ? 
_atom_sites.Cartn_transf_matrix[1][2]   ? 
_atom_sites.Cartn_transf_matrix[1][3]   ? 
_atom_sites.Cartn_transf_matrix[2][1]   ? 
_atom_sites.Cartn_transf_matrix[2][2]   ? 
_atom_sites.Cartn_transf_matrix[2][3]   ? 
_atom_sites.Cartn_transf_matrix[3][1]   ? 
_atom_sites.Cartn_transf_matrix[3][2]   ? 
_atom_sites.Cartn_transf_matrix[3][3]   ? 
_atom_sites.Cartn_transf_vector[1]      ? 
_atom_sites.Cartn_transf_vector[2]      ? 
_atom_sites.Cartn_transf_vector[3]      ? 
_atom_sites.fract_transf_matrix[1][1]   -0.00362063 
_atom_sites.fract_transf_matrix[1][2]   0.01258763 
_atom_sites.fract_transf_matrix[1][3]   0.00647640 
_atom_sites.fract_transf_matrix[2][1]   0.00849089 
_atom_sites.fract_transf_matrix[2][2]   0.00549819 
_atom_sites.fract_transf_matrix[2][3]   0.01054306 
_atom_sites.fract_transf_matrix[3][1]   0.00380930 
_atom_sites.fract_transf_matrix[3][2]   0.00365471 
_atom_sites.fract_transf_matrix[3][3]   -0.00497376 
_atom_sites.fract_transf_vector[1]      0.137167 
_atom_sites.fract_transf_vector[2]      0.597530 
_atom_sites.fract_transf_vector[3]      0.027419 
_atom_sites.solution_primary            ? 
_atom_sites.solution_secondary          ? 
_atom_sites.solution_hydrogens          ? 
_atom_sites.special_details             ? 
# 
loop_
_atom_type.symbol 
_atom_type.pdbx_scat_Z 
_atom_type.pdbx_N_electrons 
_atom_type.scat_Cromer_Mann_a1 
_atom_type.scat_Cromer_Mann_b1 
_atom_type.scat_Cromer_Mann_a2 
_atom_type.scat_Cromer_Mann_b2 
_atom_type.scat_Cromer_Mann_a3 
_atom_type.scat_Cromer_Mann_b3 
_atom_type.scat_Cromer_Mann_a4 
_atom_type.scat_Cromer_Mann_b4 
_atom_type.scat_Cromer_Mann_c 
C  6  6  2.310  20.844 1.020 10.208 1.589 0.569  0.865 51.651 0.216   
CL 17 17 11.460 0.010  7.196 1.166  6.255 18.519 1.645 47.778 -9.366  
N  7  7  12.222 0.006  3.135 9.893  2.014 28.997 1.167 0.583  -11.538 
O  8  8  3.049  13.277 2.287 5.701  1.546 0.324  0.867 32.909 0.251   
S  16 16 6.905  1.468  5.203 22.215 1.438 0.254  1.586 56.172 1.030   
# 
loop_
_atom_site.group_PDB 
_atom_site.id 
_atom_site.type_symbol 
_atom_site.label_atom_id 
_atom_site.label_alt_id 
_atom_site.label_comp_id 
_atom_site.label_asym_id 
_atom_site.label_entity_id 
_atom_site.label_seq_id 
_atom_site.pdbx_PDB_ins_code 
_atom_site.Cartn_x 
_atom_site.Cartn_y 
_atom_site.Cartn_z 
_atom_site.occupancy 
_atom_site.B_iso_or_equiv 
_atom_site.pdbx_formal_charge 
_atom_site.auth_seq_id 
_atom_site.auth_comp_id 
_atom_site.auth_asym_id 
_atom_site.auth_atom_id 
_atom_site.pdbx_PDB_model_num 
_atom_site.calc_flag 
ATOM   1    N  N   . SER A 1 1   ? -16.877 18.017  10.571  1.000 51.545  ? 979  SER AAA N   1 ? 
ATOM   2    C  CA  . SER A 1 1   ? -17.717 17.652  11.744  1.000 58.592  ? 979  SER AAA CA  1 ? 
ATOM   3    C  C   . SER A 1 1   ? -17.070 16.529  12.549  1.000 65.100  ? 979  SER AAA C   1 ? 
ATOM   4    O  O   . SER A 1 1   ? -16.119 15.891  12.103  1.000 66.431  ? 979  SER AAA O   1 ? 
ATOM   5    C  CB  . SER A 1 1   ? -19.087 17.246  11.285  1.000 62.043  ? 979  SER AAA CB  1 ? 
ATOM   6    O  OG  . SER A 1 1   ? -19.011 16.139  10.399  1.000 61.214  ? 979  SER AAA OG  1 ? 
ATOM   7    N  N   . MET A 1 2   ? -17.635 16.282  13.730  1.000 71.425  ? 980  MET AAA N   1 ? 
ATOM   8    C  CA  . MET A 1 2   ? -17.395 15.090  14.527  1.000 78.591  ? 980  MET AAA CA  1 ? 
ATOM   9    C  C   . MET A 1 2   ? -17.688 13.832  13.705  1.000 63.874  ? 980  MET AAA C   1 ? 
ATOM   10   O  O   . MET A 1 2   ? -16.894 12.908  13.700  1.000 66.210  ? 980  MET AAA O   1 ? 
ATOM   11   C  CB  . MET A 1 2   ? -18.321 15.099  15.749  1.000 93.399  ? 980  MET AAA CB  1 ? 
ATOM   12   C  CG  . MET A 1 2   ? -17.864 14.229  16.910  1.000 112.212 ? 980  MET AAA CG  1 ? 
ATOM   13   S  SD  . MET A 1 2   ? -17.381 15.213  18.363  1.000 133.491 ? 980  MET AAA SD  1 ? 
ATOM   14   C  CE  . MET A 1 2   ? -18.789 16.315  18.532  1.000 105.992 ? 980  MET AAA CE  1 ? 
ATOM   15   N  N   . GLN A 1 3   ? -18.835 13.766  13.021  1.000 61.252  ? 981  GLN AAA N   1 ? 
ATOM   16   C  CA  . GLN A 1 3   ? -19.193 12.543  12.310  1.000 62.221  ? 981  GLN AAA CA  1 ? 
ATOM   17   C  C   . GLN A 1 3   ? -18.186 12.286  11.186  1.000 55.475  ? 981  GLN AAA C   1 ? 
ATOM   18   O  O   . GLN A 1 3   ? -17.913 11.141  10.822  1.000 48.237  ? 981  GLN AAA O   1 ? 
ATOM   19   C  CB  . GLN A 1 3   ? -20.595 12.617  11.678  1.000 73.972  ? 981  GLN AAA CB  1 ? 
ATOM   20   C  CG  . GLN A 1 3   ? -21.737 12.969  12.627  1.000 81.583  ? 981  GLN AAA CG  1 ? 
ATOM   21   C  CD  . GLN A 1 3   ? -21.982 14.460  12.611  1.000 88.891  ? 981  GLN AAA CD  1 ? 
ATOM   22   O  OE1 . GLN A 1 3   ? -21.890 15.137  13.632  1.000 85.973  ? 981  GLN AAA OE1 1 ? 
ATOM   23   N  NE2 . GLN A 1 3   ? -22.238 14.996  11.428  1.000 89.263  ? 981  GLN AAA NE2 1 ? 
ATOM   24   N  N   . GLU A 1 4   ? -17.707 13.357  10.562  1.000 44.995  ? 982  GLU AAA N   1 ? 
ATOM   25   C  CA  . GLU A 1 4   ? -16.781 13.178  9.457   1.000 45.587  ? 982  GLU AAA CA  1 ? 
ATOM   26   C  C   . GLU A 1 4   ? -15.469 12.632  10.005  1.000 44.698  ? 982  GLU AAA C   1 ? 
ATOM   27   O  O   . GLU A 1 4   ? -14.862 11.771  9.374   1.000 37.267  ? 982  GLU AAA O   1 ? 
ATOM   28   C  CB  . GLU A 1 4   ? -16.562 14.490  8.712   1.000 47.192  ? 982  GLU AAA CB  1 ? 
ATOM   29   C  CG  . GLU A 1 4   ? -17.744 14.803  7.815   1.000 52.223  ? 982  GLU AAA CG  1 ? 
ATOM   30   C  CD  . GLU A 1 4   ? -17.658 16.128  7.086   1.000 55.620  ? 982  GLU AAA CD  1 ? 
ATOM   31   O  OE1 . GLU A 1 4   ? -16.700 16.895  7.349   1.000 61.781  ? 982  GLU AAA OE1 1 ? 
ATOM   32   O  OE2 . GLU A 1 4   ? -18.522 16.360  6.234   1.000 45.452  ? 982  GLU AAA OE2 1 ? 
ATOM   33   N  N   . GLU A 1 5   ? -15.020 13.185  11.134  1.000 35.379  ? 983  GLU AAA N   1 ? 
ATOM   34   C  CA  . GLU A 1 5   ? -13.870 12.655  11.853  1.000 43.205  ? 983  GLU AAA CA  1 ? 
ATOM   35   C  C   . GLU A 1 5   ? -14.057 11.177  12.219  1.000 39.376  ? 983  GLU AAA C   1 ? 
ATOM   36   O  O   . GLU A 1 5   ? -13.100 10.402  12.200  1.000 31.629  ? 983  GLU AAA O   1 ? 
ATOM   37   C  CB  . GLU A 1 5   ? -13.594 13.417  13.162  1.000 51.594  ? 983  GLU AAA CB  1 ? 
ATOM   38   C  CG  . GLU A 1 5   ? -13.100 14.843  12.963  1.000 74.022  ? 983  GLU AAA CG  1 ? 
ATOM   39   C  CD  . GLU A 1 5   ? -12.165 15.053  11.776  1.000 96.634  ? 983  GLU AAA CD  1 ? 
ATOM   40   O  OE1 . GLU A 1 5   ? -12.523 15.851  10.874  1.000 111.646 ? 983  GLU AAA OE1 1 ? 
ATOM   41   O  OE2 . GLU A 1 5   ? -11.076 14.414  11.746  1.000 115.269 ? 983  GLU AAA OE2 1 ? 
ATOM   42   N  N   . ASP A 1 6   ? -15.243 10.809  12.705  1.000 33.288  ? 984  ASP AAA N   1 ? 
ATOM   43   C  CA  . ASP A 1 6   ? -15.517 9.416   13.015  1.000 38.015  ? 984  ASP AAA CA  1 ? 
ATOM   44   C  C   . ASP A 1 6   ? -15.323 8.530   11.772  1.000 36.254  ? 984  ASP AAA C   1 ? 
ATOM   45   O  O   . ASP A 1 6   ? -14.845 7.389   11.889  1.000 32.756  ? 984  ASP AAA O   1 ? 
ATOM   46   C  CB  . ASP A 1 6   ? -16.969 9.253   13.464  1.000 39.834  ? 984  ASP AAA CB  1 ? 
ATOM   47   C  CG  . ASP A 1 6   ? -17.273 9.736   14.876  1.000 48.215  ? 984  ASP AAA CG  1 ? 
ATOM   48   O  OD1 . ASP A 1 6   ? -16.330 10.010  15.619  1.000 42.391  ? 984  ASP AAA OD1 1 ? 
ATOM   49   O  OD2 . ASP A 1 6   ? -18.479 9.790   15.227  1.000 55.278  ? 984  ASP AAA OD2 1 ? 
ATOM   50   N  N   . THR A 1 7   ? -15.806 9.022   10.619  1.000 30.743  ? 985  THR AAA N   1 ? 
ATOM   51   C  CA  . THR A 1 7   ? -15.681 8.306   9.353   1.000 32.801  ? 985  THR AAA CA  1 ? 
ATOM   52   C  C   . THR A 1 7   ? -14.200 8.035   9.055   1.000 30.750  ? 985  THR AAA C   1 ? 
ATOM   53   O  O   . THR A 1 7   ? -13.805 6.911   8.743   1.000 25.827  ? 985  THR AAA O   1 ? 
ATOM   54   C  CB  . THR A 1 7   ? -16.301 9.108   8.206   1.000 32.300  ? 985  THR AAA CB  1 ? 
ATOM   55   O  OG1 . THR A 1 7   ? -17.699 9.195   8.526   1.000 35.446  ? 985  THR AAA OG1 1 ? 
ATOM   56   C  CG2 . THR A 1 7   ? -16.241 8.372   6.876   1.000 33.460  ? 985  THR AAA CG2 1 ? 
ATOM   57   N  N   . PHE A 1 8   ? -13.391 9.098   9.096   1.000 28.851  ? 986  PHE AAA N   1 ? 
ATOM   58   C  CA  . PHE A 1 8   ? -11.983 8.933   8.787   1.000 30.999  ? 986  PHE AAA CA  1 ? 
ATOM   59   C  C   . PHE A 1 8   ? -11.290 8.047   9.816   1.000 30.778  ? 986  PHE AAA C   1 ? 
ATOM   60   O  O   . PHE A 1 8   ? -10.345 7.334   9.482   1.000 28.956  ? 986  PHE AAA O   1 ? 
ATOM   61   C  CB  . PHE A 1 8   ? -11.298 10.290  8.606   1.000 29.739  ? 986  PHE AAA CB  1 ? 
ATOM   62   C  CG  . PHE A 1 8   ? -11.780 10.999  7.360   1.000 34.707  ? 986  PHE AAA CG  1 ? 
ATOM   63   C  CD1 . PHE A 1 8   ? -11.859 10.323  6.142   1.000 37.899  ? 986  PHE AAA CD1 1 ? 
ATOM   64   C  CD2 . PHE A 1 8   ? -12.110 12.352  7.375   1.000 37.733  ? 986  PHE AAA CD2 1 ? 
ATOM   65   C  CE1 . PHE A 1 8   ? -12.297 10.951  4.974   1.000 38.534  ? 986  PHE AAA CE1 1 ? 
ATOM   66   C  CE2 . PHE A 1 8   ? -12.498 13.002  6.201   1.000 34.733  ? 986  PHE AAA CE2 1 ? 
ATOM   67   C  CZ  . PHE A 1 8   ? -12.604 12.312  5.011   1.000 43.255  ? 986  PHE AAA CZ  1 ? 
ATOM   68   N  N   . ARG A 1 9   ? -11.724 8.086   11.072  1.000 27.957  ? 987  ARG AAA N   1 ? 
ATOM   69   C  CA  . ARG A 1 9   ? -11.094 7.226   12.055  1.000 28.914  ? 987  ARG AAA CA  1 ? 
ATOM   70   C  C   . ARG A 1 9   ? -11.376 5.752   11.708  1.000 27.493  ? 987  ARG AAA C   1 ? 
ATOM   71   O  O   . ARG A 1 9   ? -10.473 4.913   11.814  1.000 24.406  ? 987  ARG AAA O   1 ? 
ATOM   72   C  CB  . ARG A 1 9   ? -11.611 7.546   13.459  1.000 30.349  ? 987  ARG AAA CB  1 ? 
ATOM   73   C  CG  . ARG A 1 9   ? -10.836 6.784   14.519  1.000 32.378  ? 987  ARG AAA CG  1 ? 
ATOM   74   C  CD  . ARG A 1 9   ? -10.902 7.482   15.858  1.000 40.220  ? 987  ARG AAA CD  1 ? 
ATOM   75   N  NE  . ARG A 1 9   ? -10.103 6.569   16.650  1.000 46.245  ? 987  ARG AAA NE  1 ? 
ATOM   76   C  CZ  . ARG A 1 9   ? -10.562 5.584   17.450  1.000 49.991  ? 987  ARG AAA CZ  1 ? 
ATOM   77   N  NH1 . ARG A 1 9   ? -11.867 5.315   17.588  1.000 43.135  ? 987  ARG AAA NH1 1 ? 
ATOM   78   N  NH2 . ARG A 1 9   ? -9.676  4.863   18.124  1.000 45.424  ? 987  ARG AAA NH2 1 ? 
ATOM   79   N  N   . GLU A 1 10  ? -12.622 5.450   11.353  1.000 24.986  ? 988  GLU AAA N   1 ? 
ATOM   80   C  CA  . GLU A 1 10  ? -12.983 4.078   10.933  1.000 23.837  ? 988  GLU AAA CA  1 ? 
ATOM   81   C  C   . GLU A 1 10  ? -12.179 3.643   9.694   1.000 24.072  ? 988  GLU AAA C   1 ? 
ATOM   82   O  O   . GLU A 1 10  ? -11.639 2.510   9.628   1.000 24.051  ? 988  GLU AAA O   1 ? 
ATOM   83   C  CB  . GLU A 1 10  ? -14.476 3.958   10.631  1.000 26.777  ? 988  GLU AAA CB  1 ? 
ATOM   84   C  CG  . GLU A 1 10  ? -14.789 2.558   10.096  1.000 24.893  ? 988  GLU AAA CG  1 ? 
ATOM   85   C  CD  . GLU A 1 10  ? -16.252 2.186   10.174  1.000 34.833  ? 988  GLU AAA CD  1 ? 
ATOM   86   O  OE1 . GLU A 1 10  ? -16.609 1.118   9.672   1.000 27.778  ? 988  GLU AAA OE1 1 ? 
ATOM   87   O  OE2 . GLU A 1 10  ? -17.031 2.999   10.704  1.000 29.584  ? 988  GLU AAA OE2 1 ? 
ATOM   88   N  N   . LEU A 1 11  ? -12.016 4.570   8.737   1.000 24.266  ? 989  LEU AAA N   1 ? 
ATOM   89   C  CA  . LEU A 1 11  ? -11.172 4.307   7.583   1.000 24.252  ? 989  LEU AAA CA  1 ? 
ATOM   90   C  C   . LEU A 1 11  ? -9.761  3.921   8.039   1.000 26.244  ? 989  LEU AAA C   1 ? 
ATOM   91   O  O   . LEU A 1 11  ? -9.197  2.927   7.575   1.000 24.366  ? 989  LEU AAA O   1 ? 
ATOM   92   C  CB  . LEU A 1 11  ? -11.155 5.512   6.626   1.000 24.108  ? 989  LEU AAA CB  1 ? 
ATOM   93   C  CG  . LEU A 1 11  ? -10.110 5.372   5.501   1.000 25.693  ? 989  LEU AAA CG  1 ? 
ATOM   94   C  CD1 . LEU A 1 11  ? -10.434 4.212   4.559   1.000 24.197  ? 989  LEU AAA CD1 1 ? 
ATOM   95   C  CD2 . LEU A 1 11  ? -9.979  6.689   4.727   1.000 28.443  ? 989  LEU AAA CD2 1 ? 
ATOM   96   N  N   . ARG A 1 12  ? -9.144  4.715   8.915   1.000 24.963  ? 990  ARG AAA N   1 ? 
ATOM   97   C  CA  . ARG A 1 12  ? -7.804  4.388   9.413   1.000 24.832  ? 990  ARG AAA CA  1 ? 
ATOM   98   C  C   . ARG A 1 12  ? -7.752  3.013   10.057  1.000 24.034  ? 990  ARG AAA C   1 ? 
ATOM   99   O  O   . ARG A 1 12  ? -6.777  2.264   9.876   1.000 23.471  ? 990  ARG AAA O   1 ? 
ATOM   100  C  CB  . ARG A 1 12  ? -7.264  5.504   10.356  1.000 25.417  ? 990  ARG AAA CB  1 ? 
ATOM   101  C  CG  . ARG A 1 12  ? -7.099  6.843   9.610   1.000 27.112  ? 990  ARG AAA CG  1 ? 
ATOM   102  C  CD  . ARG A 1 12  ? -6.323  7.837   10.511  1.000 28.489  ? 990  ARG AAA CD  1 ? 
ATOM   103  N  NE  . ARG A 1 12  ? -7.007  8.143   11.783  1.000 29.687  ? 990  ARG AAA NE  1 ? 
ATOM   104  C  CZ  . ARG A 1 12  ? -7.902  9.146   11.932  1.000 30.547  ? 990  ARG AAA CZ  1 ? 
ATOM   105  N  NH1 . ARG A 1 12  ? -8.257  9.906   10.911  1.000 26.783  ? 990  ARG AAA NH1 1 ? 
ATOM   106  N  NH2 . ARG A 1 12  ? -8.453  9.363   13.116  1.000 29.476  ? 990  ARG AAA NH2 1 ? 
ATOM   107  N  N   . ILE A 1 13  ? -8.724  2.722   10.922  1.000 21.295  ? 991  ILE AAA N   1 ? 
ATOM   108  C  CA  . ILE A 1 13  ? -8.713  1.417   11.569  1.000 22.186  ? 991  ILE AAA CA  1 ? 
ATOM   109  C  C   . ILE A 1 13  ? -8.767  0.299   10.509  1.000 22.662  ? 991  ILE AAA C   1 ? 
ATOM   110  O  O   . ILE A 1 13  ? -8.023  -0.703  10.623  1.000 23.412  ? 991  ILE AAA O   1 ? 
ATOM   111  C  CB  . ILE A 1 13  ? -9.893  1.320   12.556  1.000 23.061  ? 991  ILE AAA CB  1 ? 
ATOM   112  C  CG1 . ILE A 1 13  ? -9.629  2.299   13.727  1.000 28.575  ? 991  ILE AAA CG1 1 ? 
ATOM   113  C  CG2 . ILE A 1 13  ? -10.019 -0.115  13.060  1.000 26.032  ? 991  ILE AAA CG2 1 ? 
ATOM   114  C  CD1 . ILE A 1 13  ? -10.903 2.675   14.515  1.000 25.756  ? 991  ILE AAA CD1 1 ? 
ATOM   115  N  N   . PHE A 1 14  ? -9.624  0.474   9.522   1.000 21.038  ? 992  PHE AAA N   1 ? 
ATOM   116  C  CA  . PHE A 1 14  ? -9.803  -0.535  8.468   1.000 22.921  ? 992  PHE AAA CA  1 ? 
ATOM   117  C  C   . PHE A 1 14  ? -8.461  -0.687  7.710   1.000 22.632  ? 992  PHE AAA C   1 ? 
ATOM   118  O  O   . PHE A 1 14  ? -7.963  -1.807  7.523   1.000 22.354  ? 992  PHE AAA O   1 ? 
ATOM   119  C  CB  . PHE A 1 14  ? -10.929 -0.092  7.528   1.000 23.586  ? 992  PHE AAA CB  1 ? 
ATOM   120  C  CG  . PHE A 1 14  ? -10.991 -0.998  6.320   1.000 24.062  ? 992  PHE AAA CG  1 ? 
ATOM   121  C  CD1 . PHE A 1 14  ? -11.520 -2.278  6.446   1.000 25.063  ? 992  PHE AAA CD1 1 ? 
ATOM   122  C  CD2 . PHE A 1 14  ? -10.568 -0.529  5.077   1.000 27.136  ? 992  PHE AAA CD2 1 ? 
ATOM   123  C  CE1 . PHE A 1 14  ? -11.571 -3.148  5.356   1.000 25.325  ? 992  PHE AAA CE1 1 ? 
ATOM   124  C  CE2 . PHE A 1 14  ? -10.676 -1.390  3.975   1.000 29.593  ? 992  PHE AAA CE2 1 ? 
ATOM   125  C  CZ  . PHE A 1 14  ? -11.189 -2.671  4.127   1.000 25.858  ? 992  PHE AAA CZ  1 ? 
ATOM   126  N  N   . LEU A 1 15  ? -7.832  0.439   7.333   1.000 22.371  ? 993  LEU AAA N   1 ? 
ATOM   127  C  CA  . LEU A 1 15  ? -6.578  0.333   6.590   1.000 23.056  ? 993  LEU AAA CA  1 ? 
ATOM   128  C  C   . LEU A 1 15  ? -5.423  -0.253  7.411   1.000 24.439  ? 993  LEU AAA C   1 ? 
ATOM   129  O  O   . LEU A 1 15  ? -4.583  -0.993  6.851   1.000 22.496  ? 993  LEU AAA O   1 ? 
ATOM   130  C  CB  . LEU A 1 15  ? -6.197  1.717   6.058   1.000 22.682  ? 993  LEU AAA CB  1 ? 
ATOM   131  C  CG  . LEU A 1 15  ? -7.203  2.329   5.096   1.000 24.102  ? 993  LEU AAA CG  1 ? 
ATOM   132  C  CD1 . LEU A 1 15  ? -6.627  3.685   4.626   1.000 24.576  ? 993  LEU AAA CD1 1 ? 
ATOM   133  C  CD2 . LEU A 1 15  ? -7.404  1.428   3.862   1.000 23.830  ? 993  LEU AAA CD2 1 ? 
ATOM   134  N  N   . ARG A 1 16  ? -5.330  0.078   8.716   1.000 24.917  ? 994  ARG AAA N   1 ? 
ATOM   135  C  CA  . ARG A 1 16  ? -4.290  -0.532  9.531   1.000 26.306  ? 994  ARG AAA CA  1 ? 
ATOM   136  C  C   . ARG A 1 16  ? -4.490  -2.051  9.561   1.000 24.016  ? 994  ARG AAA C   1 ? 
ATOM   137  O  O   . ARG A 1 16  ? -3.516  -2.804  9.563   1.000 23.696  ? 994  ARG AAA O   1 ? 
ATOM   138  C  CB  . ARG A 1 16  ? -4.293  -0.103  11.017  1.000 28.351  ? 994  ARG AAA CB  1 ? 
ATOM   139  C  CG  . ARG A 1 16  ? -3.716  1.291   11.251  1.000 32.348  ? 994  ARG AAA CG  1 ? 
ATOM   140  C  CD  . ARG A 1 16  ? -3.567  1.574   12.765  1.000 28.235  ? 994  ARG AAA CD  1 ? 
ATOM   141  N  NE  . ARG A 1 16  ? -3.588  3.030   12.768  1.000 29.104  ? 994  ARG AAA NE  1 ? 
ATOM   142  C  CZ  . ARG A 1 16  ? -4.611  3.826   12.985  1.000 31.329  ? 994  ARG AAA CZ  1 ? 
ATOM   143  N  NH1 . ARG A 1 16  ? -5.777  3.334   13.420  1.000 27.562  ? 994  ARG AAA NH1 1 ? 
ATOM   144  N  NH2 . ARG A 1 16  ? -4.420  5.143   12.843  1.000 31.248  ? 994  ARG AAA NH2 1 ? 
ATOM   145  N  N   . ASN A 1 17  ? -5.738  -2.501  9.684   1.000 22.562  ? 995  ASN AAA N   1 ? 
ATOM   146  C  CA  . ASN A 1 17  ? -5.958  -3.949  9.789   1.000 23.221  ? 995  ASN AAA CA  1 ? 
ATOM   147  C  C   . ASN A 1 17  ? -5.568  -4.670  8.472   1.000 24.251  ? 995  ASN AAA C   1 ? 
ATOM   148  O  O   . ASN A 1 17  ? -4.859  -5.678  8.495   1.000 23.433  ? 995  ASN AAA O   1 ? 
ATOM   149  C  CB  . ASN A 1 17  ? -7.425  -4.179  10.124  1.000 26.198  ? 995  ASN AAA CB  1 ? 
ATOM   150  C  CG  . ASN A 1 17  ? -7.729  -5.660  10.077  1.000 31.753  ? 995  ASN AAA CG  1 ? 
ATOM   151  O  OD1 . ASN A 1 17  ? -8.281  -6.081  9.089   1.000 27.203  ? 995  ASN AAA OD1 1 ? 
ATOM   152  N  ND2 . ASN A 1 17  ? -7.373  -6.432  11.120  1.000 35.038  ? 995  ASN AAA ND2 1 ? 
ATOM   153  N  N   . VAL A 1 18  ? -5.949  -4.109  7.314   1.000 25.377  ? 996  VAL AAA N   1 ? 
ATOM   154  C  CA  . VAL A 1 18  ? -5.582  -4.695  6.030   1.000 26.306  ? 996  VAL AAA CA  1 ? 
ATOM   155  C  C   . VAL A 1 18  ? -4.038  -4.719  5.978   1.000 25.728  ? 996  VAL AAA C   1 ? 
ATOM   156  O  O   . VAL A 1 18  ? -3.448  -5.726  5.583   1.000 22.244  ? 996  VAL AAA O   1 ? 
ATOM   157  C  CB  . VAL A 1 18  ? -6.166  -3.883  4.854   1.000 24.989  ? 996  VAL AAA CB  1 ? 
ATOM   158  C  CG1 . VAL A 1 18  ? -5.648  -4.373  3.488   1.000 25.357  ? 996  VAL AAA CG1 1 ? 
ATOM   159  C  CG2 . VAL A 1 18  ? -7.711  -3.931  4.875   1.000 23.613  ? 996  VAL AAA CG2 1 ? 
ATOM   160  N  N   . THR A 1 19  ? -3.386  -3.598  6.319   1.000 23.865  ? 997  THR AAA N   1 ? 
ATOM   161  C  CA  . THR A 1 19  ? -1.917  -3.493  6.198   1.000 24.228  ? 997  THR AAA CA  1 ? 
ATOM   162  C  C   . THR A 1 19  ? -1.227  -4.507  7.101   1.000 24.904  ? 997  THR AAA C   1 ? 
ATOM   163  O  O   . THR A 1 19  ? -0.232  -5.124  6.706   1.000 26.541  ? 997  THR AAA O   1 ? 
ATOM   164  C  CB  . THR A 1 19  ? -1.421  -2.062  6.526   1.000 24.764  ? 997  THR AAA CB  1 ? 
ATOM   165  O  OG1 . THR A 1 19  ? -2.189  -1.208  5.677   1.000 24.650  ? 997  THR AAA OG1 1 ? 
ATOM   166  C  CG2 . THR A 1 19  ? 0.046   -1.863  6.193   1.000 26.650  ? 997  THR AAA CG2 1 ? 
ATOM   167  N  N   . HIS A 1 20  ? -1.706  -4.656  8.344   1.000 22.608  ? 998  HIS AAA N   1 ? 
ATOM   168  C  CA  . HIS A 1 20  ? -1.176  -5.630  9.261   1.000 26.330  ? 998  HIS AAA CA  1 ? 
ATOM   169  C  C   . HIS A 1 20  ? -1.250  -7.051  8.684   1.000 27.438  ? 998  HIS AAA C   1 ? 
ATOM   170  O  O   . HIS A 1 20  ? -0.301  -7.856  8.790   1.000 25.359  ? 998  HIS AAA O   1 ? 
ATOM   171  C  CB  . HIS A 1 20  ? -1.970  -5.543  10.598  1.000 24.107  ? 998  HIS AAA CB  1 ? 
ATOM   172  C  CG  . HIS A 1 20  ? -1.458  -6.537  11.574  1.000 29.811  ? 998  HIS AAA CG  1 ? 
ATOM   173  N  ND1 . HIS A 1 20  ? -2.203  -7.639  11.983  1.000 33.868  ? 998  HIS AAA ND1 1 ? 
ATOM   174  C  CD2 . HIS A 1 20  ? -0.279  -6.598  12.252  1.000 27.522  ? 998  HIS AAA CD2 1 ? 
ATOM   175  C  CE1 . HIS A 1 20  ? -1.514  -8.330  12.895  1.000 29.673  ? 998  HIS AAA CE1 1 ? 
ATOM   176  N  NE2 . HIS A 1 20  ? -0.314  -7.704  13.068  1.000 39.922  ? 998  HIS AAA NE2 1 ? 
ATOM   177  N  N   . ARG A 1 21  ? -2.390  -7.391  8.081   1.000 24.174  ? 999  ARG AAA N   1 ? 
ATOM   178  C  CA  . ARG A 1 21  ? -2.540  -8.722  7.499   1.000 24.402  ? 999  ARG AAA CA  1 ? 
ATOM   179  C  C   . ARG A 1 21  ? -1.543  -9.001  6.372   1.000 24.293  ? 999  ARG AAA C   1 ? 
ATOM   180  O  O   . ARG A 1 21  ? -1.053  -10.141 6.242   1.000 26.047  ? 999  ARG AAA O   1 ? 
ATOM   181  C  CB  . ARG A 1 21  ? -4.011  -8.911  7.097   1.000 25.200  ? 999  ARG AAA CB  1 ? 
ATOM   182  C  CG  . ARG A 1 21  ? -4.850  -9.189  8.363   1.000 26.993  ? 999  ARG AAA CG  1 ? 
ATOM   183  C  CD  . ARG A 1 21  ? -6.305  -8.700  8.113   1.000 24.895  ? 999  ARG AAA CD  1 ? 
ATOM   184  N  NE  . ARG A 1 21  ? -6.970  -9.558  7.178   1.000 25.691  ? 999  ARG AAA NE  1 ? 
ATOM   185  C  CZ  . ARG A 1 21  ? -8.165  -9.274  6.632   1.000 29.137  ? 999  ARG AAA CZ  1 ? 
ATOM   186  N  NH1 . ARG A 1 21  ? -8.834  -8.176  6.950   1.000 26.636  ? 999  ARG AAA NH1 1 ? 
ATOM   187  N  NH2 . ARG A 1 21  ? -8.694  -10.085 5.762   1.000 24.958  ? 999  ARG AAA NH2 1 ? 
ATOM   188  N  N   . LEU A 1 22  ? -1.282  -7.997  5.542   1.000 22.789  ? 1000 LEU AAA N   1 ? 
ATOM   189  C  CA  . LEU A 1 22  ? -0.246  -8.134  4.531   1.000 24.484  ? 1000 LEU AAA CA  1 ? 
ATOM   190  C  C   . LEU A 1 22  ? 1.116   -8.261  5.204   1.000 28.194  ? 1000 LEU AAA C   1 ? 
ATOM   191  O  O   . LEU A 1 22  ? 1.921   -9.089  4.770   1.000 28.319  ? 1000 LEU AAA O   1 ? 
ATOM   192  C  CB  . LEU A 1 22  ? -0.244  -6.926  3.585   1.000 22.848  ? 1000 LEU AAA CB  1 ? 
ATOM   193  C  CG  . LEU A 1 22  ? -1.581  -6.636  2.887   1.000 24.964  ? 1000 LEU AAA CG  1 ? 
ATOM   194  C  CD1 . LEU A 1 22  ? -1.460  -5.309  2.132   1.000 25.426  ? 1000 LEU AAA CD1 1 ? 
ATOM   195  C  CD2 . LEU A 1 22  ? -1.921  -7.750  1.865   1.000 23.004  ? 1000 LEU AAA CD2 1 ? 
ATOM   196  N  N   . ALA A 1 23  ? 1.366   -7.456  6.254   1.000 25.442  ? 1001 ALA AAA N   1 ? 
ATOM   197  C  CA  . ALA A 1 23  ? 2.694   -7.405  6.863   1.000 29.365  ? 1001 ALA AAA CA  1 ? 
ATOM   198  C  C   . ALA A 1 23  ? 3.052   -8.710  7.559   1.000 32.527  ? 1001 ALA AAA C   1 ? 
ATOM   199  O  O   . ALA A 1 23  ? 4.232   -8.971  7.716   1.000 29.264  ? 1001 ALA AAA O   1 ? 
ATOM   200  C  CB  . ALA A 1 23  ? 2.827   -6.242  7.833   1.000 28.326  ? 1001 ALA AAA CB  1 ? 
ATOM   201  N  N   . ILE A 1 24  ? 2.065   -9.472  8.052   1.000 28.812  ? 1002 ILE AAA N   1 ? 
ATOM   202  C  CA  . ILE A 1 24  ? 2.409   -10.691 8.772   1.000 30.502  ? 1002 ILE AAA CA  1 ? 
ATOM   203  C  C   . ILE A 1 24  ? 2.513   -11.880 7.824   1.000 31.959  ? 1002 ILE AAA C   1 ? 
ATOM   204  O  O   . ILE A 1 24  ? 2.801   -12.983 8.268   1.000 36.221  ? 1002 ILE AAA O   1 ? 
ATOM   205  C  CB  . ILE A 1 24  ? 1.438   -11.003 9.925   1.000 32.844  ? 1002 ILE AAA CB  1 ? 
ATOM   206  C  CG1 . ILE A 1 24  ? 0.039   -11.263 9.363   1.000 27.666  ? 1002 ILE AAA CG1 1 ? 
ATOM   207  C  CG2 . ILE A 1 24  ? 1.477   -9.877  10.956  1.000 32.182  ? 1002 ILE AAA CG2 1 ? 
ATOM   208  C  CD1 . ILE A 1 24  ? -1.004  -11.673 10.414  1.000 33.131  ? 1002 ILE AAA CD1 1 ? 
ATOM   209  N  N   . ASP A 1 25  ? 2.190   -11.708 6.547   1.000 28.045  ? 1003 ASP AAA N   1 ? 
ATOM   210  C  CA  . ASP A 1 25  ? 2.339   -12.787 5.577   1.000 32.208  ? 1003 ASP AAA CA  1 ? 
ATOM   211  C  C   . ASP A 1 25  ? 3.818   -12.966 5.200   1.000 38.249  ? 1003 ASP AAA C   1 ? 
ATOM   212  O  O   . ASP A 1 25  ? 4.478   -12.034 4.695   1.000 31.014  ? 1003 ASP AAA O   1 ? 
ATOM   213  C  CB  . ASP A 1 25  ? 1.520   -12.463 4.339   1.000 31.394  ? 1003 ASP AAA CB  1 ? 
ATOM   214  C  CG  . ASP A 1 25  ? 1.335   -13.613 3.347   1.000 32.275  ? 1003 ASP AAA CG  1 ? 
ATOM   215  O  OD1 . ASP A 1 25  ? 2.336   -14.259 3.029   1.000 35.157  ? 1003 ASP AAA OD1 1 ? 
ATOM   216  O  OD2 . ASP A 1 25  ? 0.196   -13.761 2.834   1.000 34.104  ? 1003 ASP AAA OD2 1 ? 
ATOM   217  N  N   . LYS A 1 26  ? 4.335   -14.208 5.372   1.000 37.780  ? 1004 LYS AAA N   1 ? 
ATOM   218  C  CA  . LYS A 1 26  ? 5.759   -14.495 5.178   1.000 38.216  ? 1004 LYS AAA CA  1 ? 
ATOM   219  C  C   . LYS A 1 26  ? 6.266   -14.114 3.779   1.000 34.347  ? 1004 LYS AAA C   1 ? 
ATOM   220  O  O   . LYS A 1 26  ? 7.385   -13.629 3.638   1.000 37.611  ? 1004 LYS AAA O   1 ? 
ATOM   221  C  CB  . LYS A 1 26  ? 6.023   -15.979 5.449   1.000 45.365  ? 1004 LYS AAA CB  1 ? 
ATOM   222  C  CG  . LYS A 1 26  ? 6.588   -16.247 6.841   1.000 69.257  ? 1004 LYS AAA CG  1 ? 
ATOM   223  C  CD  . LYS A 1 26  ? 7.682   -17.315 6.886   1.000 83.959  ? 1004 LYS AAA CD  1 ? 
ATOM   224  C  CE  . LYS A 1 26  ? 8.643   -17.172 8.051   1.000 88.929  ? 1004 LYS AAA CE  1 ? 
ATOM   225  N  NZ  . LYS A 1 26  ? 9.820   -18.062 7.906   1.000 86.690  ? 1004 LYS AAA NZ  1 ? 
ATOM   226  N  N   . ARG A 1 27  ? 5.423   -14.268 2.768   1.000 36.470  ? 1005 ARG AAA N   1 ? 
ATOM   227  C  CA  . ARG A 1 27  ? 5.798   -13.913 1.405   1.000 32.772  ? 1005 ARG AAA CA  1 ? 
ATOM   228  C  C   . ARG A 1 27  ? 6.164   -12.444 1.290   1.000 38.146  ? 1005 ARG AAA C   1 ? 
ATOM   229  O  O   . ARG A 1 27  ? 6.928   -12.106 0.372   1.000 35.370  ? 1005 ARG AAA O   1 ? 
ATOM   230  C  CB  . ARG A 1 27  ? 4.630   -14.073 0.441   1.000 33.794  ? 1005 ARG AAA CB  1 ? 
ATOM   231  C  CG  . ARG A 1 27  ? 4.130   -15.493 0.236   1.000 42.342  ? 1005 ARG AAA CG  1 ? 
ATOM   232  C  CD  . ARG A 1 27  ? 2.927   -15.456 -0.705  1.000 45.112  ? 1005 ARG AAA CD  1 ? 
ATOM   233  N  NE  . ARG A 1 27  ? 1.705   -14.980 -0.055  1.000 40.090  ? 1005 ARG AAA NE  1 ? 
ATOM   234  C  CZ  . ARG A 1 27  ? 0.517   -14.857 -0.652  1.000 44.703  ? 1005 ARG AAA CZ  1 ? 
ATOM   235  N  NH1 . ARG A 1 27  ? 0.354   -15.187 -1.931  1.000 38.402  ? 1005 ARG AAA NH1 1 ? 
ATOM   236  N  NH2 . ARG A 1 27  ? -0.519  -14.413 0.046   1.000 43.366  ? 1005 ARG AAA NH2 1 ? 
ATOM   237  N  N   . PHE A 1 28  ? 5.615   -11.582 2.190   1.000 31.871  ? 1006 PHE AAA N   1 ? 
ATOM   238  C  CA  . PHE A 1 28  ? 5.659   -10.127 1.974   1.000 30.710  ? 1006 PHE AAA CA  1 ? 
ATOM   239  C  C   . PHE A 1 28  ? 6.719   -9.434  2.837   1.000 33.574  ? 1006 PHE AAA C   1 ? 
ATOM   240  O  O   . PHE A 1 28  ? 6.850   -8.190  2.879   1.000 30.886  ? 1006 PHE AAA O   1 ? 
ATOM   241  C  CB  . PHE A 1 28  ? 4.246   -9.515  2.053   1.000 25.708  ? 1006 PHE AAA CB  1 ? 
ATOM   242  C  CG  . PHE A 1 28  ? 3.197   -10.125 1.171   1.000 32.599  ? 1006 PHE AAA CG  1 ? 
ATOM   243  C  CD1 . PHE A 1 28  ? 3.535   -10.630 -0.083  1.000 29.723  ? 1006 PHE AAA CD1 1 ? 
ATOM   244  C  CD2 . PHE A 1 28  ? 1.861   -10.151 1.557   1.000 25.658  ? 1006 PHE AAA CD2 1 ? 
ATOM   245  C  CE1 . PHE A 1 28  ? 2.572   -11.193 -0.889  1.000 29.642  ? 1006 PHE AAA CE1 1 ? 
ATOM   246  C  CE2 . PHE A 1 28  ? 0.916   -10.717 0.744   1.000 25.057  ? 1006 PHE AAA CE2 1 ? 
ATOM   247  C  CZ  . PHE A 1 28  ? 1.267   -11.243 -0.490  1.000 29.559  ? 1006 PHE AAA CZ  1 ? 
ATOM   248  N  N   . ARG A 1 29  ? 7.575   -10.246 3.469   1.000 35.289  ? 1007 ARG AAA N   1 ? 
ATOM   249  C  CA  . ARG A 1 29  ? 8.510   -9.720  4.440   1.000 34.297  ? 1007 ARG AAA CA  1 ? 
ATOM   250  C  C   . ARG A 1 29  ? 9.401   -8.649  3.816   1.000 34.750  ? 1007 ARG AAA C   1 ? 
ATOM   251  O  O   . ARG A 1 29  ? 9.711   -7.656  4.469   1.000 38.559  ? 1007 ARG AAA O   1 ? 
ATOM   252  C  CB  . ARG A 1 29  ? 9.291   -10.878 5.054   1.000 43.728  ? 1007 ARG AAA CB  1 ? 
ATOM   253  C  CG  . ARG A 1 29  ? 10.339  -10.416 6.049   1.000 55.434  ? 1007 ARG AAA CG  1 ? 
ATOM   254  C  CD  . ARG A 1 29  ? 11.291  -11.592 6.144   1.000 75.308  ? 1007 ARG AAA CD  1 ? 
ATOM   255  N  NE  . ARG A 1 29  ? 12.482  -11.218 6.885   1.000 99.840  ? 1007 ARG AAA NE  1 ? 
ATOM   256  C  CZ  . ARG A 1 29  ? 12.534  -11.072 8.206   1.000 106.910 ? 1007 ARG AAA CZ  1 ? 
ATOM   257  N  NH1 . ARG A 1 29  ? 11.449  -11.271 8.939   1.000 101.022 ? 1007 ARG AAA NH1 1 ? 
ATOM   258  N  NH2 . ARG A 1 29  ? 13.670  -10.718 8.784   1.000 110.242 ? 1007 ARG AAA NH2 1 ? 
ATOM   259  N  N   . VAL A 1 30  ? 9.756   -8.810  2.534   1.000 34.732  ? 1008 VAL AAA N   1 ? 
ATOM   260  C  CA  . VAL A 1 30  ? 10.714  -7.861  1.978   1.000 39.610  ? 1008 VAL AAA CA  1 ? 
ATOM   261  C  C   . VAL A 1 30  ? 10.045  -6.493  1.810   1.000 43.510  ? 1008 VAL AAA C   1 ? 
ATOM   262  O  O   . VAL A 1 30  ? 10.732  -5.476  1.629   1.000 36.874  ? 1008 VAL AAA O   1 ? 
ATOM   263  C  CB  . VAL A 1 30  ? 11.327  -8.367  0.656   1.000 44.275  ? 1008 VAL AAA CB  1 ? 
ATOM   264  C  CG1 . VAL A 1 30  ? 10.242  -8.755  -0.312  1.000 41.259  ? 1008 VAL AAA CG1 1 ? 
ATOM   265  C  CG2 . VAL A 1 30  ? 12.264  -7.363  0.007   1.000 53.562  ? 1008 VAL AAA CG2 1 ? 
ATOM   266  N  N   . PHE A 1 31  ? 8.709   -6.465  1.861   1.000 36.566  ? 1009 PHE AAA N   1 ? 
ATOM   267  C  CA  . PHE A 1 31  ? 8.018   -5.192  1.645   1.000 30.358  ? 1009 PHE AAA CA  1 ? 
ATOM   268  C  C   . PHE A 1 31  ? 7.641   -4.508  2.960   1.000 30.934  ? 1009 PHE AAA C   1 ? 
ATOM   269  O  O   . PHE A 1 31  ? 6.926   -3.498  2.943   1.000 31.695  ? 1009 PHE AAA O   1 ? 
ATOM   270  C  CB  . PHE A 1 31  ? 6.756   -5.437  0.805   1.000 33.936  ? 1009 PHE AAA CB  1 ? 
ATOM   271  C  CG  . PHE A 1 31  ? 7.049   -6.176  -0.469  1.000 36.185  ? 1009 PHE AAA CG  1 ? 
ATOM   272  C  CD1 . PHE A 1 31  ? 7.812   -5.586  -1.477  1.000 35.580  ? 1009 PHE AAA CD1 1 ? 
ATOM   273  C  CD2 . PHE A 1 31  ? 6.587   -7.481  -0.633  1.000 40.687  ? 1009 PHE AAA CD2 1 ? 
ATOM   274  C  CE1 . PHE A 1 31  ? 8.130   -6.312  -2.629  1.000 36.363  ? 1009 PHE AAA CE1 1 ? 
ATOM   275  C  CE2 . PHE A 1 31  ? 6.899   -8.200  -1.783  1.000 41.353  ? 1009 PHE AAA CE2 1 ? 
ATOM   276  C  CZ  . PHE A 1 31  ? 7.677   -7.609  -2.772  1.000 35.420  ? 1009 PHE AAA CZ  1 ? 
ATOM   277  N  N   . THR A 1 32  ? 8.096   -5.059  4.089   1.000 33.734  ? 1010 THR AAA N   1 ? 
ATOM   278  C  CA  . THR A 1 32  ? 7.660   -4.565  5.384   1.000 33.296  ? 1010 THR AAA CA  1 ? 
ATOM   279  C  C   . THR A 1 32  ? 8.528   -3.388  5.859   1.000 39.044  ? 1010 THR AAA C   1 ? 
ATOM   280  O  O   . THR A 1 32  ? 8.178   -2.739  6.845   1.000 39.524  ? 1010 THR AAA O   1 ? 
ATOM   281  C  CB  . THR A 1 32  ? 7.648   -5.646  6.465   1.000 36.380  ? 1010 THR AAA CB  1 ? 
ATOM   282  O  OG1 . THR A 1 32  ? 8.960   -6.199  6.667   1.000 37.340  ? 1010 THR AAA OG1 1 ? 
ATOM   283  C  CG2 . THR A 1 32  ? 6.623   -6.736  6.184   1.000 31.866  ? 1010 THR AAA CG2 1 ? 
ATOM   284  N  N   . LYS A 1 33  ? 9.652   -3.126  5.181   1.000 35.257  ? 1011 LYS AAA N   1 ? 
ATOM   285  C  CA  . LYS A 1 33  ? 10.570  -2.076  5.614   1.000 36.972  ? 1011 LYS AAA CA  1 ? 
ATOM   286  C  C   . LYS A 1 33  ? 11.100  -1.410  4.355   1.000 36.946  ? 1011 LYS AAA C   1 ? 
ATOM   287  O  O   . LYS A 1 33  ? 11.107  -2.019  3.301   1.000 33.708  ? 1011 LYS AAA O   1 ? 
ATOM   288  C  CB  . LYS A 1 33  ? 11.806  -2.698  6.293   1.000 46.436  ? 1011 LYS AAA CB  1 ? 
ATOM   289  C  CG  . LYS A 1 33  ? 11.696  -3.051  7.771   1.000 54.573  ? 1011 LYS AAA CG  1 ? 
ATOM   290  C  CD  . LYS A 1 33  ? 12.348  -1.979  8.658   1.000 88.376  ? 1011 LYS AAA CD  1 ? 
ATOM   291  C  CE  . LYS A 1 33  ? 12.112  -2.130  10.150  1.000 92.472  ? 1011 LYS AAA CE  1 ? 
ATOM   292  N  NZ  . LYS A 1 33  ? 10.725  -1.751  10.519  1.000 103.466 ? 1011 LYS AAA NZ  1 ? 
ATOM   293  N  N   . PRO A 1 34  ? 11.562  -0.143  4.393   1.000 40.219  ? 1012 PRO AAA N   1 ? 
ATOM   294  C  CA  . PRO A 1 34  ? 12.155  0.450   3.193   1.000 42.926  ? 1012 PRO AAA CA  1 ? 
ATOM   295  C  C   . PRO A 1 34  ? 13.397  -0.351  2.767   1.000 46.459  ? 1012 PRO AAA C   1 ? 
ATOM   296  O  O   . PRO A 1 34  ? 14.039  -1.006  3.583   1.000 41.254  ? 1012 PRO AAA O   1 ? 
ATOM   297  C  CB  . PRO A 1 34  ? 12.521  1.875   3.601   1.000 40.916  ? 1012 PRO AAA CB  1 ? 
ATOM   298  C  CG  . PRO A 1 34  ? 11.957  2.094   4.991   1.000 44.855  ? 1012 PRO AAA CG  1 ? 
ATOM   299  C  CD  . PRO A 1 34  ? 11.594  0.737   5.569   1.000 44.129  ? 1012 PRO AAA CD  1 ? 
ATOM   300  N  N   . VAL A 1 35  ? 13.701  -0.327  1.472   1.000 48.685  ? 1013 VAL AAA N   1 ? 
ATOM   301  C  CA  . VAL A 1 35  ? 14.944  -0.896  0.952   1.000 58.717  ? 1013 VAL AAA CA  1 ? 
ATOM   302  C  C   . VAL A 1 35  ? 16.125  -0.174  1.596   1.000 60.389  ? 1013 VAL AAA C   1 ? 
ATOM   303  O  O   . VAL A 1 35  ? 16.187  1.051   1.551   1.000 66.302  ? 1013 VAL AAA O   1 ? 
ATOM   304  C  CB  . VAL A 1 35  ? 15.000  -0.789  -0.584  1.000 54.528  ? 1013 VAL AAA CB  1 ? 
ATOM   305  C  CG1 . VAL A 1 35  ? 16.383  -1.152  -1.128  1.000 54.096  ? 1013 VAL AAA CG1 1 ? 
ATOM   306  C  CG2 . VAL A 1 35  ? 13.925  -1.651  -1.227  1.000 52.190  ? 1013 VAL AAA CG2 1 ? 
ATOM   307  N  N   . ASP A 1 36  ? 17.063  -0.936  2.175   1.000 64.648  ? 1014 ASP AAA N   1 ? 
ATOM   308  C  CA  . ASP A 1 36  ? 18.213  -0.369  2.877   1.000 76.464  ? 1014 ASP AAA CA  1 ? 
ATOM   309  C  C   . ASP A 1 36  ? 19.229  0.195   1.870   1.000 82.953  ? 1014 ASP AAA C   1 ? 
ATOM   310  O  O   . ASP A 1 36  ? 19.686  -0.551  0.998   1.000 77.049  ? 1014 ASP AAA O   1 ? 
ATOM   311  C  CB  . ASP A 1 36  ? 18.827  -1.430  3.798   1.000 75.011  ? 1014 ASP AAA CB  1 ? 
ATOM   312  C  CG  . ASP A 1 36  ? 20.015  -0.947  4.617   1.000 85.380  ? 1014 ASP AAA CG  1 ? 
ATOM   313  O  OD1 . ASP A 1 36  ? 20.268  0.279   4.653   1.000 78.159  ? 1014 ASP AAA OD1 1 ? 
ATOM   314  O  OD2 . ASP A 1 36  ? 20.677  -1.805  5.220   1.000 96.268  ? 1014 ASP AAA OD2 1 ? 
ATOM   315  N  N   . PRO A 1 37  ? 19.634  1.499   1.935   1.000 87.137  ? 1015 PRO AAA N   1 ? 
ATOM   316  C  CA  . PRO A 1 37  ? 20.496  2.084   0.901   1.000 94.874  ? 1015 PRO AAA CA  1 ? 
ATOM   317  C  C   . PRO A 1 37  ? 21.962  1.686   1.072   1.000 105.294 ? 1015 PRO AAA C   1 ? 
ATOM   318  O  O   . PRO A 1 37  ? 22.813  2.130   0.306   1.000 117.374 ? 1015 PRO AAA O   1 ? 
ATOM   319  C  CB  . PRO A 1 37  ? 20.243  3.601   0.970   1.000 83.868  ? 1015 PRO AAA CB  1 ? 
ATOM   320  C  CG  . PRO A 1 37  ? 19.666  3.836   2.361   1.000 84.631  ? 1015 PRO AAA CG  1 ? 
ATOM   321  C  CD  . PRO A 1 37  ? 19.308  2.490   2.976   1.000 81.598  ? 1015 PRO AAA CD  1 ? 
ATOM   322  N  N   . ASP A 1 38  ? 22.227  0.829   2.071   1.000 110.904 ? 1016 ASP AAA N   1 ? 
ATOM   323  C  CA  . ASP A 1 38  ? 23.440  0.028   2.151   1.000 101.064 ? 1016 ASP AAA CA  1 ? 
ATOM   324  C  C   . ASP A 1 38  ? 23.428  -1.015  1.041   1.000 103.055 ? 1016 ASP AAA C   1 ? 
ATOM   325  O  O   . ASP A 1 38  ? 24.078  -0.829  0.016   1.000 110.336 ? 1016 ASP AAA O   1 ? 
ATOM   326  C  CB  . ASP A 1 38  ? 23.560  -0.697  3.489   1.000 102.665 ? 1016 ASP AAA CB  1 ? 
ATOM   327  C  CG  . ASP A 1 38  ? 24.031  0.213   4.605   1.000 107.106 ? 1016 ASP AAA CG  1 ? 
ATOM   328  O  OD1 . ASP A 1 38  ? 24.238  1.420   4.332   1.000 101.348 ? 1016 ASP AAA OD1 1 ? 
ATOM   329  O  OD2 . ASP A 1 38  ? 24.188  -0.294  5.732   1.000 96.778  ? 1016 ASP AAA OD2 1 ? 
ATOM   330  N  N   . GLU A 1 39  ? 22.665  -2.097  1.244   1.000 96.562  ? 1017 GLU AAA N   1 ? 
ATOM   331  C  CA  . GLU A 1 39  ? 22.578  -3.146  0.241   1.000 90.932  ? 1017 GLU AAA CA  1 ? 
ATOM   332  C  C   . GLU A 1 39  ? 22.302  -2.547  -1.133  1.000 88.312  ? 1017 GLU AAA C   1 ? 
ATOM   333  O  O   . GLU A 1 39  ? 22.879  -3.004  -2.122  1.000 89.598  ? 1017 GLU AAA O   1 ? 
ATOM   334  C  CB  . GLU A 1 39  ? 21.503  -4.187  0.562   1.000 101.762 ? 1017 GLU AAA CB  1 ? 
ATOM   335  C  CG  . GLU A 1 39  ? 21.959  -5.251  1.537   1.000 104.781 ? 1017 GLU AAA CG  1 ? 
ATOM   336  C  CD  . GLU A 1 39  ? 21.950  -4.761  2.972   1.000 112.163 ? 1017 GLU AAA CD  1 ? 
ATOM   337  O  OE1 . GLU A 1 39  ? 21.527  -3.599  3.202   1.000 113.725 ? 1017 GLU AAA OE1 1 ? 
ATOM   338  O  OE2 . GLU A 1 39  ? 22.367  -5.535  3.855   1.000 119.472 ? 1017 GLU AAA OE2 1 ? 
ATOM   339  N  N   . VAL A 1 40  ? 21.422  -1.534  -1.199  1.000 70.968  ? 1018 VAL AAA N   1 ? 
ATOM   340  C  CA  . VAL A 1 40  ? 20.939  -1.125  -2.508  1.000 70.886  ? 1018 VAL AAA CA  1 ? 
ATOM   341  C  C   . VAL A 1 40  ? 21.135  0.376   -2.737  1.000 75.085  ? 1018 VAL AAA C   1 ? 
ATOM   342  O  O   . VAL A 1 40  ? 20.167  1.130   -2.773  1.000 64.516  ? 1018 VAL AAA O   1 ? 
ATOM   343  C  CB  . VAL A 1 40  ? 19.495  -1.597  -2.780  1.000 68.461  ? 1018 VAL AAA CB  1 ? 
ATOM   344  C  CG1 . VAL A 1 40  ? 19.290  -1.905  -4.257  1.000 68.578  ? 1018 VAL AAA CG1 1 ? 
ATOM   345  C  CG2 . VAL A 1 40  ? 19.084  -2.798  -1.925  1.000 62.155  ? 1018 VAL AAA CG2 1 ? 
ATOM   346  N  N   . PRO A 1 41  ? 22.379  0.854   -3.013  1.000 91.792  ? 1019 PRO AAA N   1 ? 
ATOM   347  C  CA  . PRO A 1 41  ? 22.623  2.289   -3.187  1.000 81.749  ? 1019 PRO AAA CA  1 ? 
ATOM   348  C  C   . PRO A 1 41  ? 21.981  2.896   -4.437  1.000 81.849  ? 1019 PRO AAA C   1 ? 
ATOM   349  O  O   . PRO A 1 41  ? 21.679  4.091   -4.452  1.000 87.306  ? 1019 PRO AAA O   1 ? 
ATOM   350  C  CB  . PRO A 1 41  ? 24.160  2.404   -3.205  1.000 82.452  ? 1019 PRO AAA CB  1 ? 
ATOM   351  C  CG  . PRO A 1 41  ? 24.632  1.045   -3.698  1.000 86.355  ? 1019 PRO AAA CG  1 ? 
ATOM   352  C  CD  . PRO A 1 41  ? 23.604  0.050   -3.198  1.000 88.283  ? 1019 PRO AAA CD  1 ? 
ATOM   353  N  N   . ASP A 1 42  ? 21.737  2.077   -5.472  1.000 72.387  ? 1020 ASP AAA N   1 ? 
ATOM   354  C  CA  . ASP A 1 42  ? 21.096  2.589   -6.679  1.000 71.430  ? 1020 ASP AAA CA  1 ? 
ATOM   355  C  C   . ASP A 1 42  ? 19.560  2.634   -6.562  1.000 64.580  ? 1020 ASP AAA C   1 ? 
ATOM   356  O  O   . ASP A 1 42  ? 18.878  3.177   -7.450  1.000 53.848  ? 1020 ASP AAA O   1 ? 
ATOM   357  C  CB  . ASP A 1 42  ? 21.587  1.858   -7.935  1.000 74.333  ? 1020 ASP AAA CB  1 ? 
ATOM   358  C  CG  . ASP A 1 42  ? 21.187  0.394   -7.979  1.000 88.596  ? 1020 ASP AAA CG  1 ? 
ATOM   359  O  OD1 . ASP A 1 42  ? 21.541  -0.343  -7.020  1.000 102.971 ? 1020 ASP AAA OD1 1 ? 
ATOM   360  O  OD2 . ASP A 1 42  ? 20.512  0.000   -8.963  1.000 80.684  ? 1020 ASP AAA OD2 1 ? 
ATOM   361  N  N   . TYR A 1 43  ? 18.993  2.055   -5.483  1.000 52.508  ? 1021 TYR AAA N   1 ? 
ATOM   362  C  CA  . TYR A 1 43  ? 17.541  1.889   -5.457  1.000 48.651  ? 1021 TYR AAA CA  1 ? 
ATOM   363  C  C   . TYR A 1 43  ? 16.900  3.273   -5.540  1.000 56.509  ? 1021 TYR AAA C   1 ? 
ATOM   364  O  O   . TYR A 1 43  ? 16.137  3.562   -6.483  1.000 50.767  ? 1021 TYR AAA O   1 ? 
ATOM   365  C  CB  . TYR A 1 43  ? 17.055  1.218   -4.167  1.000 48.233  ? 1021 TYR AAA CB  1 ? 
ATOM   366  C  CG  . TYR A 1 43  ? 15.579  0.903   -4.230  1.000 48.917  ? 1021 TYR AAA CG  1 ? 
ATOM   367  C  CD1 . TYR A 1 43  ? 15.120  -0.151  -5.022  1.000 47.489  ? 1021 TYR AAA CD1 1 ? 
ATOM   368  C  CD2 . TYR A 1 43  ? 14.632  1.694   -3.570  1.000 47.210  ? 1021 TYR AAA CD2 1 ? 
ATOM   369  C  CE1 . TYR A 1 43  ? 13.770  -0.462  -5.126  1.000 44.504  ? 1021 TYR AAA CE1 1 ? 
ATOM   370  C  CE2 . TYR A 1 43  ? 13.273  1.384   -3.656  1.000 42.437  ? 1021 TYR AAA CE2 1 ? 
ATOM   371  C  CZ  . TYR A 1 43  ? 12.845  0.317   -4.446  1.000 42.157  ? 1021 TYR AAA CZ  1 ? 
ATOM   372  O  OH  . TYR A 1 43  ? 11.527  -0.015  -4.595  1.000 37.999  ? 1021 TYR AAA OH  1 ? 
ATOM   373  N  N   . VAL A 1 44  ? 17.312  4.088   -4.548  1.000 54.071  ? 1022 VAL AAA N   1 ? 
ATOM   374  C  CA  . VAL A 1 44  ? 16.855  5.437   -4.247  1.000 64.289  ? 1022 VAL AAA CA  1 ? 
ATOM   375  C  C   . VAL A 1 44  ? 17.070  6.359   -5.454  1.000 62.739  ? 1022 VAL AAA C   1 ? 
ATOM   376  O  O   . VAL A 1 44  ? 16.342  7.331   -5.619  1.000 65.584  ? 1022 VAL AAA O   1 ? 
ATOM   377  C  CB  . VAL A 1 44  ? 17.449  5.950   -2.911  1.000 71.987  ? 1022 VAL AAA CB  1 ? 
ATOM   378  C  CG1 . VAL A 1 44  ? 18.955  6.198   -2.939  1.000 80.171  ? 1022 VAL AAA CG1 1 ? 
ATOM   379  C  CG2 . VAL A 1 44  ? 16.699  7.139   -2.337  1.000 68.139  ? 1022 VAL AAA CG2 1 ? 
ATOM   380  N  N   . THR A 1 45  ? 17.995  6.005   -6.353  1.000 59.810  ? 1023 THR AAA N   1 ? 
ATOM   381  C  CA  . THR A 1 45  ? 18.160  6.770   -7.581  1.000 65.836  ? 1023 THR AAA CA  1 ? 
ATOM   382  C  C   . THR A 1 45  ? 17.265  6.253   -8.710  1.000 66.844  ? 1023 THR AAA C   1 ? 
ATOM   383  O  O   . THR A 1 45  ? 16.877  7.040   -9.573  1.000 63.613  ? 1023 THR AAA O   1 ? 
ATOM   384  C  CB  . THR A 1 45  ? 19.634  6.954   -7.983  1.000 72.572  ? 1023 THR AAA CB  1 ? 
ATOM   385  O  OG1 . THR A 1 45  ? 20.032  5.859   -8.816  1.000 80.856  ? 1023 THR AAA OG1 1 ? 
ATOM   386  C  CG2 . THR A 1 45  ? 20.579  7.154   -6.814  1.000 59.321  ? 1023 THR AAA CG2 1 ? 
ATOM   387  N  N   . VAL A 1 46  ? 16.947  4.946   -8.744  1.000 52.629  ? 1024 VAL AAA N   1 ? 
ATOM   388  C  CA  . VAL A 1 46  ? 16.077  4.472   -9.817  1.000 48.242  ? 1024 VAL AAA CA  1 ? 
ATOM   389  C  C   . VAL A 1 46  ? 14.604  4.681   -9.441  1.000 47.918  ? 1024 VAL AAA C   1 ? 
ATOM   390  O  O   . VAL A 1 46  ? 13.743  4.969   -10.283 1.000 44.905  ? 1024 VAL AAA O   1 ? 
ATOM   391  C  CB  . VAL A 1 46  ? 16.327  2.993   -10.183 1.000 49.503  ? 1024 VAL AAA CB  1 ? 
ATOM   392  C  CG1 . VAL A 1 46  ? 15.231  2.456   -11.107 1.000 45.280  ? 1024 VAL AAA CG1 1 ? 
ATOM   393  C  CG2 . VAL A 1 46  ? 17.729  2.740   -10.748 1.000 54.238  ? 1024 VAL AAA CG2 1 ? 
ATOM   394  N  N   . ILE A 1 47  ? 14.290  4.391   -8.179  1.000 42.796  ? 1025 ILE AAA N   1 ? 
ATOM   395  C  CA  . ILE A 1 47  ? 12.887  4.405   -7.789  1.000 37.185  ? 1025 ILE AAA CA  1 ? 
ATOM   396  C  C   . ILE A 1 47  ? 12.621  5.737   -7.100  1.000 36.099  ? 1025 ILE AAA C   1 ? 
ATOM   397  O  O   . ILE A 1 47  ? 13.139  6.009   -5.996  1.000 39.132  ? 1025 ILE AAA O   1 ? 
ATOM   398  C  CB  . ILE A 1 47  ? 12.590  3.172   -6.900  1.000 38.299  ? 1025 ILE AAA CB  1 ? 
ATOM   399  C  CG1 . ILE A 1 47  ? 12.752  1.851   -7.682  1.000 34.217  ? 1025 ILE AAA CG1 1 ? 
ATOM   400  C  CG2 . ILE A 1 47  ? 11.219  3.282   -6.237  1.000 31.681  ? 1025 ILE AAA CG2 1 ? 
ATOM   401  C  CD1 . ILE A 1 47  ? 11.763  1.693   -8.836  1.000 31.948  ? 1025 ILE AAA CD1 1 ? 
ATOM   402  N  N   . LYS A 1 48  ? 11.816  6.542   -7.789  1.000 40.472  ? 1026 LYS AAA N   1 ? 
ATOM   403  C  CA  . LYS A 1 48  ? 11.562  7.917   -7.362  1.000 43.821  ? 1026 LYS AAA CA  1 ? 
ATOM   404  C  C   . LYS A 1 48  ? 10.578  7.989   -6.205  1.000 43.744  ? 1026 LYS AAA C   1 ? 
ATOM   405  O  O   . LYS A 1 48  ? 10.684  8.930   -5.424  1.000 38.230  ? 1026 LYS AAA O   1 ? 
ATOM   406  C  CB  . LYS A 1 48  ? 11.044  8.762   -8.528  1.000 45.764  ? 1026 LYS AAA CB  1 ? 
ATOM   407  C  CG  . LYS A 1 48  ? 12.056  8.953   -9.643  1.000 46.637  ? 1026 LYS AAA CG  1 ? 
ATOM   408  C  CD  . LYS A 1 48  ? 13.509  9.143   -9.206  1.000 51.219  ? 1026 LYS AAA CD  1 ? 
ATOM   409  C  CE  . LYS A 1 48  ? 14.388  9.461   -10.406 1.000 49.544  ? 1026 LYS AAA CE  1 ? 
ATOM   410  N  NZ  . LYS A 1 48  ? 15.812  9.503   -10.008 1.000 53.130  ? 1026 LYS AAA NZ  1 ? 
ATOM   411  N  N   A GLN A 1 49  ? 9.673   6.997   -6.083  0.500 36.282  ? 1027 GLN AAA N   1 ? 
ATOM   412  N  N   B GLN A 1 49  ? 9.622   7.047   -6.118  0.500 38.605  ? 1027 GLN AAA N   1 ? 
ATOM   413  C  CA  A GLN A 1 49  ? 8.684   7.005   -5.019  0.500 37.089  ? 1027 GLN AAA CA  1 ? 
ATOM   414  C  CA  B GLN A 1 49  ? 8.756   7.059   -4.954  0.500 40.301  ? 1027 GLN AAA CA  1 ? 
ATOM   415  C  C   A GLN A 1 49  ? 8.710   5.680   -4.251  0.500 35.485  ? 1027 GLN AAA C   1 ? 
ATOM   416  C  C   B GLN A 1 49  ? 8.746   5.686   -4.286  0.500 37.483  ? 1027 GLN AAA C   1 ? 
ATOM   417  O  O   A GLN A 1 49  ? 7.786   4.888   -4.415  0.500 38.625  ? 1027 GLN AAA O   1 ? 
ATOM   418  O  O   B GLN A 1 49  ? 7.867   4.877   -4.578  0.500 38.067  ? 1027 GLN AAA O   1 ? 
ATOM   419  C  CB  A GLN A 1 49  ? 7.292   7.159   -5.634  0.500 32.402  ? 1027 GLN AAA CB  1 ? 
ATOM   420  C  CB  B GLN A 1 49  ? 7.347   7.516   -5.319  0.500 40.879  ? 1027 GLN AAA CB  1 ? 
ATOM   421  C  CG  A GLN A 1 49  ? 7.043   8.556   -6.175  0.500 34.263  ? 1027 GLN AAA CG  1 ? 
ATOM   422  C  CG  B GLN A 1 49  ? 6.899   8.650   -4.417  0.500 47.612  ? 1027 GLN AAA CG  1 ? 
ATOM   423  C  CD  A GLN A 1 49  ? 5.595   8.887   -6.409  0.500 32.437  ? 1027 GLN AAA CD  1 ? 
ATOM   424  C  CD  B GLN A 1 49  ? 5.443   8.981   -4.578  0.500 47.627  ? 1027 GLN AAA CD  1 ? 
ATOM   425  O  OE1 A GLN A 1 49  ? 4.980   8.392   -7.332  0.500 30.111  ? 1027 GLN AAA OE1 1 ? 
ATOM   426  O  OE1 B GLN A 1 49  ? 4.787   9.382   -3.616  0.500 48.246  ? 1027 GLN AAA OE1 1 ? 
ATOM   427  N  NE2 A GLN A 1 49  ? 5.071   9.806   -5.605  0.500 38.985  ? 1027 GLN AAA NE2 1 ? 
ATOM   428  N  NE2 B GLN A 1 49  ? 4.937   8.787   -5.794  0.500 45.462  ? 1027 GLN AAA NE2 1 ? 
ATOM   429  N  N   . PRO A 1 50  ? 9.738   5.416   -3.408  1.000 35.038  ? 1028 PRO AAA N   1 ? 
ATOM   430  C  CA  . PRO A 1 50  ? 9.875   4.127   -2.725  1.000 33.952  ? 1028 PRO AAA CA  1 ? 
ATOM   431  C  C   . PRO A 1 50  ? 8.625   3.953   -1.873  1.000 33.388  ? 1028 PRO AAA C   1 ? 
ATOM   432  O  O   . PRO A 1 50  ? 8.107   4.940   -1.395  1.000 33.999  ? 1028 PRO AAA O   1 ? 
ATOM   433  C  CB  . PRO A 1 50  ? 11.046  4.365   -1.765  1.000 34.097  ? 1028 PRO AAA CB  1 ? 
ATOM   434  C  CG  . PRO A 1 50  ? 11.864  5.462   -2.458  1.000 43.708  ? 1028 PRO AAA CG  1 ? 
ATOM   435  C  CD  . PRO A 1 50  ? 10.830  6.356   -3.086  1.000 38.413  ? 1028 PRO AAA CD  1 ? 
ATOM   436  N  N   . MET A 1 51  ? 8.143   2.727   -1.701  1.000 28.433  ? 1029 MET AAA N   1 ? 
ATOM   437  C  CA  . MET A 1 51  ? 6.970   2.581   -0.826  1.000 27.678  ? 1029 MET AAA CA  1 ? 
ATOM   438  C  C   . MET A 1 51  ? 7.071   1.213   -0.188  1.000 28.147  ? 1029 MET AAA C   1 ? 
ATOM   439  O  O   . MET A 1 51  ? 7.635   0.300   -0.810  1.000 30.100  ? 1029 MET AAA O   1 ? 
ATOM   440  C  CB  . MET A 1 51  ? 5.688   2.674   -1.655  1.000 29.023  ? 1029 MET AAA CB  1 ? 
ATOM   441  C  CG  . MET A 1 51  ? 4.349   2.691   -0.806  1.000 29.170  ? 1029 MET AAA CG  1 ? 
ATOM   442  S  SD  . MET A 1 51  ? 4.324   3.840   0.573   1.000 35.129  ? 1029 MET AAA SD  1 ? 
ATOM   443  C  CE  . MET A 1 51  ? 4.522   5.331   -0.421  1.000 32.496  ? 1029 MET AAA CE  1 ? 
ATOM   444  N  N   . ASP A 1 52  ? 6.595   1.090   1.052   1.000 29.720  ? 1030 ASP AAA N   1 ? 
ATOM   445  C  CA  . ASP A 1 52  ? 6.662   -0.192  1.733   1.000 31.642  ? 1030 ASP AAA CA  1 ? 
ATOM   446  C  C   . ASP A 1 52  ? 5.584   -0.139  2.800   1.000 31.623  ? 1030 ASP AAA C   1 ? 
ATOM   447  O  O   . ASP A 1 52  ? 5.092   0.950   3.085   1.000 31.537  ? 1030 ASP AAA O   1 ? 
ATOM   448  C  CB  . ASP A 1 52  ? 8.031   -0.460  2.385   1.000 31.305  ? 1030 ASP AAA CB  1 ? 
ATOM   449  C  CG  . ASP A 1 52  ? 8.269   0.547   3.489   1.000 34.558  ? 1030 ASP AAA CG  1 ? 
ATOM   450  O  OD1 . ASP A 1 52  ? 8.611   1.679   3.164   1.000 38.738  ? 1030 ASP AAA OD1 1 ? 
ATOM   451  O  OD2 . ASP A 1 52  ? 7.981   0.241   4.628   1.000 37.793  ? 1030 ASP AAA OD2 1 ? 
ATOM   452  N  N   . LEU A 1 53  ? 5.319   -1.283  3.448   1.000 29.169  ? 1031 LEU AAA N   1 ? 
ATOM   453  C  CA  . LEU A 1 53  ? 4.192   -1.332  4.362   1.000 29.550  ? 1031 LEU AAA CA  1 ? 
ATOM   454  C  C   . LEU A 1 53  ? 4.468   -0.504  5.610   1.000 30.371  ? 1031 LEU AAA C   1 ? 
ATOM   455  O  O   . LEU A 1 53  ? 3.519   -0.045  6.257   1.000 29.205  ? 1031 LEU AAA O   1 ? 
ATOM   456  C  CB  . LEU A 1 53  ? 3.869   -2.791  4.730   1.000 28.453  ? 1031 LEU AAA CB  1 ? 
ATOM   457  C  CG  . LEU A 1 53  ? 3.441   -3.677  3.543   1.000 30.433  ? 1031 LEU AAA CG  1 ? 
ATOM   458  C  CD1 . LEU A 1 53  ? 3.199   -5.127  4.003   1.000 29.376  ? 1031 LEU AAA CD1 1 ? 
ATOM   459  C  CD2 . LEU A 1 53  ? 2.190   -3.120  2.818   1.000 27.983  ? 1031 LEU AAA CD2 1 ? 
ATOM   460  N  N   . SER A 1 54  ? 5.736   -0.351  6.035   1.000 30.507  ? 1032 SER AAA N   1 ? 
ATOM   461  C  CA  . SER A 1 54  ? 5.909   0.452   7.247   1.000 31.852  ? 1032 SER AAA CA  1 ? 
ATOM   462  C  C   . SER A 1 54  ? 5.602   1.927   6.933   1.000 27.652  ? 1032 SER AAA C   1 ? 
ATOM   463  O  O   . SER A 1 54  ? 5.028   2.631   7.754   1.000 33.650  ? 1032 SER AAA O   1 ? 
ATOM   464  C  CB  . SER A 1 54  ? 7.276   0.222   7.912   1.000 33.983  ? 1032 SER AAA CB  1 ? 
ATOM   465  O  OG  . SER A 1 54  ? 8.264   0.806   7.059   1.000 51.010  ? 1032 SER AAA OG  1 ? 
ATOM   466  N  N   . SER A 1 55  ? 5.965   2.408   5.737   1.000 28.255  ? 1033 SER AAA N   1 ? 
ATOM   467  C  CA  . SER A 1 55  ? 5.620   3.753   5.317   1.000 33.480  ? 1033 SER AAA CA  1 ? 
ATOM   468  C  C   . SER A 1 55  ? 4.110   3.902   5.158   1.000 31.409  ? 1033 SER AAA C   1 ? 
ATOM   469  O  O   . SER A 1 55  ? 3.574   4.969   5.453   1.000 28.893  ? 1033 SER AAA O   1 ? 
ATOM   470  C  CB  . SER A 1 55  ? 6.320   4.158   4.041   1.000 33.880  ? 1033 SER AAA CB  1 ? 
ATOM   471  O  OG  . SER A 1 55  ? 7.705   4.157   4.317   1.000 39.715  ? 1033 SER AAA OG  1 ? 
ATOM   472  N  N   . VAL A 1 56  ? 3.453   2.842   4.668   1.000 29.516  ? 1034 VAL AAA N   1 ? 
ATOM   473  C  CA  . VAL A 1 56  ? 2.003   2.871   4.614   1.000 26.730  ? 1034 VAL AAA CA  1 ? 
ATOM   474  C  C   . VAL A 1 56  ? 1.401   3.112   5.991   1.000 25.750  ? 1034 VAL AAA C   1 ? 
ATOM   475  O  O   . VAL A 1 56  ? 0.529   3.997   6.103   1.000 28.829  ? 1034 VAL AAA O   1 ? 
ATOM   476  C  CB  . VAL A 1 56  ? 1.437   1.628   3.888   1.000 27.624  ? 1034 VAL AAA CB  1 ? 
ATOM   477  C  CG1 . VAL A 1 56  ? -0.082  1.560   3.996   1.000 27.711  ? 1034 VAL AAA CG1 1 ? 
ATOM   478  C  CG2 . VAL A 1 56  ? 1.814   1.712   2.411   1.000 28.294  ? 1034 VAL AAA CG2 1 ? 
ATOM   479  N  N   . ILE A 1 57  ? 1.861   2.360   7.006   1.000 26.965  ? 1035 ILE AAA N   1 ? 
ATOM   480  C  CA  . ILE A 1 57  ? 1.388   2.543   8.388   1.000 28.530  ? 1035 ILE AAA CA  1 ? 
ATOM   481  C  C   . ILE A 1 57  ? 1.640   3.990   8.821   1.000 30.245  ? 1035 ILE AAA C   1 ? 
ATOM   482  O  O   . ILE A 1 57  ? 0.762   4.641   9.377   1.000 26.594  ? 1035 ILE AAA O   1 ? 
ATOM   483  C  CB  . ILE A 1 57  ? 2.036   1.536   9.368   1.000 33.180  ? 1035 ILE AAA CB  1 ? 
ATOM   484  C  CG1 . ILE A 1 57  ? 1.630   0.089   9.043   1.000 34.629  ? 1035 ILE AAA CG1 1 ? 
ATOM   485  C  CG2 . ILE A 1 57  ? 1.663   1.895   10.814  1.000 29.939  ? 1035 ILE AAA CG2 1 ? 
ATOM   486  C  CD1 . ILE A 1 57  ? 0.146   -0.147  9.340   1.000 37.476  ? 1035 ILE AAA CD1 1 ? 
ATOM   487  N  N   . SER A 1 58  ? 2.840   4.542   8.569   1.000 34.790  ? 1036 SER AAA N   1 ? 
ATOM   488  C  CA  . SER A 1 58  ? 3.096   5.935   8.966   1.000 31.401  ? 1036 SER AAA CA  1 ? 
ATOM   489  C  C   . SER A 1 58  ? 2.091   6.890   8.339   1.000 29.536  ? 1036 SER AAA C   1 ? 
ATOM   490  O  O   . SER A 1 58  ? 1.636   7.838   8.991   1.000 29.391  ? 1036 SER AAA O   1 ? 
ATOM   491  C  CB  . SER A 1 58  ? 4.522   6.381   8.553   1.000 33.229  ? 1036 SER AAA CB  1 ? 
ATOM   492  O  OG  . SER A 1 58  ? 5.401   5.565   9.291   1.000 46.532  ? 1036 SER AAA OG  1 ? 
ATOM   493  N  N   . LYS A 1 59  ? 1.836   6.718   7.025   1.000 29.311  ? 1037 LYS AAA N   1 ? 
ATOM   494  C  CA  . LYS A 1 59  ? 0.903   7.562   6.310   1.000 28.841  ? 1037 LYS AAA CA  1 ? 
ATOM   495  C  C   . LYS A 1 59  ? -0.529  7.435   6.829   1.000 29.559  ? 1037 LYS AAA C   1 ? 
ATOM   496  O  O   . LYS A 1 59  ? -1.239  8.441   6.997   1.000 27.410  ? 1037 LYS AAA O   1 ? 
ATOM   497  C  CB  . LYS A 1 59  ? 0.966   7.326   4.814   1.000 29.567  ? 1037 LYS AAA CB  1 ? 
ATOM   498  C  CG  . LYS A 1 59  ? 2.300   7.829   4.241   1.000 31.103  ? 1037 LYS AAA CG  1 ? 
ATOM   499  C  CD  . LYS A 1 59  ? 2.348   7.613   2.731   1.000 31.056  ? 1037 LYS AAA CD  1 ? 
ATOM   500  C  CE  . LYS A 1 59  ? 1.375   8.545   2.050   1.000 31.580  ? 1037 LYS AAA CE  1 ? 
ATOM   501  N  NZ  . LYS A 1 59  ? 1.497   8.513   0.576   1.000 33.734  ? 1037 LYS AAA NZ  1 ? 
ATOM   502  N  N   . ILE A 1 60  ? -0.883  6.224   7.241   1.000 27.174  ? 1038 ILE AAA N   1 ? 
ATOM   503  C  CA  . ILE A 1 60  ? -2.214  6.101   7.831   1.000 24.263  ? 1038 ILE AAA CA  1 ? 
ATOM   504  C  C   . ILE A 1 60  ? -2.295  6.972   9.095   1.000 24.398  ? 1038 ILE AAA C   1 ? 
ATOM   505  O  O   . ILE A 1 60  ? -3.277  7.731   9.258   1.000 27.279  ? 1038 ILE AAA O   1 ? 
ATOM   506  C  CB  . ILE A 1 60  ? -2.539  4.631   8.168   1.000 25.658  ? 1038 ILE AAA CB  1 ? 
ATOM   507  C  CG1 . ILE A 1 60  ? -2.676  3.788   6.896   1.000 24.110  ? 1038 ILE AAA CG1 1 ? 
ATOM   508  C  CG2 . ILE A 1 60  ? -3.826  4.617   9.022   1.000 24.918  ? 1038 ILE AAA CG2 1 ? 
ATOM   509  C  CD1 . ILE A 1 60  ? -2.709  2.264   7.175   1.000 23.733  ? 1038 ILE AAA CD1 1 ? 
ATOM   510  N  N   . ASP A 1 61  ? -1.324  6.772   10.013  1.000 26.626  ? 1039 ASP AAA N   1 ? 
ATOM   511  C  CA  . ASP A 1 61  ? -1.240  7.455   11.298  1.000 30.593  ? 1039 ASP AAA CA  1 ? 
ATOM   512  C  C   . ASP A 1 61  ? -1.117  8.977   11.141  1.000 34.565  ? 1039 ASP AAA C   1 ? 
ATOM   513  O  O   . ASP A 1 61  ? -1.551  9.716   12.031  1.000 33.768  ? 1039 ASP AAA O   1 ? 
ATOM   514  C  CB  . ASP A 1 61  ? -0.100  6.850   12.136  1.000 28.971  ? 1039 ASP AAA CB  1 ? 
ATOM   515  C  CG  . ASP A 1 61  ? -0.390  5.425   12.582  1.000 31.604  ? 1039 ASP AAA CG  1 ? 
ATOM   516  O  OD1 . ASP A 1 61  ? -1.562  5.014   12.492  1.000 36.181  ? 1039 ASP AAA OD1 1 ? 
ATOM   517  O  OD2 . ASP A 1 61  ? 0.543   4.735   13.036  1.000 32.084  ? 1039 ASP AAA OD2 1 ? 
ATOM   518  N  N   . LEU A 1 62  ? -0.550  9.465   10.029  1.000 29.079  ? 1040 LEU AAA N   1 ? 
ATOM   519  C  CA  . LEU A 1 62  ? -0.445  10.907  9.806   1.000 30.514  ? 1040 LEU AAA CA  1 ? 
ATOM   520  C  C   . LEU A 1 62  ? -1.691  11.417  9.116   1.000 33.145  ? 1040 LEU AAA C   1 ? 
ATOM   521  O  O   . LEU A 1 62  ? -1.699  12.556  8.644   1.000 34.966  ? 1040 LEU AAA O   1 ? 
ATOM   522  C  CB  . LEU A 1 62  ? 0.781   11.211  8.937   1.000 29.923  ? 1040 LEU AAA CB  1 ? 
ATOM   523  C  CG  . LEU A 1 62  ? 2.121   11.007  9.657   1.000 31.553  ? 1040 LEU AAA CG  1 ? 
ATOM   524  C  CD1 . LEU A 1 62  ? 3.281   10.964  8.662   1.000 33.680  ? 1040 LEU AAA CD1 1 ? 
ATOM   525  C  CD2 . LEU A 1 62  ? 2.354   12.100  10.705  1.000 37.800  ? 1040 LEU AAA CD2 1 ? 
ATOM   526  N  N   . HIS A 1 63  ? -2.740  10.570  8.969   1.000 31.207  ? 1041 HIS AAA N   1 ? 
ATOM   527  C  CA  . HIS A 1 63  ? -3.986  10.981  8.328   1.000 31.209  ? 1041 HIS AAA CA  1 ? 
ATOM   528  C  C   . HIS A 1 63  ? -3.788  11.383  6.869   1.000 35.407  ? 1041 HIS AAA C   1 ? 
ATOM   529  O  O   . HIS A 1 63  ? -4.544  12.187  6.322   1.000 34.773  ? 1041 HIS AAA O   1 ? 
ATOM   530  C  CB  . HIS A 1 63  ? -4.703  12.115  9.119   1.000 29.890  ? 1041 HIS AAA CB  1 ? 
ATOM   531  C  CG  . HIS A 1 63  ? -5.020  11.758  10.522  1.000 30.714  ? 1041 HIS AAA CG  1 ? 
ATOM   532  N  ND1 . HIS A 1 63  ? -5.920  12.480  11.264  1.000 34.920  ? 1041 HIS AAA ND1 1 ? 
ATOM   533  C  CD2 . HIS A 1 63  ? -4.587  10.762  11.319  1.000 35.334  ? 1041 HIS AAA CD2 1 ? 
ATOM   534  C  CE1 . HIS A 1 63  ? -5.999  11.970  12.484  1.000 31.897  ? 1041 HIS AAA CE1 1 ? 
ATOM   535  N  NE2 . HIS A 1 63  ? -5.171  10.919  12.545  1.000 37.724  ? 1041 HIS AAA NE2 1 ? 
ATOM   536  N  N   . LYS A 1 64  ? -2.871  10.732  6.182   1.000 30.868  ? 1042 LYS AAA N   1 ? 
ATOM   537  C  CA  . LYS A 1 64  ? -2.682  11.067  4.781   1.000 30.534  ? 1042 LYS AAA CA  1 ? 
ATOM   538  C  C   . LYS A 1 64  ? -3.662  10.364  3.861   1.000 31.786  ? 1042 LYS AAA C   1 ? 
ATOM   539  O  O   . LYS A 1 64  ? -3.722  10.789  2.729   1.000 30.017  ? 1042 LYS AAA O   1 ? 
ATOM   540  C  CB  . LYS A 1 64  ? -1.296  10.690  4.250   1.000 34.138  ? 1042 LYS AAA CB  1 ? 
ATOM   541  C  CG  . LYS A 1 64  ? -0.155  11.321  5.036   1.000 40.953  ? 1042 LYS AAA CG  1 ? 
ATOM   542  C  CD  . LYS A 1 64  ? -0.029  12.788  4.777   1.000 49.061  ? 1042 LYS AAA CD  1 ? 
ATOM   543  C  CE  . LYS A 1 64  ? 1.307   13.302  5.288   1.000 57.552  ? 1042 LYS AAA CE  1 ? 
ATOM   544  N  NZ  . LYS A 1 64  ? 1.827   14.359  4.393   1.000 71.909  ? 1042 LYS AAA NZ  1 ? 
ATOM   545  N  N   . TYR A 1 65  ? -4.360  9.289   4.271   1.000 27.433  ? 1043 TYR AAA N   1 ? 
ATOM   546  C  CA  . TYR A 1 65  ? -5.285  8.647   3.361   1.000 27.977  ? 1043 TYR AAA CA  1 ? 
ATOM   547  C  C   . TYR A 1 65  ? -6.684  9.090   3.765   1.000 30.085  ? 1043 TYR AAA C   1 ? 
ATOM   548  O  O   . TYR A 1 65  ? -7.114  8.790   4.883   1.000 34.745  ? 1043 TYR AAA O   1 ? 
ATOM   549  C  CB  . TYR A 1 65  ? -5.199  7.110   3.459   1.000 29.857  ? 1043 TYR AAA CB  1 ? 
ATOM   550  C  CG  . TYR A 1 65  ? -3.839  6.549   3.086   1.000 26.122  ? 1043 TYR AAA CG  1 ? 
ATOM   551  C  CD1 . TYR A 1 65  ? -3.266  6.812   1.834   1.000 25.811  ? 1043 TYR AAA CD1 1 ? 
ATOM   552  C  CD2 . TYR A 1 65  ? -3.072  5.871   4.030   1.000 27.049  ? 1043 TYR AAA CD2 1 ? 
ATOM   553  C  CE1 . TYR A 1 65  ? -1.990  6.311   1.557   1.000 26.673  ? 1043 TYR AAA CE1 1 ? 
ATOM   554  C  CE2 . TYR A 1 65  ? -1.819  5.332   3.744   1.000 28.084  ? 1043 TYR AAA CE2 1 ? 
ATOM   555  C  CZ  . TYR A 1 65  ? -1.275  5.564   2.491   1.000 27.277  ? 1043 TYR AAA CZ  1 ? 
ATOM   556  O  OH  . TYR A 1 65  ? -0.014  5.061   2.210   1.000 26.403  ? 1043 TYR AAA OH  1 ? 
ATOM   557  N  N   . LEU A 1 66  ? -7.409  9.696   2.854   1.000 29.046  ? 1044 LEU AAA N   1 ? 
ATOM   558  C  CA  . LEU A 1 66  ? -8.805  10.028  3.186   1.000 34.513  ? 1044 LEU AAA CA  1 ? 
ATOM   559  C  C   . LEU A 1 66  ? -9.760  9.115   2.425   1.000 31.793  ? 1044 LEU AAA C   1 ? 
ATOM   560  O  O   . LEU A 1 66  ? -10.960 9.186   2.641   1.000 27.529  ? 1044 LEU AAA O   1 ? 
ATOM   561  C  CB  . LEU A 1 66  ? -9.128  11.483  2.805   1.000 40.796  ? 1044 LEU AAA CB  1 ? 
ATOM   562  C  CG  . LEU A 1 66  ? -8.304  12.610  3.456   1.000 47.271  ? 1044 LEU AAA CG  1 ? 
ATOM   563  C  CD1 . LEU A 1 66  ? -9.056  13.930  3.274   1.000 44.059  ? 1044 LEU AAA CD1 1 ? 
ATOM   564  C  CD2 . LEU A 1 66  ? -7.992  12.375  4.936   1.000 43.928  ? 1044 LEU AAA CD2 1 ? 
ATOM   565  N  N   . THR A 1 67  ? -9.251  8.218   1.563   1.000 29.547  ? 1045 THR AAA N   1 ? 
ATOM   566  C  CA  . THR A 1 67  ? -10.133 7.265   0.900   1.000 24.851  ? 1045 THR AAA CA  1 ? 
ATOM   567  C  C   . THR A 1 67  ? -9.356  5.964   0.693   1.000 29.693  ? 1045 THR AAA C   1 ? 
ATOM   568  O  O   . THR A 1 67  ? -8.122  5.965   0.773   1.000 30.137  ? 1045 THR AAA O   1 ? 
ATOM   569  C  CB  . THR A 1 67  ? -10.539 7.694   -0.525  1.000 30.504  ? 1045 THR AAA CB  1 ? 
ATOM   570  O  OG1 . THR A 1 67  ? -9.336  7.786   -1.300  1.000 30.892  ? 1045 THR AAA OG1 1 ? 
ATOM   571  C  CG2 . THR A 1 67  ? -11.247 9.038   -0.587  1.000 32.329  ? 1045 THR AAA CG2 1 ? 
ATOM   572  N  N   . VAL A 1 68  ? -10.086 4.895   0.386   1.000 28.596  ? 1046 VAL AAA N   1 ? 
ATOM   573  C  CA  . VAL A 1 68  ? -9.422  3.609   0.142   1.000 28.361  ? 1046 VAL AAA CA  1 ? 
ATOM   574  C  C   . VAL A 1 68  ? -8.699  3.698   -1.188  1.000 32.782  ? 1046 VAL AAA C   1 ? 
ATOM   575  O  O   . VAL A 1 68  ? -7.638  3.107   -1.369  1.000 29.856  ? 1046 VAL AAA O   1 ? 
ATOM   576  C  CB  . VAL A 1 68  ? -10.393 2.423   0.191   1.000 27.827  ? 1046 VAL AAA CB  1 ? 
ATOM   577  C  CG1 . VAL A 1 68  ? -9.631  1.128   -0.146  1.000 29.392  ? 1046 VAL AAA CG1 1 ? 
ATOM   578  C  CG2 . VAL A 1 68  ? -10.977 2.297   1.610   1.000 26.297  ? 1046 VAL AAA CG2 1 ? 
ATOM   579  N  N   . LYS A 1 69  ? -9.231  4.536   -2.080  1.000 29.386  ? 1047 LYS AAA N   1 ? 
ATOM   580  C  CA  . LYS A 1 69  ? -8.571  4.726   -3.354  1.000 31.928  ? 1047 LYS AAA CA  1 ? 
ATOM   581  C  C   . LYS A 1 69  ? -7.148  5.258   -3.199  1.000 32.162  ? 1047 LYS AAA C   1 ? 
ATOM   582  O  O   . LYS A 1 69  ? -6.232  4.798   -3.916  1.000 33.861  ? 1047 LYS AAA O   1 ? 
ATOM   583  C  CB  . LYS A 1 69  ? -9.528  5.471   -4.304  1.000 36.204  ? 1047 LYS AAA CB  1 ? 
ATOM   584  C  CG  . LYS A 1 69  ? -8.937  5.956   -5.613  1.000 44.987  ? 1047 LYS AAA CG  1 ? 
ATOM   585  C  CD  . LYS A 1 69  ? -10.053 6.486   -6.539  1.000 59.788  ? 1047 LYS AAA CD  1 ? 
ATOM   586  C  CE  . LYS A 1 69  ? -11.301 5.608   -6.527  1.000 62.359  ? 1047 LYS AAA CE  1 ? 
ATOM   587  N  NZ  . LYS A 1 69  ? -12.141 5.783   -7.739  1.000 81.618  ? 1047 LYS AAA NZ  1 ? 
ATOM   588  N  N   . ASP A 1 70  ? -6.954  6.253   -2.332  1.000 27.448  ? 1048 ASP AAA N   1 ? 
ATOM   589  C  CA  . ASP A 1 70  ? -5.641  6.830   -2.158  1.000 32.007  ? 1048 ASP AAA CA  1 ? 
ATOM   590  C  C   . ASP A 1 70  ? -4.678  5.795   -1.537  1.000 32.153  ? 1048 ASP AAA C   1 ? 
ATOM   591  O  O   . ASP A 1 70  ? -3.501  5.794   -1.827  1.000 28.284  ? 1048 ASP AAA O   1 ? 
ATOM   592  C  CB  . ASP A 1 70  ? -5.697  8.089   -1.305  1.000 36.302  ? 1048 ASP AAA CB  1 ? 
ATOM   593  C  CG  . ASP A 1 70  ? -6.346  9.233   -2.099  1.000 46.074  ? 1048 ASP AAA CG  1 ? 
ATOM   594  O  OD1 . ASP A 1 70  ? -6.467  9.153   -3.343  1.000 52.035  ? 1048 ASP AAA OD1 1 ? 
ATOM   595  O  OD2 . ASP A 1 70  ? -6.733  10.142  -1.477  1.000 46.439  ? 1048 ASP AAA OD2 1 ? 
ATOM   596  N  N   . TYR A 1 71  ? -5.162  4.988   -0.588  1.000 25.921  ? 1049 TYR AAA N   1 ? 
ATOM   597  C  CA  . TYR A 1 71  ? -4.341  3.909   -0.025  1.000 25.550  ? 1049 TYR AAA CA  1 ? 
ATOM   598  C  C   . TYR A 1 71  ? -3.914  2.936   -1.139  1.000 26.749  ? 1049 TYR AAA C   1 ? 
ATOM   599  O  O   . TYR A 1 71  ? -2.741  2.529   -1.181  1.000 26.913  ? 1049 TYR AAA O   1 ? 
ATOM   600  C  CB  . TYR A 1 71  ? -5.217  3.180   1.015   1.000 23.950  ? 1049 TYR AAA CB  1 ? 
ATOM   601  C  CG  . TYR A 1 71  ? -4.675  1.903   1.589   1.000 25.177  ? 1049 TYR AAA CG  1 ? 
ATOM   602  C  CD1 . TYR A 1 71  ? -3.763  1.903   2.645   1.000 23.200  ? 1049 TYR AAA CD1 1 ? 
ATOM   603  C  CD2 . TYR A 1 71  ? -5.099  0.679   1.045   1.000 25.835  ? 1049 TYR AAA CD2 1 ? 
ATOM   604  C  CE1 . TYR A 1 71  ? -3.313  0.707   3.192   1.000 23.103  ? 1049 TYR AAA CE1 1 ? 
ATOM   605  C  CE2 . TYR A 1 71  ? -4.606  -0.524  1.566   1.000 24.052  ? 1049 TYR AAA CE2 1 ? 
ATOM   606  C  CZ  . TYR A 1 71  ? -3.716  -0.513  2.614   1.000 23.501  ? 1049 TYR AAA CZ  1 ? 
ATOM   607  O  OH  . TYR A 1 71  ? -3.257  -1.682  3.197   1.000 24.024  ? 1049 TYR AAA OH  1 ? 
ATOM   608  N  N   . LEU A 1 72  ? -4.854  2.514   -1.988  1.000 24.514  ? 1050 LEU AAA N   1 ? 
ATOM   609  C  CA  . LEU A 1 72  ? -4.526  1.520   -3.012  1.000 27.687  ? 1050 LEU AAA CA  1 ? 
ATOM   610  C  C   . LEU A 1 72  ? -3.518  2.085   -4.013  1.000 31.248  ? 1050 LEU AAA C   1 ? 
ATOM   611  O  O   . LEU A 1 72  ? -2.788  1.306   -4.624  1.000 30.051  ? 1050 LEU AAA O   1 ? 
ATOM   612  C  CB  . LEU A 1 72  ? -5.776  1.008   -3.734  1.000 26.577  ? 1050 LEU AAA CB  1 ? 
ATOM   613  C  CG  . LEU A 1 72  ? -6.619  0.066   -2.874  1.000 25.344  ? 1050 LEU AAA CG  1 ? 
ATOM   614  C  CD1 . LEU A 1 72  ? -7.936  -0.275  -3.553  1.000 30.377  ? 1050 LEU AAA CD1 1 ? 
ATOM   615  C  CD2 . LEU A 1 72  ? -5.841  -1.190  -2.464  1.000 29.754  ? 1050 LEU AAA CD2 1 ? 
ATOM   616  N  N   . ARG A 1 73  ? -3.461  3.421   -4.164  1.000 28.102  ? 1051 ARG AAA N   1 ? 
ATOM   617  C  CA  . ARG A 1 73  ? -2.436  3.976   -5.052  1.000 31.219  ? 1051 ARG AAA CA  1 ? 
ATOM   618  C  C   . ARG A 1 73  ? -1.048  3.695   -4.510  1.000 28.609  ? 1051 ARG AAA C   1 ? 
ATOM   619  O  O   . ARG A 1 73  ? -0.120  3.471   -5.292  1.000 29.268  ? 1051 ARG AAA O   1 ? 
ATOM   620  C  CB  . ARG A 1 73  ? -2.584  5.487   -5.250  1.000 35.768  ? 1051 ARG AAA CB  1 ? 
ATOM   621  C  CG  . ARG A 1 73  ? -3.710  5.800   -6.216  1.000 45.113  ? 1051 ARG AAA CG  1 ? 
ATOM   622  C  CD  . ARG A 1 73  ? -3.660  7.308   -6.459  1.000 64.206  ? 1051 ARG AAA CD  1 ? 
ATOM   623  N  NE  . ARG A 1 73  ? -4.961  7.968   -6.314  1.000 80.339  ? 1051 ARG AAA NE  1 ? 
ATOM   624  C  CZ  . ARG A 1 73  ? -5.981  7.915   -7.178  1.000 87.331  ? 1051 ARG AAA CZ  1 ? 
ATOM   625  N  NH1 . ARG A 1 73  ? -7.099  8.568   -6.908  1.000 98.920  ? 1051 ARG AAA NH1 1 ? 
ATOM   626  N  NH2 . ARG A 1 73  ? -5.893  7.208   -8.295  1.000 88.392  ? 1051 ARG AAA NH2 1 ? 
ATOM   627  N  N   . ASP A 1 74  ? -0.896  3.709   -3.179  1.000 28.478  ? 1052 ASP AAA N   1 ? 
ATOM   628  C  CA  . ASP A 1 74  ? 0.389   3.383   -2.591  1.000 26.870  ? 1052 ASP AAA CA  1 ? 
ATOM   629  C  C   . ASP A 1 74  ? 0.658   1.870   -2.687  1.000 28.964  ? 1052 ASP AAA C   1 ? 
ATOM   630  O  O   . ASP A 1 74  ? 1.813   1.447   -2.889  1.000 29.794  ? 1052 ASP AAA O   1 ? 
ATOM   631  C  CB  . ASP A 1 74  ? 0.521   3.932   -1.170  1.000 26.237  ? 1052 ASP AAA CB  1 ? 
ATOM   632  C  CG  . ASP A 1 74  ? 0.841   5.417   -1.127  1.000 31.223  ? 1052 ASP AAA CG  1 ? 
ATOM   633  O  OD1 . ASP A 1 74  ? 1.159   5.943   -2.206  1.000 30.597  ? 1052 ASP AAA OD1 1 ? 
ATOM   634  O  OD2 . ASP A 1 74  ? 0.913   5.961   0.009   1.000 29.873  ? 1052 ASP AAA OD2 1 ? 
ATOM   635  N  N   . ILE A 1 75  ? -0.376  1.058   -2.441  1.000 27.703  ? 1053 ILE AAA N   1 ? 
ATOM   636  C  CA  . ILE A 1 75  ? -0.179  -0.382  -2.622  1.000 26.220  ? 1053 ILE AAA CA  1 ? 
ATOM   637  C  C   . ILE A 1 75  ? 0.279   -0.641  -4.071  1.000 25.575  ? 1053 ILE AAA C   1 ? 
ATOM   638  O  O   . ILE A 1 75  ? 1.206   -1.387  -4.311  1.000 27.432  ? 1053 ILE AAA O   1 ? 
ATOM   639  C  CB  . ILE A 1 75  ? -1.462  -1.156  -2.260  1.000 26.945  ? 1053 ILE AAA CB  1 ? 
ATOM   640  C  CG1 . ILE A 1 75  ? -1.861  -0.934  -0.789  1.000 25.435  ? 1053 ILE AAA CG1 1 ? 
ATOM   641  C  CG2 . ILE A 1 75  ? -1.336  -2.644  -2.624  1.000 28.358  ? 1053 ILE AAA CG2 1 ? 
ATOM   642  C  CD1 . ILE A 1 75  ? -0.841  -1.474  0.245   1.000 29.104  ? 1053 ILE AAA CD1 1 ? 
ATOM   643  N  N   . ASP A 1 76  ? -0.399  -0.058  -5.054  1.000 26.560  ? 1054 ASP AAA N   1 ? 
ATOM   644  C  CA  . ASP A 1 76  ? -0.021  -0.199  -6.444  1.000 30.037  ? 1054 ASP AAA CA  1 ? 
ATOM   645  C  C   . ASP A 1 76  ? 1.460   0.133   -6.630  1.000 29.977  ? 1054 ASP AAA C   1 ? 
ATOM   646  O  O   . ASP A 1 76  ? 2.111   -0.516  -7.465  1.000 31.302  ? 1054 ASP AAA O   1 ? 
ATOM   647  C  CB  . ASP A 1 76  ? -0.854  0.668   -7.385  1.000 30.182  ? 1054 ASP AAA CB  1 ? 
ATOM   648  C  CG  . ASP A 1 76  ? -2.311  0.292   -7.570  1.000 38.818  ? 1054 ASP AAA CG  1 ? 
ATOM   649  O  OD1 . ASP A 1 76  ? -2.663  -0.858  -7.409  1.000 37.655  ? 1054 ASP AAA OD1 1 ? 
ATOM   650  O  OD2 . ASP A 1 76  ? -3.063  1.159   -7.976  1.000 43.307  ? 1054 ASP AAA OD2 1 ? 
ATOM   651  N  N   . LEU A 1 77  ? 1.984   1.138   -5.914  1.000 29.045  ? 1055 LEU AAA N   1 ? 
ATOM   652  C  CA  . LEU A 1 77  ? 3.372   1.553   -6.099  1.000 33.339  ? 1055 LEU AAA CA  1 ? 
ATOM   653  C  C   . LEU A 1 77  ? 4.302   0.420   -5.650  1.000 38.601  ? 1055 LEU AAA C   1 ? 
ATOM   654  O  O   . LEU A 1 77  ? 5.398   0.221   -6.158  1.000 29.494  ? 1055 LEU AAA O   1 ? 
ATOM   655  C  CB  . LEU A 1 77  ? 3.686   2.713   -5.157  1.000 32.846  ? 1055 LEU AAA CB  1 ? 
ATOM   656  C  CG  . LEU A 1 77  ? 3.584   4.122   -5.702  1.000 39.633  ? 1055 LEU AAA CG  1 ? 
ATOM   657  C  CD1 . LEU A 1 77  ? 3.938   5.116   -4.573  1.000 33.325  ? 1055 LEU AAA CD1 1 ? 
ATOM   658  C  CD2 . LEU A 1 77  ? 4.548   4.278   -6.895  1.000 39.552  ? 1055 LEU AAA CD2 1 ? 
ATOM   659  N  N   . ILE A 1 78  ? 3.903   -0.319  -4.616  1.000 32.211  ? 1056 ILE AAA N   1 ? 
ATOM   660  C  CA  . ILE A 1 78  ? 4.776   -1.381  -4.156  1.000 30.425  ? 1056 ILE AAA CA  1 ? 
ATOM   661  C  C   . ILE A 1 78  ? 4.991   -2.370  -5.292  1.000 30.818  ? 1056 ILE AAA C   1 ? 
ATOM   662  O  O   . ILE A 1 78  ? 6.147   -2.835  -5.466  1.000 32.683  ? 1056 ILE AAA O   1 ? 
ATOM   663  C  CB  . ILE A 1 78  ? 4.214   -2.034  -2.858  1.000 32.199  ? 1056 ILE AAA CB  1 ? 
ATOM   664  C  CG1 . ILE A 1 78  ? 4.314   -1.053  -1.669  1.000 30.997  ? 1056 ILE AAA CG1 1 ? 
ATOM   665  C  CG2 . ILE A 1 78  ? 4.910   -3.361  -2.606  1.000 32.454  ? 1056 ILE AAA CG2 1 ? 
ATOM   666  C  CD1 . ILE A 1 78  ? 3.597   -1.488  -0.345  1.000 29.726  ? 1056 ILE AAA CD1 1 ? 
ATOM   667  N  N   . CYS A 1 79  ? 3.898   -2.679  -6.041  1.000 28.181  ? 1057 CYS AAA N   1 ? 
ATOM   668  C  CA  . CYS A 1 79  ? 3.924   -3.588  -7.183  1.000 31.301  ? 1057 CYS AAA CA  1 ? 
ATOM   669  C  C   . CYS A 1 79  ? 4.705   -2.941  -8.324  1.000 37.399  ? 1057 CYS AAA C   1 ? 
ATOM   670  O  O   . CYS A 1 79  ? 5.633   -3.529  -8.862  1.000 31.983  ? 1057 CYS AAA O   1 ? 
ATOM   671  C  CB  . CYS A 1 79  ? 2.545   -4.138  -7.573  1.000 29.379  ? 1057 CYS AAA CB  1 ? 
ATOM   672  S  SG  . CYS A 1 79  ? 2.354   -4.982  -9.173  1.000 36.352  ? 1057 CYS AAA SG  1 ? 
ATOM   673  N  N   . SER A 1 80  ? 4.345   -1.718  -8.686  1.000 28.982  ? 1058 SER AAA N   1 ? 
ATOM   674  C  CA  . SER A 1 80  ? 4.958   -1.180  -9.895  1.000 29.793  ? 1058 SER AAA CA  1 ? 
ATOM   675  C  C   . SER A 1 80  ? 6.444   -0.891  -9.668  1.000 30.353  ? 1058 SER AAA C   1 ? 
ATOM   676  O  O   . SER A 1 80  ? 7.224   -1.010  -10.615 1.000 37.135  ? 1058 SER AAA O   1 ? 
ATOM   677  C  CB  . SER A 1 80  ? 4.175   0.046   -10.429 1.000 35.052  ? 1058 SER AAA CB  1 ? 
ATOM   678  O  OG  . SER A 1 80  ? 4.271   1.070   -9.443  1.000 37.316  ? 1058 SER AAA OG  1 ? 
ATOM   679  N  N   . ASN A 1 81  ? 6.843   -0.451  -8.468  1.000 29.233  ? 1059 ASN AAA N   1 ? 
ATOM   680  C  CA  . ASN A 1 81  ? 8.242   -0.232  -8.152  1.000 31.962  ? 1059 ASN AAA CA  1 ? 
ATOM   681  C  C   . ASN A 1 81  ? 9.017   -1.548  -8.369  1.000 40.103  ? 1059 ASN AAA C   1 ? 
ATOM   682  O  O   . ASN A 1 81  ? 10.146  -1.556  -8.867  1.000 34.106  ? 1059 ASN AAA O   1 ? 
ATOM   683  C  CB  . ASN A 1 81  ? 8.496   0.244   -6.714  1.000 29.272  ? 1059 ASN AAA CB  1 ? 
ATOM   684  C  CG  . ASN A 1 81  ? 8.083   1.697   -6.510  1.000 32.399  ? 1059 ASN AAA CG  1 ? 
ATOM   685  O  OD1 . ASN A 1 81  ? 7.888   2.399   -7.498  1.000 33.409  ? 1059 ASN AAA OD1 1 ? 
ATOM   686  N  ND2 . ASN A 1 81  ? 8.098   2.142   -5.272  1.000 32.302  ? 1059 ASN AAA ND2 1 ? 
ATOM   687  N  N   . ALA A 1 82  ? 8.441   -2.667  -7.897  1.000 35.858  ? 1060 ALA AAA N   1 ? 
ATOM   688  C  CA  . ALA A 1 82  ? 9.121   -3.956  -8.035  1.000 33.985  ? 1060 ALA AAA CA  1 ? 
ATOM   689  C  C   . ALA A 1 82  ? 9.219   -4.335  -9.508  1.000 32.383  ? 1060 ALA AAA C   1 ? 
ATOM   690  O  O   . ALA A 1 82  ? 10.270  -4.807  -9.922  1.000 40.809  ? 1060 ALA AAA O   1 ? 
ATOM   691  C  CB  . ALA A 1 82  ? 8.375   -5.028  -7.240  1.000 33.888  ? 1060 ALA AAA CB  1 ? 
ATOM   692  N  N   . LEU A 1 83  ? 8.160   -4.105  -10.300 1.000 32.866  ? 1061 LEU AAA N   1 ? 
ATOM   693  C  CA  . LEU A 1 83  ? 8.193   -4.428  -11.718 1.000 34.076  ? 1061 LEU AAA CA  1 ? 
ATOM   694  C  C   . LEU A 1 83  ? 9.297   -3.628  -12.391 1.000 43.957  ? 1061 LEU AAA C   1 ? 
ATOM   695  O  O   . LEU A 1 83  ? 9.924   -4.106  -13.354 1.000 40.078  ? 1061 LEU AAA O   1 ? 
ATOM   696  C  CB  . LEU A 1 83  ? 6.877   -4.108  -12.418 1.000 35.413  ? 1061 LEU AAA CB  1 ? 
ATOM   697  C  CG  . LEU A 1 83  ? 5.677   -4.905  -11.922 1.000 45.247  ? 1061 LEU AAA CG  1 ? 
ATOM   698  C  CD1 . LEU A 1 83  ? 4.479   -4.607  -12.811 1.000 41.910  ? 1061 LEU AAA CD1 1 ? 
ATOM   699  C  CD2 . LEU A 1 83  ? 5.999   -6.384  -11.965 1.000 50.579  ? 1061 LEU AAA CD2 1 ? 
ATOM   700  N  N   . GLU A 1 84  ? 9.500   -2.404  -11.895 1.000 40.050  ? 1062 GLU AAA N   1 ? 
ATOM   701  C  CA  . GLU A 1 84  ? 10.421  -1.509  -12.590 1.000 40.946  ? 1062 GLU AAA CA  1 ? 
ATOM   702  C  C   . GLU A 1 84  ? 11.844  -1.797  -12.152 1.000 35.542  ? 1062 GLU AAA C   1 ? 
ATOM   703  O  O   . GLU A 1 84  ? 12.760  -1.793  -12.963 1.000 39.610  ? 1062 GLU AAA O   1 ? 
ATOM   704  C  CB  . GLU A 1 84  ? 10.112  -0.024  -12.340 1.000 40.368  ? 1062 GLU AAA CB  1 ? 
ATOM   705  C  CG  . GLU A 1 84  ? 11.139  0.894   -13.031 1.000 50.674  ? 1062 GLU AAA CG  1 ? 
ATOM   706  C  CD  . GLU A 1 84  ? 10.941  2.407   -12.949 1.000 69.175  ? 1062 GLU AAA CD  1 ? 
ATOM   707  O  OE1 . GLU A 1 84  ? 11.783  3.158   -13.527 1.000 66.893  ? 1062 GLU AAA OE1 1 ? 
ATOM   708  O  OE2 . GLU A 1 84  ? 9.970   2.837   -12.275 1.000 58.037  ? 1062 GLU AAA OE2 1 ? 
ATOM   709  N  N   . TYR A 1 85  ? 12.066  -1.989  -10.860 1.000 31.952  ? 1063 TYR AAA N   1 ? 
ATOM   710  C  CA  . TYR A 1 85  ? 13.418  -2.164  -10.406 1.000 32.550  ? 1063 TYR AAA CA  1 ? 
ATOM   711  C  C   . TYR A 1 85  ? 13.920  -3.586  -10.694 1.000 41.544  ? 1063 TYR AAA C   1 ? 
ATOM   712  O  O   . TYR A 1 85  ? 15.118  -3.780  -10.782 1.000 39.216  ? 1063 TYR AAA O   1 ? 
ATOM   713  C  CB  . TYR A 1 85  ? 13.547  -1.903  -8.917  1.000 34.009  ? 1063 TYR AAA CB  1 ? 
ATOM   714  C  CG  . TYR A 1 85  ? 14.978  -1.870  -8.436  1.000 41.870  ? 1063 TYR AAA CG  1 ? 
ATOM   715  C  CD1 . TYR A 1 85  ? 15.822  -0.825  -8.807  1.000 47.136  ? 1063 TYR AAA CD1 1 ? 
ATOM   716  C  CD2 . TYR A 1 85  ? 15.508  -2.889  -7.657  1.000 46.066  ? 1063 TYR AAA CD2 1 ? 
ATOM   717  C  CE1 . TYR A 1 85  ? 17.130  -0.744  -8.359  1.000 46.114  ? 1063 TYR AAA CE1 1 ? 
ATOM   718  C  CE2 . TYR A 1 85  ? 16.822  -2.835  -7.210  1.000 49.252  ? 1063 TYR AAA CE2 1 ? 
ATOM   719  C  CZ  . TYR A 1 85  ? 17.640  -1.770  -7.583  1.000 57.003  ? 1063 TYR AAA CZ  1 ? 
ATOM   720  O  OH  . TYR A 1 85  ? 18.943  -1.684  -7.172  1.000 57.095  ? 1063 TYR AAA OH  1 ? 
ATOM   721  N  N   . ASN A 1 86  ? 13.026  -4.574  -10.816 1.000 36.938  ? 1064 ASN AAA N   1 ? 
ATOM   722  C  CA  . ASN A 1 86  ? 13.467  -5.979  -10.894 1.000 35.327  ? 1064 ASN AAA CA  1 ? 
ATOM   723  C  C   . ASN A 1 86  ? 12.822  -6.561  -12.129 1.000 32.524  ? 1064 ASN AAA C   1 ? 
ATOM   724  O  O   . ASN A 1 86  ? 11.914  -7.392  -12.040 1.000 38.706  ? 1064 ASN AAA O   1 ? 
ATOM   725  C  CB  . ASN A 1 86  ? 13.058  -6.789  -9.650  1.000 35.669  ? 1064 ASN AAA CB  1 ? 
ATOM   726  C  CG  . ASN A 1 86  ? 13.503  -6.151  -8.350  1.000 36.580  ? 1064 ASN AAA CG  1 ? 
ATOM   727  O  OD1 . ASN A 1 86  ? 14.621  -6.349  -7.875  1.000 41.488  ? 1064 ASN AAA OD1 1 ? 
ATOM   728  N  ND2 . ASN A 1 86  ? 12.632  -5.369  -7.724  1.000 36.252  ? 1064 ASN AAA ND2 1 ? 
ATOM   729  N  N   . PRO A 1 87  ? 13.195  -6.091  -13.356 1.000 33.315  ? 1065 PRO AAA N   1 ? 
ATOM   730  C  CA  . PRO A 1 87  ? 12.479  -6.500  -14.558 1.000 32.252  ? 1065 PRO AAA CA  1 ? 
ATOM   731  C  C   . PRO A 1 87  ? 13.093  -7.773  -15.191 1.000 32.596  ? 1065 PRO AAA C   1 ? 
ATOM   732  O  O   . PRO A 1 87  ? 12.570  -8.231  -16.193 1.000 38.756  ? 1065 PRO AAA O   1 ? 
ATOM   733  C  CB  . PRO A 1 87  ? 12.751  -5.319  -15.523 1.000 32.733  ? 1065 PRO AAA CB  1 ? 
ATOM   734  C  CG  . PRO A 1 87  ? 14.143  -4.861  -15.121 1.000 34.629  ? 1065 PRO AAA CG  1 ? 
ATOM   735  C  CD  . PRO A 1 87  ? 14.229  -5.072  -13.625 1.000 38.553  ? 1065 PRO AAA CD  1 ? 
ATOM   736  N  N   . ASP A 1 88  ? 14.177  -8.332  -14.625 1.000 34.337  ? 1066 ASP AAA N   1 ? 
ATOM   737  C  CA  . ASP A 1 88  ? 14.926  -9.316  -15.433 1.000 37.897  ? 1066 ASP AAA CA  1 ? 
ATOM   738  C  C   . ASP A 1 88  ? 14.308  -10.701 -15.373 1.000 45.798  ? 1066 ASP AAA C   1 ? 
ATOM   739  O  O   . ASP A 1 88  ? 13.451  -10.919 -14.513 1.000 34.735  ? 1066 ASP AAA O   1 ? 
ATOM   740  C  CB  . ASP A 1 88  ? 16.388  -9.366  -15.024 1.000 36.060  ? 1066 ASP AAA CB  1 ? 
ATOM   741  C  CG  . ASP A 1 88  ? 17.033  -8.044  -15.424 1.000 45.319  ? 1066 ASP AAA CG  1 ? 
ATOM   742  O  OD1 . ASP A 1 88  ? 16.492  -7.365  -16.350 1.000 46.907  ? 1066 ASP AAA OD1 1 ? 
ATOM   743  O  OD2 . ASP A 1 88  ? 18.004  -7.681  -14.786 1.000 50.414  ? 1066 ASP AAA OD2 1 ? 
ATOM   744  N  N   A ARG A 1 89  ? 14.735  -11.627 -16.264 0.500 35.788  ? 1067 ARG AAA N   1 ? 
ATOM   745  N  N   B ARG A 1 89  ? 14.788  -11.610 -16.243 0.500 37.965  ? 1067 ARG AAA N   1 ? 
ATOM   746  C  CA  A ARG A 1 89  ? 14.136  -12.960 -16.294 0.500 36.177  ? 1067 ARG AAA CA  1 ? 
ATOM   747  C  CA  B ARG A 1 89  ? 14.226  -12.949 -16.352 0.500 39.290  ? 1067 ARG AAA CA  1 ? 
ATOM   748  C  C   A ARG A 1 89  ? 14.716  -13.861 -15.205 0.500 35.098  ? 1067 ARG AAA C   1 ? 
ATOM   749  C  C   B ARG A 1 89  ? 14.704  -13.832 -15.205 0.500 36.896  ? 1067 ARG AAA C   1 ? 
ATOM   750  O  O   A ARG A 1 89  ? 14.236  -14.973 -15.028 0.500 38.496  ? 1067 ARG AAA O   1 ? 
ATOM   751  O  O   B ARG A 1 89  ? 14.157  -14.911 -15.004 0.500 39.770  ? 1067 ARG AAA O   1 ? 
ATOM   752  C  CB  A ARG A 1 89  ? 14.141  -13.655 -17.670 0.500 35.549  ? 1067 ARG AAA CB  1 ? 
ATOM   753  C  CB  B ARG A 1 89  ? 14.592  -13.634 -17.675 0.500 42.361  ? 1067 ARG AAA CB  1 ? 
ATOM   754  C  CG  A ARG A 1 89  ? 15.496  -14.138 -18.182 0.500 31.725  ? 1067 ARG AAA CG  1 ? 
ATOM   755  C  CG  B ARG A 1 89  ? 16.088  -13.754 -17.926 0.500 38.721  ? 1067 ARG AAA CG  1 ? 
ATOM   756  C  CD  A ARG A 1 89  ? 15.964  -15.556 -17.820 0.500 25.090  ? 1067 ARG AAA CD  1 ? 
ATOM   757  C  CD  B ARG A 1 89  ? 16.516  -15.171 -18.311 0.500 37.216  ? 1067 ARG AAA CD  1 ? 
ATOM   758  N  NE  A ARG A 1 89  ? 14.960  -16.582 -17.982 0.500 24.185  ? 1067 ARG AAA NE  1 ? 
ATOM   759  N  NE  B ARG A 1 89  ? 16.863  -15.978 -17.141 0.500 37.800  ? 1067 ARG AAA NE  1 ? 
ATOM   760  C  CZ  A ARG A 1 89  ? 14.905  -17.679 -17.225 0.500 22.900  ? 1067 ARG AAA CZ  1 ? 
ATOM   761  C  CZ  B ARG A 1 89  ? 18.061  -15.949 -16.536 0.500 31.672  ? 1067 ARG AAA CZ  1 ? 
ATOM   762  N  NH1 A ARG A 1 89  ? 15.820  -17.845 -16.291 0.500 22.235  ? 1067 ARG AAA NH1 1 ? 
ATOM   763  N  NH1 B ARG A 1 89  ? 19.072  -15.203 -17.006 0.500 37.280  ? 1067 ARG AAA NH1 1 ? 
ATOM   764  N  NH2 A ARG A 1 89  ? 13.911  -18.542 -17.396 0.500 19.677  ? 1067 ARG AAA NH2 1 ? 
ATOM   765  N  NH2 B ARG A 1 89  ? 18.248  -16.691 -15.472 0.500 23.578  ? 1067 ARG AAA NH2 1 ? 
ATOM   766  N  N   . ASP A 1 90  ? 15.727  -13.402 -14.467 1.000 32.960  ? 1068 ASP AAA N   1 ? 
ATOM   767  C  CA  . ASP A 1 90  ? 16.305  -14.336 -13.510 1.000 38.706  ? 1068 ASP AAA CA  1 ? 
ATOM   768  C  C   . ASP A 1 90  ? 15.349  -14.591 -12.341 1.000 41.472  ? 1068 ASP AAA C   1 ? 
ATOM   769  O  O   . ASP A 1 90  ? 14.438  -13.790 -12.050 1.000 37.167  ? 1068 ASP AAA O   1 ? 
ATOM   770  C  CB  . ASP A 1 90  ? 17.629  -13.880 -12.957 1.000 45.823  ? 1068 ASP AAA CB  1 ? 
ATOM   771  C  CG  . ASP A 1 90  ? 17.452  -12.589 -12.220 1.000 51.115  ? 1068 ASP AAA CG  1 ? 
ATOM   772  O  OD1 . ASP A 1 90  ? 17.481  -11.561 -12.905 1.000 63.198  ? 1068 ASP AAA OD1 1 ? 
ATOM   773  O  OD2 . ASP A 1 90  ? 17.271  -12.635 -10.963 1.000 63.367  ? 1068 ASP AAA OD2 1 ? 
ATOM   774  N  N   . PRO A 1 91  ? 15.493  -15.737 -11.650 1.000 34.938  ? 1069 PRO AAA N   1 ? 
ATOM   775  C  CA  . PRO A 1 91  ? 14.516  -16.107 -10.620 1.000 31.497  ? 1069 PRO AAA CA  1 ? 
ATOM   776  C  C   . PRO A 1 91  ? 14.396  -15.098 -9.470  1.000 28.388  ? 1069 PRO AAA C   1 ? 
ATOM   777  O  O   . PRO A 1 91  ? 13.344  -15.076 -8.859  1.000 29.052  ? 1069 PRO AAA O   1 ? 
ATOM   778  C  CB  . PRO A 1 91  ? 15.054  -17.447 -10.079 1.000 30.954  ? 1069 PRO AAA CB  1 ? 
ATOM   779  C  CG  . PRO A 1 91  ? 15.865  -18.012 -11.251 1.000 35.397  ? 1069 PRO AAA CG  1 ? 
ATOM   780  C  CD  . PRO A 1 91  ? 16.522  -16.786 -11.859 1.000 36.758  ? 1069 PRO AAA CD  1 ? 
ATOM   781  N  N   . GLY A 1 92  ? 15.495  -14.426 -9.094  1.000 28.275  ? 1070 GLY AAA N   1 ? 
ATOM   782  C  CA  . GLY A 1 92  ? 15.526  -13.483 -7.986  1.000 33.051  ? 1070 GLY AAA CA  1 ? 
ATOM   783  C  C   . GLY A 1 92  ? 14.538  -12.350 -8.289  1.000 34.749  ? 1070 GLY AAA C   1 ? 
ATOM   784  O  O   . GLY A 1 92  ? 13.679  -12.057 -7.483  1.000 32.221  ? 1070 GLY AAA O   1 ? 
ATOM   785  N  N   . ASP A 1 93  ? 14.605  -11.800 -9.508  1.000 34.968  ? 1071 ASP AAA N   1 ? 
ATOM   786  C  CA  . ASP A 1 93  ? 13.740  -10.732 -9.959  1.000 37.953  ? 1071 ASP AAA CA  1 ? 
ATOM   787  C  C   . ASP A 1 93  ? 12.329  -11.268 -10.154 1.000 39.987  ? 1071 ASP AAA C   1 ? 
ATOM   788  O  O   . ASP A 1 93  ? 11.347  -10.611 -9.812  1.000 34.578  ? 1071 ASP AAA O   1 ? 
ATOM   789  C  CB  . ASP A 1 93  ? 14.217  -10.131 -11.287 1.000 37.004  ? 1071 ASP AAA CB  1 ? 
ATOM   790  C  CG  . ASP A 1 93  ? 15.293  -9.057  -11.152 1.000 41.263  ? 1071 ASP AAA CG  1 ? 
ATOM   791  O  OD1 . ASP A 1 93  ? 15.974  -8.963  -10.073 1.000 37.226  ? 1071 ASP AAA OD1 1 ? 
ATOM   792  O  OD2 . ASP A 1 93  ? 15.421  -8.283  -12.133 1.000 40.278  ? 1071 ASP AAA OD2 1 ? 
ATOM   793  N  N   . ARG A 1 94  ? 12.206  -12.455 -10.737 1.000 29.394  ? 1072 ARG AAA N   1 ? 
ATOM   794  C  CA  . ARG A 1 94  ? 10.873  -12.950 -10.962 1.000 32.276  ? 1072 ARG AAA CA  1 ? 
ATOM   795  C  C   . ARG A 1 94  ? 10.175  -13.164 -9.604  1.000 29.996  ? 1072 ARG AAA C   1 ? 
ATOM   796  O  O   . ARG A 1 94  ? 8.970   -12.967 -9.523  1.000 31.111  ? 1072 ARG AAA O   1 ? 
ATOM   797  C  CB  . ARG A 1 94  ? 10.846  -14.248 -11.775 1.000 33.372  ? 1072 ARG AAA CB  1 ? 
ATOM   798  C  CG  . ARG A 1 94  ? 10.964  -14.010 -13.274 1.000 47.025  ? 1072 ARG AAA CG  1 ? 
ATOM   799  C  CD  . ARG A 1 94  ? 10.973  -15.274 -14.130 1.000 54.406  ? 1072 ARG AAA CD  1 ? 
ATOM   800  N  NE  . ARG A 1 94  ? 10.797  -14.933 -15.548 1.000 72.869  ? 1072 ARG AAA NE  1 ? 
ATOM   801  C  CZ  . ARG A 1 94  ? 11.343  -15.597 -16.575 1.000 80.986  ? 1072 ARG AAA CZ  1 ? 
ATOM   802  N  NH1 . ARG A 1 94  ? 12.129  -16.638 -16.349 1.000 89.729  ? 1072 ARG AAA NH1 1 ? 
ATOM   803  N  NH2 . ARG A 1 94  ? 11.119  -15.217 -17.822 1.000 74.929  ? 1072 ARG AAA NH2 1 ? 
ATOM   804  N  N   . LEU A 1 95  ? 10.905  -13.623 -8.604  1.000 28.537  ? 1073 LEU AAA N   1 ? 
ATOM   805  C  CA  . LEU A 1 95  ? 10.231  -13.930 -7.330  1.000 28.634  ? 1073 LEU AAA CA  1 ? 
ATOM   806  C  C   . LEU A 1 95  ? 9.727   -12.610 -6.679  1.000 32.474  ? 1073 LEU AAA C   1 ? 
ATOM   807  O  O   . LEU A 1 95  ? 8.618   -12.585 -6.127  1.000 29.255  ? 1073 LEU AAA O   1 ? 
ATOM   808  C  CB  . LEU A 1 95  ? 11.228  -14.608 -6.409  1.000 28.425  ? 1073 LEU AAA CB  1 ? 
ATOM   809  C  CG  . LEU A 1 95  ? 10.756  -14.900 -4.980  1.000 27.834  ? 1073 LEU AAA CG  1 ? 
ATOM   810  C  CD1 . LEU A 1 95  ? 9.527   -15.784 -4.994  1.000 28.757  ? 1073 LEU AAA CD1 1 ? 
ATOM   811  C  CD2 . LEU A 1 95  ? 11.883  -15.516 -4.141  1.000 31.914  ? 1073 LEU AAA CD2 1 ? 
ATOM   812  N  N   . ILE A 1 96  ? 10.538  -11.540 -6.740  1.000 30.710  ? 1074 ILE AAA N   1 ? 
ATOM   813  C  CA  . ILE A 1 96  ? 10.172  -10.266 -6.094  1.000 35.653  ? 1074 ILE AAA CA  1 ? 
ATOM   814  C  C   . ILE A 1 96  ? 8.951   -9.690  -6.823  1.000 36.059  ? 1074 ILE AAA C   1 ? 
ATOM   815  O  O   . ILE A 1 96  ? 7.987   -9.220  -6.202  1.000 37.943  ? 1074 ILE AAA O   1 ? 
ATOM   816  C  CB  . ILE A 1 96  ? 11.367  -9.270  -6.030  1.000 35.624  ? 1074 ILE AAA CB  1 ? 
ATOM   817  C  CG1 . ILE A 1 96  ? 12.618  -9.886  -5.393  1.000 48.599  ? 1074 ILE AAA CG1 1 ? 
ATOM   818  C  CG2 . ILE A 1 96  ? 10.958  -8.026  -5.242  1.000 43.807  ? 1074 ILE AAA CG2 1 ? 
ATOM   819  C  CD1 . ILE A 1 96  ? 13.974  -9.152  -5.652  1.000 49.629  ? 1074 ILE AAA CD1 1 ? 
ATOM   820  N  N   . ARG A 1 97  ? 8.951   -9.730  -8.164  1.000 32.365  ? 1075 ARG AAA N   1 ? 
ATOM   821  C  CA  . ARG A 1 97  ? 7.793   -9.250  -8.900  1.000 34.431  ? 1075 ARG AAA CA  1 ? 
ATOM   822  C  C   . ARG A 1 97  ? 6.552   -10.069 -8.534  1.000 38.764  ? 1075 ARG AAA C   1 ? 
ATOM   823  O  O   . ARG A 1 97  ? 5.435   -9.535  -8.471  1.000 30.765  ? 1075 ARG AAA O   1 ? 
ATOM   824  C  CB  . ARG A 1 97  ? 7.984   -9.364  -10.424 1.000 37.603  ? 1075 ARG AAA CB  1 ? 
ATOM   825  C  CG  . ARG A 1 97  ? 9.149   -8.528  -10.932 1.000 34.070  ? 1075 ARG AAA CG  1 ? 
ATOM   826  C  CD  . ARG A 1 97  ? 8.868   -8.438  -12.431 1.000 37.920  ? 1075 ARG AAA CD  1 ? 
ATOM   827  N  NE  . ARG A 1 97  ? 8.877   -9.586  -13.353 1.000 43.309  ? 1075 ARG AAA NE  1 ? 
ATOM   828  C  CZ  . ARG A 1 97  ? 9.972   -10.207 -13.817 1.000 41.653  ? 1075 ARG AAA CZ  1 ? 
ATOM   829  N  NH1 . ARG A 1 97  ? 11.163  -9.830  -13.398 1.000 39.672  ? 1075 ARG AAA NH1 1 ? 
ATOM   830  N  NH2 . ARG A 1 97  ? 9.856   -11.206 -14.691 1.000 45.966  ? 1075 ARG AAA NH2 1 ? 
ATOM   831  N  N   . HIS A 1 98  ? 6.704   -11.402 -8.494  1.000 31.598  ? 1076 HIS AAA N   1 ? 
ATOM   832  C  CA  . HIS A 1 98  ? 5.569   -12.243 -8.171  1.000 29.843  ? 1076 HIS AAA CA  1 ? 
ATOM   833  C  C   . HIS A 1 98  ? 5.017   -11.869 -6.789  1.000 27.175  ? 1076 HIS AAA C   1 ? 
ATOM   834  O  O   . HIS A 1 98  ? 3.798   -11.810 -6.624  1.000 33.984  ? 1076 HIS AAA O   1 ? 
ATOM   835  C  CB  . HIS A 1 98  ? 5.932   -13.738 -8.285  1.000 31.079  ? 1076 HIS AAA CB  1 ? 
ATOM   836  C  CG  . HIS A 1 98  ? 4.726   -14.614 -8.332  1.000 40.353  ? 1076 HIS AAA CG  1 ? 
ATOM   837  N  ND1 . HIS A 1 98  ? 4.176   -15.185 -7.175  1.000 44.815  ? 1076 HIS AAA ND1 1 ? 
ATOM   838  C  CD2 . HIS A 1 98  ? 3.918   -14.989 -9.352  1.000 46.135  ? 1076 HIS AAA CD2 1 ? 
ATOM   839  C  CE1 . HIS A 1 98  ? 3.098   -15.887 -7.485  1.000 44.090  ? 1076 HIS AAA CE1 1 ? 
ATOM   840  N  NE2 . HIS A 1 98  ? 2.910   -15.774 -8.822  1.000 41.243  ? 1076 HIS AAA NE2 1 ? 
ATOM   841  N  N   . ARG A 1 99  ? 5.906   -11.655 -5.831  1.000 28.835  ? 1077 ARG AAA N   1 ? 
ATOM   842  C  CA  . ARG A 1 99  ? 5.475   -11.423 -4.462  1.000 29.205  ? 1077 ARG AAA CA  1 ? 
ATOM   843  C  C   . ARG A 1 99  ? 4.898   -9.997  -4.338  1.000 33.037  ? 1077 ARG AAA C   1 ? 
ATOM   844  O  O   . ARG A 1 99  ? 3.885   -9.789  -3.693  1.000 27.725  ? 1077 ARG AAA O   1 ? 
ATOM   845  C  CB  . ARG A 1 99  ? 6.675   -11.549 -3.531  1.000 27.399  ? 1077 ARG AAA CB  1 ? 
ATOM   846  C  CG  . ARG A 1 99  ? 7.091   -12.991 -3.225  1.000 25.925  ? 1077 ARG AAA CG  1 ? 
ATOM   847  C  CD  . ARG A 1 99  ? 8.416   -12.836 -2.547  1.000 27.704  ? 1077 ARG AAA CD  1 ? 
ATOM   848  N  NE  . ARG A 1 99  ? 8.685   -14.130 -1.954  1.000 31.969  ? 1077 ARG AAA NE  1 ? 
ATOM   849  C  CZ  . ARG A 1 99  ? 9.791   -14.458 -1.319  1.000 28.829  ? 1077 ARG AAA CZ  1 ? 
ATOM   850  N  NH1 . ARG A 1 99  ? 10.789  -13.596 -1.159  1.000 30.422  ? 1077 ARG AAA NH1 1 ? 
ATOM   851  N  NH2 . ARG A 1 99  ? 9.867   -15.654 -0.775  1.000 32.781  ? 1077 ARG AAA NH2 1 ? 
ATOM   852  N  N   . ALA A 1 100 ? 5.474   -9.014  -5.047  1.000 30.277  ? 1078 ALA AAA N   1 ? 
ATOM   853  C  CA  . ALA A 1 100 ? 5.008   -7.615  -4.924  1.000 34.398  ? 1078 ALA AAA CA  1 ? 
ATOM   854  C  C   . ALA A 1 100 ? 3.598   -7.490  -5.464  1.000 33.577  ? 1078 ALA AAA C   1 ? 
ATOM   855  O  O   . ALA A 1 100 ? 2.756   -6.783  -4.894  1.000 34.888  ? 1078 ALA AAA O   1 ? 
ATOM   856  C  CB  . ALA A 1 100 ? 5.953   -6.663  -5.662  1.000 34.661  ? 1078 ALA AAA CB  1 ? 
ATOM   857  N  N   . CYS A 1 101 ? 3.368   -8.156  -6.575  1.000 29.751  ? 1079 CYS AAA N   1 ? 
ATOM   858  C  CA  . CYS A 1 101 ? 2.125   -8.127  -7.296  1.000 32.445  ? 1079 CYS AAA CA  1 ? 
ATOM   859  C  C   . CYS A 1 101 ? 1.082   -9.058  -6.671  1.000 35.316  ? 1079 CYS AAA C   1 ? 
ATOM   860  O  O   . CYS A 1 101 ? -0.100  -8.743  -6.749  1.000 28.106  ? 1079 CYS AAA O   1 ? 
ATOM   861  C  CB  . CYS A 1 101 ? 2.345   -8.132  -8.798  1.000 42.467  ? 1079 CYS AAA CB  1 ? 
ATOM   862  S  SG  . CYS A 1 101 ? 3.504   -6.786  -9.228  1.000 40.784  ? 1079 CYS AAA SG  1 ? 
ATOM   863  N  N   . ALA A 1 102 ? 1.510   -10.105 -5.943  1.000 27.937  ? 1080 ALA AAA N   1 ? 
ATOM   864  C  CA  . ALA A 1 102 ? 0.590   -10.885 -5.101  1.000 26.307  ? 1080 ALA AAA CA  1 ? 
ATOM   865  C  C   . ALA A 1 102 ? 0.141   -10.049 -3.894  1.000 24.513  ? 1080 ALA AAA C   1 ? 
ATOM   866  O  O   . ALA A 1 102 ? -0.989  -10.227 -3.391  1.000 29.080  ? 1080 ALA AAA O   1 ? 
ATOM   867  C  CB  . ALA A 1 102 ? 1.284   -12.145 -4.606  1.000 25.403  ? 1080 ALA AAA CB  1 ? 
ATOM   868  N  N   A LEU A 1 103 ? 1.004   -9.153  -3.447  0.500 29.353  ? 1081 LEU AAA N   1 ? 
ATOM   869  N  N   B LEU A 1 103 ? 1.072   -9.278  -3.317  0.500 25.049  ? 1081 LEU AAA N   1 ? 
ATOM   870  C  CA  A LEU A 1 103 ? 0.608   -8.220  -2.403  0.500 33.373  ? 1081 LEU AAA CA  1 ? 
ATOM   871  C  CA  B LEU A 1 103 ? 0.783   -8.416  -2.161  0.500 24.775  ? 1081 LEU AAA CA  1 ? 
ATOM   872  C  C   A LEU A 1 103 ? -0.526  -7.341  -2.936  0.500 30.040  ? 1081 LEU AAA C   1 ? 
ATOM   873  C  C   B LEU A 1 103 ? -0.338  -7.448  -2.547  0.500 24.139  ? 1081 LEU AAA C   1 ? 
ATOM   874  O  O   A LEU A 1 103 ? -1.651  -7.322  -2.396  0.500 22.390  ? 1081 LEU AAA O   1 ? 
ATOM   875  O  O   B LEU A 1 103 ? -1.234  -7.188  -1.747  0.500 20.571  ? 1081 LEU AAA O   1 ? 
ATOM   876  C  CB  A LEU A 1 103 ? 1.834   -7.386  -2.020  0.500 31.873  ? 1081 LEU AAA CB  1 ? 
ATOM   877  C  CB  B LEU A 1 103 ? 2.039   -7.646  -1.711  0.500 20.242  ? 1081 LEU AAA CB  1 ? 
ATOM   878  C  CG  A LEU A 1 103 ? 1.567   -6.300  -0.981  0.500 37.577  ? 1081 LEU AAA CG  1 ? 
ATOM   879  C  CG  B LEU A 1 103 ? 1.873   -6.628  -0.568  0.500 20.260  ? 1081 LEU AAA CG  1 ? 
ATOM   880  C  CD1 A LEU A 1 103 ? 1.886   -6.814  0.410   0.500 37.906  ? 1081 LEU AAA CD1 1 ? 
ATOM   881  C  CD1 B LEU A 1 103 ? 3.210   -6.265  0.107   0.500 17.764  ? 1081 LEU AAA CD1 1 ? 
ATOM   882  C  CD2 A LEU A 1 103 ? 2.381   -5.056  -1.292  0.500 35.651  ? 1081 LEU AAA CD2 1 ? 
ATOM   883  C  CD2 B LEU A 1 103 ? 1.138   -5.364  -1.034  0.500 18.232  ? 1081 LEU AAA CD2 1 ? 
ATOM   884  N  N   A ARG A 1 104 ? -0.230  -6.620  -4.023  0.500 30.696  ? 1082 ARG AAA N   1 ? 
ATOM   885  N  N   B ARG A 1 104 ? -0.290  -6.943  -3.786  0.500 24.267  ? 1082 ARG AAA N   1 ? 
ATOM   886  C  CA  A ARG A 1 104 ? -1.300  -5.868  -4.660  0.500 33.703  ? 1082 ARG AAA CA  1 ? 
ATOM   887  C  CA  B ARG A 1 104 ? -1.272  -5.988  -4.298  0.500 26.312  ? 1082 ARG AAA CA  1 ? 
ATOM   888  C  C   A ARG A 1 104 ? -2.566  -6.701  -4.586  0.500 35.619  ? 1082 ARG AAA C   1 ? 
ATOM   889  C  C   B ARG A 1 104 ? -2.597  -6.662  -4.679  0.500 29.833  ? 1082 ARG AAA C   1 ? 
ATOM   890  O  O   A ARG A 1 104 ? -3.540  -6.301  -3.937  0.500 32.450  ? 1082 ARG AAA O   1 ? 
ATOM   891  O  O   B ARG A 1 104 ? -3.698  -6.123  -4.470  0.500 22.004  ? 1082 ARG AAA O   1 ? 
ATOM   892  C  CB  A ARG A 1 104 ? -1.035  -5.588  -6.147  0.500 32.762  ? 1082 ARG AAA CB  1 ? 
ATOM   893  C  CB  B ARG A 1 104 ? -0.657  -5.263  -5.512  0.500 29.006  ? 1082 ARG AAA CB  1 ? 
ATOM   894  C  CG  A ARG A 1 104 ? -2.224  -4.994  -6.900  0.500 30.770  ? 1082 ARG AAA CG  1 ? 
ATOM   895  C  CG  B ARG A 1 104 ? -1.626  -4.299  -6.178  0.500 27.936  ? 1082 ARG AAA CG  1 ? 
ATOM   896  C  CD  A ARG A 1 104 ? -2.287  -5.457  -8.367  0.500 46.069  ? 1082 ARG AAA CD  1 ? 
ATOM   897  C  CD  B ARG A 1 104 ? -1.406  -4.136  -7.661  0.500 33.101  ? 1082 ARG AAA CD  1 ? 
ATOM   898  N  NE  A ARG A 1 104 ? -3.097  -4.600  -9.242  0.500 44.705  ? 1082 ARG AAA NE  1 ? 
ATOM   899  N  NE  B ARG A 1 104 ? -1.415  -5.526  -8.124  0.500 48.366  ? 1082 ARG AAA NE  1 ? 
ATOM   900  C  CZ  A ARG A 1 104 ? -2.928  -3.293  -9.332  0.500 39.555  ? 1082 ARG AAA CZ  1 ? 
ATOM   901  C  CZ  B ARG A 1 104 ? -1.360  -5.922  -9.392  0.500 40.535  ? 1082 ARG AAA CZ  1 ? 
ATOM   902  N  NH1 A ARG A 1 104 ? -1.967  -2.724  -8.622  0.500 40.728  ? 1082 ARG AAA NH1 1 ? 
ATOM   903  N  NH1 B ARG A 1 104 ? -1.259  -5.027  -10.361 0.500 41.059  ? 1082 ARG AAA NH1 1 ? 
ATOM   904  N  NH2 A ARG A 1 104 ? -3.739  -2.559  -10.078 0.500 34.862  ? 1082 ARG AAA NH2 1 ? 
ATOM   905  N  NH2 B ARG A 1 104 ? -1.379  -7.207  -9.670  0.500 34.610  ? 1082 ARG AAA NH2 1 ? 
ATOM   906  N  N   . ASP A 1 105 ? -2.519  -7.877  -5.240  1.000 29.337  ? 1083 ASP AAA N   1 ? 
ATOM   907  C  CA  . ASP A 1 105 ? -3.736  -8.617  -5.546  1.000 26.327  ? 1083 ASP AAA CA  1 ? 
ATOM   908  C  C   . ASP A 1 105 ? -4.438  -9.001  -4.232  1.000 24.850  ? 1083 ASP AAA C   1 ? 
ATOM   909  O  O   . ASP A 1 105 ? -5.675  -8.959  -4.177  1.000 29.381  ? 1083 ASP AAA O   1 ? 
ATOM   910  C  CB  . ASP A 1 105 ? -3.462  -9.943  -6.248  1.000 31.828  ? 1083 ASP AAA CB  1 ? 
ATOM   911  C  CG  . ASP A 1 105 ? -3.017  -9.752  -7.704  1.000 42.023  ? 1083 ASP AAA CG  1 ? 
ATOM   912  O  OD1 . ASP A 1 105 ? -3.164  -8.634  -8.243  1.000 39.971  ? 1083 ASP AAA OD1 1 ? 
ATOM   913  O  OD2 . ASP A 1 105 ? -2.477  -10.714 -8.262  1.000 38.416  ? 1083 ASP AAA OD2 1 ? 
ATOM   914  N  N   . THR A 1 106 ? -3.641  -9.300  -3.209  1.000 24.183  ? 1084 THR AAA N   1 ? 
ATOM   915  C  CA  . THR A 1 106 ? -4.250  -9.688  -1.940  1.000 24.604  ? 1084 THR AAA CA  1 ? 
ATOM   916  C  C   . THR A 1 106 ? -4.954  -8.463  -1.296  1.000 25.604  ? 1084 THR AAA C   1 ? 
ATOM   917  O  O   . THR A 1 106 ? -6.028  -8.573  -0.701  1.000 23.494  ? 1084 THR AAA O   1 ? 
ATOM   918  C  CB  . THR A 1 106 ? -3.191  -10.209 -0.955  1.000 27.928  ? 1084 THR AAA CB  1 ? 
ATOM   919  O  OG1 . THR A 1 106 ? -2.618  -11.382 -1.550  1.000 25.757  ? 1084 THR AAA OG1 1 ? 
ATOM   920  C  CG2 . THR A 1 106 ? -3.742  -10.615 0.407   1.000 29.041  ? 1084 THR AAA CG2 1 ? 
ATOM   921  N  N   . ALA A 1 107 ? -4.311  -7.306  -1.350  1.000 23.639  ? 1085 ALA AAA N   1 ? 
ATOM   922  C  CA  . ALA A 1 107 ? -4.910  -6.100  -0.772  1.000 26.130  ? 1085 ALA AAA CA  1 ? 
ATOM   923  C  C   . ALA A 1 107 ? -6.221  -5.798  -1.505  1.000 26.083  ? 1085 ALA AAA C   1 ? 
ATOM   924  O  O   . ALA A 1 107 ? -7.213  -5.520  -0.845  1.000 25.091  ? 1085 ALA AAA O   1 ? 
ATOM   925  C  CB  . ALA A 1 107 ? -3.980  -4.908  -0.890  1.000 25.911  ? 1085 ALA AAA CB  1 ? 
ATOM   926  N  N   . TYR A 1 108 ? -6.237  -5.868  -2.846  1.000 26.840  ? 1086 TYR AAA N   1 ? 
ATOM   927  C  CA  . TYR A 1 108 ? -7.460  -5.662  -3.615  1.000 26.947  ? 1086 TYR AAA CA  1 ? 
ATOM   928  C  C   . TYR A 1 108 ? -8.549  -6.667  -3.205  1.000 26.736  ? 1086 TYR AAA C   1 ? 
ATOM   929  O  O   . TYR A 1 108 ? -9.735  -6.299  -3.131  1.000 26.662  ? 1086 TYR AAA O   1 ? 
ATOM   930  C  CB  . TYR A 1 108 ? -7.225  -5.634  -5.129  1.000 28.308  ? 1086 TYR AAA CB  1 ? 
ATOM   931  C  CG  . TYR A 1 108 ? -6.742  -4.295  -5.666  1.000 27.952  ? 1086 TYR AAA CG  1 ? 
ATOM   932  C  CD1 . TYR A 1 108 ? -5.430  -3.870  -5.521  1.000 30.769  ? 1086 TYR AAA CD1 1 ? 
ATOM   933  C  CD2 . TYR A 1 108 ? -7.632  -3.410  -6.269  1.000 33.462  ? 1086 TYR AAA CD2 1 ? 
ATOM   934  C  CE1 . TYR A 1 108 ? -4.979  -2.646  -6.029  1.000 29.577  ? 1086 TYR AAA CE1 1 ? 
ATOM   935  C  CE2 . TYR A 1 108 ? -7.213  -2.181  -6.794  1.000 31.391  ? 1086 TYR AAA CE2 1 ? 
ATOM   936  C  CZ  . TYR A 1 108 ? -5.880  -1.796  -6.662  1.000 31.441  ? 1086 TYR AAA CZ  1 ? 
ATOM   937  O  OH  . TYR A 1 108 ? -5.430  -0.595  -7.160  1.000 30.627  ? 1086 TYR AAA OH  1 ? 
ATOM   938  N  N   . ALA A 1 109 ? -8.159  -7.935  -3.020  1.000 25.517  ? 1087 ALA AAA N   1 ? 
ATOM   939  C  CA  . ALA A 1 109 ? -9.141  -8.988  -2.755  1.000 28.538  ? 1087 ALA AAA CA  1 ? 
ATOM   940  C  C   . ALA A 1 109 ? -9.750  -8.785  -1.366  1.000 25.905  ? 1087 ALA AAA C   1 ? 
ATOM   941  O  O   . ALA A 1 109 ? -10.943 -8.954  -1.204  1.000 25.722  ? 1087 ALA AAA O   1 ? 
ATOM   942  C  CB  . ALA A 1 109 ? -8.492  -10.375 -2.861  1.000 31.429  ? 1087 ALA AAA CB  1 ? 
ATOM   943  N  N   . ILE A 1 110 ? -8.938  -8.388  -0.376  1.000 24.456  ? 1088 ILE AAA N   1 ? 
ATOM   944  C  CA  . ILE A 1 110 ? -9.459  -8.137  0.983   1.000 25.485  ? 1088 ILE AAA CA  1 ? 
ATOM   945  C  C   . ILE A 1 110 ? -10.438 -6.977  0.888   1.000 24.544  ? 1088 ILE AAA C   1 ? 
ATOM   946  O  O   . ILE A 1 110 ? -11.521 -7.011  1.474   1.000 25.012  ? 1088 ILE AAA O   1 ? 
ATOM   947  C  CB  . ILE A 1 110 ? -8.305  -7.856  1.999   1.000 25.687  ? 1088 ILE AAA CB  1 ? 
ATOM   948  C  CG1 . ILE A 1 110 ? -7.486  -9.124  2.270   1.000 24.997  ? 1088 ILE AAA CG1 1 ? 
ATOM   949  C  CG2 . ILE A 1 110 ? -8.830  -7.196  3.301   1.000 26.659  ? 1088 ILE AAA CG2 1 ? 
ATOM   950  C  CD1 . ILE A 1 110 ? -6.160  -8.859  3.004   1.000 25.572  ? 1088 ILE AAA CD1 1 ? 
ATOM   951  N  N   . ILE A 1 111 ? -10.038 -5.932  0.162   1.000 23.913  ? 1089 ILE AAA N   1 ? 
ATOM   952  C  CA  . ILE A 1 111 ? -10.893 -4.754  0.074   1.000 25.568  ? 1089 ILE AAA CA  1 ? 
ATOM   953  C  C   . ILE A 1 111 ? -12.202 -5.062  -0.669  1.000 28.882  ? 1089 ILE AAA C   1 ? 
ATOM   954  O  O   . ILE A 1 111 ? -13.301 -4.610  -0.305  1.000 27.822  ? 1089 ILE AAA O   1 ? 
ATOM   955  C  CB  . ILE A 1 111 ? -10.093 -3.592  -0.547  1.000 27.123  ? 1089 ILE AAA CB  1 ? 
ATOM   956  C  CG1 . ILE A 1 111 ? -9.316  -2.939  0.622   1.000 30.779  ? 1089 ILE AAA CG1 1 ? 
ATOM   957  C  CG2 . ILE A 1 111 ? -11.021 -2.606  -1.261  1.000 32.760  ? 1089 ILE AAA CG2 1 ? 
ATOM   958  C  CD1 . ILE A 1 111 ? -8.056  -2.255  0.212   1.000 35.066  ? 1089 ILE AAA CD1 1 ? 
ATOM   959  N  N   . LYS A 1 112 ? -12.112 -5.889  -1.709  1.000 27.128  ? 1090 LYS AAA N   1 ? 
ATOM   960  C  CA  . LYS A 1 112 ? -13.331 -6.264  -2.427  1.000 30.176  ? 1090 LYS AAA CA  1 ? 
ATOM   961  C  C   . LYS A 1 112 ? -14.279 -7.029  -1.493  1.000 28.407  ? 1090 LYS AAA C   1 ? 
ATOM   962  O  O   . LYS A 1 112 ? -15.484 -6.846  -1.554  1.000 28.703  ? 1090 LYS AAA O   1 ? 
ATOM   963  C  CB  . LYS A 1 112 ? -12.964 -7.125  -3.648  1.000 35.906  ? 1090 LYS AAA CB  1 ? 
ATOM   964  C  CG  . LYS A 1 112 ? -14.164 -7.694  -4.434  1.000 44.741  ? 1090 LYS AAA CG  1 ? 
ATOM   965  C  CD  . LYS A 1 112 ? -13.725 -8.677  -5.540  1.000 54.759  ? 1090 LYS AAA CD  1 ? 
ATOM   966  C  CE  . LYS A 1 112 ? -14.839 -9.484  -6.182  1.000 67.528  ? 1090 LYS AAA CE  1 ? 
ATOM   967  N  NZ  . LYS A 1 112 ? -15.750 -8.582  -6.919  1.000 66.774  ? 1090 LYS AAA NZ  1 ? 
ATOM   968  N  N   . GLU A 1 113 ? -13.768 -7.904  -0.641  1.000 27.275  ? 1091 GLU AAA N   1 ? 
ATOM   969  C  CA  . GLU A 1 113 ? -14.650 -8.667  0.232   1.000 27.941  ? 1091 GLU AAA CA  1 ? 
ATOM   970  C  C   . GLU A 1 113 ? -15.114 -7.899  1.476   1.000 29.748  ? 1091 GLU AAA C   1 ? 
ATOM   971  O  O   . GLU A 1 113 ? -16.152 -8.255  2.064   1.000 30.915  ? 1091 GLU AAA O   1 ? 
ATOM   972  C  CB  . GLU A 1 113 ? -13.936 -9.933  0.690   1.000 29.839  ? 1091 GLU AAA CB  1 ? 
ATOM   973  C  CG  . GLU A 1 113 ? -13.636 -10.911 -0.431  1.000 44.739  ? 1091 GLU AAA CG  1 ? 
ATOM   974  C  CD  . GLU A 1 113 ? -13.345 -12.285 0.159   1.000 61.084  ? 1091 GLU AAA CD  1 ? 
ATOM   975  O  OE1 . GLU A 1 113 ? -12.392 -12.390 0.962   1.000 56.684  ? 1091 GLU AAA OE1 1 ? 
ATOM   976  O  OE2 . GLU A 1 113 ? -14.123 -13.228 -0.105  1.000 84.540  ? 1091 GLU AAA OE2 1 ? 
ATOM   977  N  N   . GLU A 1 114 ? -14.360 -6.877  1.934   1.000 25.456  ? 1092 GLU AAA N   1 ? 
ATOM   978  C  CA  . GLU A 1 114 ? -14.618 -6.351  3.279   1.000 24.990  ? 1092 GLU AAA CA  1 ? 
ATOM   979  C  C   . GLU A 1 114 ? -14.905 -4.841  3.319   1.000 25.853  ? 1092 GLU AAA C   1 ? 
ATOM   980  O  O   . GLU A 1 114 ? -15.307 -4.317  4.346   1.000 30.316  ? 1092 GLU AAA O   1 ? 
ATOM   981  C  CB  . GLU A 1 114 ? -13.409 -6.619  4.197   1.000 25.641  ? 1092 GLU AAA CB  1 ? 
ATOM   982  C  CG  . GLU A 1 114 ? -13.120 -8.108  4.282   1.000 24.494  ? 1092 GLU AAA CG  1 ? 
ATOM   983  C  CD  . GLU A 1 114 ? -11.879 -8.453  5.091   1.000 25.733  ? 1092 GLU AAA CD  1 ? 
ATOM   984  O  OE1 . GLU A 1 114 ? -11.491 -7.694  6.038   1.000 25.895  ? 1092 GLU AAA OE1 1 ? 
ATOM   985  O  OE2 . GLU A 1 114 ? -11.341 -9.553  4.849   1.000 25.119  ? 1092 GLU AAA OE2 1 ? 
ATOM   986  N  N   . LEU A 1 115 ? -14.585 -4.104  2.266   1.000 27.079  ? 1093 LEU AAA N   1 ? 
ATOM   987  C  CA  . LEU A 1 115 ? -14.916 -2.685  2.270   1.000 27.894  ? 1093 LEU AAA CA  1 ? 
ATOM   988  C  C   . LEU A 1 115 ? -16.360 -2.503  1.792   1.000 34.340  ? 1093 LEU AAA C   1 ? 
ATOM   989  O  O   . LEU A 1 115 ? -16.713 -2.924  0.694   1.000 31.142  ? 1093 LEU AAA O   1 ? 
ATOM   990  C  CB  . LEU A 1 115 ? -13.984 -2.003  1.271   1.000 28.140  ? 1093 LEU AAA CB  1 ? 
ATOM   991  C  CG  . LEU A 1 115 ? -14.375 -0.550  0.974   1.000 31.351  ? 1093 LEU AAA CG  1 ? 
ATOM   992  C  CD1 . LEU A 1 115 ? -14.243 0.301   2.204   1.000 27.685  ? 1093 LEU AAA CD1 1 ? 
ATOM   993  C  CD2 . LEU A 1 115 ? -13.518 0.017   -0.145  1.000 31.712  ? 1093 LEU AAA CD2 1 ? 
ATOM   994  N  N   . ASP A 1 116 ? -17.191 -1.791  2.541   1.000 31.542  ? 1094 ASP AAA N   1 ? 
ATOM   995  C  CA  . ASP A 1 116 ? -18.518 -1.449  2.020   1.000 30.604  ? 1094 ASP AAA CA  1 ? 
ATOM   996  C  C   . ASP A 1 116 ? -18.402 -0.306  1.008   1.000 27.612  ? 1094 ASP AAA C   1 ? 
ATOM   997  O  O   . ASP A 1 116 ? -17.809 0.705   1.328   1.000 28.239  ? 1094 ASP AAA O   1 ? 
ATOM   998  C  CB  . ASP A 1 116 ? -19.373 -0.993  3.197   1.000 31.577  ? 1094 ASP AAA CB  1 ? 
ATOM   999  C  CG  . ASP A 1 116 ? -20.824 -0.789  2.804   1.000 36.716  ? 1094 ASP AAA CG  1 ? 
ATOM   1000 O  OD1 . ASP A 1 116 ? -21.094 0.040   1.931   1.000 36.440  ? 1094 ASP AAA OD1 1 ? 
ATOM   1001 O  OD2 . ASP A 1 116 ? -21.673 -1.434  3.440   1.000 33.341  ? 1094 ASP AAA OD2 1 ? 
ATOM   1002 N  N   . GLU A 1 117 ? -18.970 -0.456  -0.200  1.000 28.835  ? 1095 GLU AAA N   1 ? 
ATOM   1003 C  CA  . GLU A 1 117 ? -18.764 0.545   -1.257  1.000 33.898  ? 1095 GLU AAA CA  1 ? 
ATOM   1004 C  C   . GLU A 1 117 ? -19.432 1.871   -0.879  1.000 31.728  ? 1095 GLU AAA C   1 ? 
ATOM   1005 O  O   . GLU A 1 117 ? -19.001 2.924   -1.357  1.000 27.405  ? 1095 GLU AAA O   1 ? 
ATOM   1006 C  CB  . GLU A 1 117 ? -19.268 0.054   -2.615  1.000 39.319  ? 1095 GLU AAA CB  1 ? 
ATOM   1007 C  CG  . GLU A 1 117 ? -20.713 -0.393  -2.568  1.000 53.364  ? 1095 GLU AAA CG  1 ? 
ATOM   1008 C  CD  . GLU A 1 117 ? -21.276 -0.791  -3.930  1.000 65.689  ? 1095 GLU AAA CD  1 ? 
ATOM   1009 O  OE1 . GLU A 1 117 ? -22.494 -0.999  -4.000  1.000 69.988  ? 1095 GLU AAA OE1 1 ? 
ATOM   1010 O  OE2 . GLU A 1 117 ? -20.498 -0.859  -4.921  1.000 70.018  ? 1095 GLU AAA OE2 1 ? 
ATOM   1011 N  N   . ASP A 1 118 ? -20.437 1.820   0.027   1.000 28.220  ? 1096 ASP AAA N   1 ? 
ATOM   1012 C  CA  . ASP A 1 118 ? -21.091 3.071   0.406   1.000 30.107  ? 1096 ASP AAA CA  1 ? 
ATOM   1013 C  C   . ASP A 1 118 ? -20.219 3.788   1.426   1.000 30.152  ? 1096 ASP AAA C   1 ? 
ATOM   1014 O  O   . ASP A 1 118 ? -20.313 5.000   1.618   1.000 27.683  ? 1096 ASP AAA O   1 ? 
ATOM   1015 C  CB  . ASP A 1 118 ? -22.465 2.818   1.036   1.000 29.526  ? 1096 ASP AAA CB  1 ? 
ATOM   1016 C  CG  . ASP A 1 118 ? -23.486 2.438   -0.015  1.000 38.241  ? 1096 ASP AAA CG  1 ? 
ATOM   1017 O  OD1 . ASP A 1 118 ? -23.302 2.803   -1.182  1.000 35.748  ? 1096 ASP AAA OD1 1 ? 
ATOM   1018 O  OD2 . ASP A 1 118 ? -24.338 1.674   0.320   1.000 39.257  ? 1096 ASP AAA OD2 1 ? 
ATOM   1019 N  N   . PHE A 1 119 ? -19.379 3.018   2.154   1.000 28.616  ? 1097 PHE AAA N   1 ? 
ATOM   1020 C  CA  . PHE A 1 119 ? -18.458 3.651   3.079   1.000 26.429  ? 1097 PHE AAA CA  1 ? 
ATOM   1021 C  C   . PHE A 1 119 ? -17.365 4.373   2.270   1.000 27.595  ? 1097 PHE AAA C   1 ? 
ATOM   1022 O  O   . PHE A 1 119 ? -17.000 5.526   2.572   1.000 27.419  ? 1097 PHE AAA O   1 ? 
ATOM   1023 C  CB  . PHE A 1 119 ? -17.849 2.578   4.007   1.000 26.657  ? 1097 PHE AAA CB  1 ? 
ATOM   1024 C  CG  . PHE A 1 119 ? -16.850 3.152   4.982   1.000 27.033  ? 1097 PHE AAA CG  1 ? 
ATOM   1025 C  CD1 . PHE A 1 119 ? -17.277 3.677   6.204   1.000 26.832  ? 1097 PHE AAA CD1 1 ? 
ATOM   1026 C  CD2 . PHE A 1 119 ? -15.504 3.299   4.632   1.000 25.779  ? 1097 PHE AAA CD2 1 ? 
ATOM   1027 C  CE1 . PHE A 1 119 ? -16.374 4.309   7.059   1.000 29.029  ? 1097 PHE AAA CE1 1 ? 
ATOM   1028 C  CE2 . PHE A 1 119 ? -14.597 3.885   5.521   1.000 26.188  ? 1097 PHE AAA CE2 1 ? 
ATOM   1029 C  CZ  . PHE A 1 119 ? -15.022 4.415   6.722   1.000 26.955  ? 1097 PHE AAA CZ  1 ? 
ATOM   1030 N  N   . GLU A 1 120 ? -16.824 3.675   1.264   1.000 26.155  ? 1098 GLU AAA N   1 ? 
ATOM   1031 C  CA  . GLU A 1 120 ? -15.860 4.317   0.370   1.000 28.606  ? 1098 GLU AAA CA  1 ? 
ATOM   1032 C  C   . GLU A 1 120 ? -16.474 5.577   -0.249  1.000 30.775  ? 1098 GLU AAA C   1 ? 
ATOM   1033 O  O   . GLU A 1 120 ? -15.843 6.626   -0.291  1.000 28.740  ? 1098 GLU AAA O   1 ? 
ATOM   1034 C  CB  . GLU A 1 120 ? -15.382 3.365   -0.726  1.000 32.432  ? 1098 GLU AAA CB  1 ? 
ATOM   1035 C  CG  . GLU A 1 120 ? -14.456 4.030   -1.755  1.000 32.937  ? 1098 GLU AAA CG  1 ? 
ATOM   1036 C  CD  . GLU A 1 120 ? -13.123 4.604   -1.256  1.000 30.791  ? 1098 GLU AAA CD  1 ? 
ATOM   1037 O  OE1 . GLU A 1 120 ? -12.853 4.494   -0.072  1.000 31.478  ? 1098 GLU AAA OE1 1 ? 
ATOM   1038 O  OE2 . GLU A 1 120 ? -12.331 5.216   -2.072  1.000 33.864  ? 1098 GLU AAA OE2 1 ? 
ATOM   1039 N  N   . GLN A 1 121 ? -17.727 5.456   -0.727  1.000 31.063  ? 1099 GLN AAA N   1 ? 
ATOM   1040 C  CA  . GLN A 1 121 ? -18.394 6.558   -1.407  1.000 31.653  ? 1099 GLN AAA CA  1 ? 
ATOM   1041 C  C   . GLN A 1 121 ? -18.498 7.766   -0.476  1.000 30.536  ? 1099 GLN AAA C   1 ? 
ATOM   1042 O  O   . GLN A 1 121 ? -18.180 8.865   -0.890  1.000 32.106  ? 1099 GLN AAA O   1 ? 
ATOM   1043 C  CB  . GLN A 1 121 ? -19.764 6.128   -1.966  1.000 32.635  ? 1099 GLN AAA CB  1 ? 
ATOM   1044 C  CG  . GLN A 1 121 ? -20.433 7.195   -2.847  1.000 35.518  ? 1099 GLN AAA CG  1 ? 
ATOM   1045 C  CD  . GLN A 1 121 ? -19.592 7.459   -4.072  1.000 42.298  ? 1099 GLN AAA CD  1 ? 
ATOM   1046 O  OE1 . GLN A 1 121 ? -19.011 6.528   -4.617  1.000 42.629  ? 1099 GLN AAA OE1 1 ? 
ATOM   1047 N  NE2 . GLN A 1 121 ? -19.481 8.715   -4.482  1.000 36.088  ? 1099 GLN AAA NE2 1 ? 
ATOM   1048 N  N   . LEU A 1 122 ? -18.875 7.549   0.800   1.000 28.342  ? 1100 LEU AAA N   1 ? 
ATOM   1049 C  CA  . LEU A 1 122 ? -18.885 8.612   1.792   1.000 30.529  ? 1100 LEU AAA CA  1 ? 
ATOM   1050 C  C   . LEU A 1 122 ? -17.518 9.286   1.987   1.000 36.109  ? 1100 LEU AAA C   1 ? 
ATOM   1051 O  O   . LEU A 1 122 ? -17.412 10.539  2.038   1.000 30.537  ? 1100 LEU AAA O   1 ? 
ATOM   1052 C  CB  . LEU A 1 122 ? -19.463 8.050   3.102   1.000 28.037  ? 1100 LEU AAA CB  1 ? 
ATOM   1053 C  CG  . LEU A 1 122 ? -19.413 9.024   4.276   1.000 30.821  ? 1100 LEU AAA CG  1 ? 
ATOM   1054 C  CD1 . LEU A 1 122 ? -20.204 10.314  3.940   1.000 39.145  ? 1100 LEU AAA CD1 1 ? 
ATOM   1055 C  CD2 . LEU A 1 122 ? -19.956 8.368   5.541   1.000 33.394  ? 1100 LEU AAA CD2 1 ? 
ATOM   1056 N  N   . CYS A 1 123 ? -16.441 8.478   2.093   1.000 29.297  ? 1101 CYS AAA N   1 ? 
ATOM   1057 C  CA  . CYS A 1 123 ? -15.093 9.042   2.272   1.000 29.663  ? 1101 CYS AAA CA  1 ? 
ATOM   1058 C  C   . CYS A 1 123 ? -14.797 9.936   1.054   1.000 30.613  ? 1101 CYS AAA C   1 ? 
ATOM   1059 O  O   . CYS A 1 123 ? -14.260 11.030  1.227   1.000 35.709  ? 1101 CYS AAA O   1 ? 
ATOM   1060 C  CB  . CYS A 1 123 ? -13.997 7.952   2.353   1.000 24.309  ? 1101 CYS AAA CB  1 ? 
ATOM   1061 S  SG  . CYS A 1 123 ? -14.120 7.030   3.903   1.000 29.443  ? 1101 CYS AAA SG  1 ? 
ATOM   1062 N  N   . GLU A 1 124 ? -15.141 9.463   -0.151  1.000 29.843  ? 1102 GLU AAA N   1 ? 
ATOM   1063 C  CA  . GLU A 1 124 ? -14.780 10.201  -1.367  1.000 33.519  ? 1102 GLU AAA CA  1 ? 
ATOM   1064 C  C   . GLU A 1 124 ? -15.508 11.548  -1.382  1.000 43.542  ? 1102 GLU AAA C   1 ? 
ATOM   1065 O  O   . GLU A 1 124 ? -14.940 12.579  -1.779  1.000 42.151  ? 1102 GLU AAA O   1 ? 
ATOM   1066 C  CB  . GLU A 1 124 ? -15.081 9.402   -2.637  1.000 34.847  ? 1102 GLU AAA CB  1 ? 
ATOM   1067 C  CG  . GLU A 1 124 ? -14.212 8.140   -2.741  1.000 40.941  ? 1102 GLU AAA CG  1 ? 
ATOM   1068 C  CD  . GLU A 1 124 ? -14.223 7.272   -3.996  1.000 53.943  ? 1102 GLU AAA CD  1 ? 
ATOM   1069 O  OE1 . GLU A 1 124 ? -14.924 7.657   -4.943  1.000 50.570  ? 1102 GLU AAA OE1 1 ? 
ATOM   1070 O  OE2 . GLU A 1 124 ? -13.489 6.197   -4.043  1.000 46.073  ? 1102 GLU AAA OE2 1 ? 
ATOM   1071 N  N   . GLU A 1 125 ? -16.762 11.525  -0.911  1.000 39.362  ? 1103 GLU AAA N   1 ? 
ATOM   1072 C  CA  . GLU A 1 125 ? -17.609 12.716  -0.905  1.000 41.524  ? 1103 GLU AAA CA  1 ? 
ATOM   1073 C  C   . GLU A 1 125 ? -17.106 13.713  0.138   1.000 42.291  ? 1103 GLU AAA C   1 ? 
ATOM   1074 O  O   . GLU A 1 125 ? -17.001 14.893  -0.177  1.000 46.969  ? 1103 GLU AAA O   1 ? 
ATOM   1075 C  CB  . GLU A 1 125 ? -19.111 12.358  -0.936  1.000 32.876  ? 1103 GLU AAA CB  1 ? 
ATOM   1076 C  CG  . GLU A 1 125 ? -19.547 11.704  -2.248  1.000 31.906  ? 1103 GLU AAA CG  1 ? 
ATOM   1077 C  CD  . GLU A 1 125 ? -21.024 11.338  -2.393  1.000 36.229  ? 1103 GLU AAA CD  1 ? 
ATOM   1078 O  OE1 . GLU A 1 125 ? -21.764 11.635  -1.468  1.000 37.634  ? 1103 GLU AAA OE1 1 ? 
ATOM   1079 O  OE2 . GLU A 1 125 ? -21.424 10.679  -3.353  1.000 34.556  ? 1103 GLU AAA OE2 1 ? 
ATOM   1080 N  N   . ILE A 1 126 ? -16.730 13.275  1.344   1.000 36.740  ? 1104 ILE AAA N   1 ? 
ATOM   1081 C  CA  . ILE A 1 126 ? -16.164 14.195  2.288   1.000 35.821  ? 1104 ILE AAA CA  1 ? 
ATOM   1082 C  C   . ILE A 1 126 ? -14.861 14.767  1.702   1.000 49.483  ? 1104 ILE AAA C   1 ? 
ATOM   1083 O  O   . ILE A 1 126 ? -14.641 15.970  1.760   1.000 52.114  ? 1104 ILE AAA O   1 ? 
ATOM   1084 C  CB  . ILE A 1 126 ? -15.982 13.548  3.650   1.000 37.864  ? 1104 ILE AAA CB  1 ? 
ATOM   1085 C  CG1 . ILE A 1 126 ? -17.296 12.949  4.182   1.000 37.705  ? 1104 ILE AAA CG1 1 ? 
ATOM   1086 C  CG2 . ILE A 1 126 ? -15.300 14.516  4.616   1.000 41.566  ? 1104 ILE AAA CG2 1 ? 
ATOM   1087 C  CD1 . ILE A 1 126 ? -17.068 12.030  5.357   1.000 37.960  ? 1104 ILE AAA CD1 1 ? 
ATOM   1088 N  N   . GLN A 1 127 ? -13.987 13.924  1.118   1.000 48.643  ? 1105 GLN AAA N   1 ? 
ATOM   1089 C  CA  . GLN A 1 127 ? -12.679 14.373  0.640   1.000 50.913  ? 1105 GLN AAA CA  1 ? 
ATOM   1090 C  C   . GLN A 1 127 ? -12.888 15.479  -0.399  1.000 47.855  ? 1105 GLN AAA C   1 ? 
ATOM   1091 O  O   . GLN A 1 127 ? -12.284 16.548  -0.314  1.000 55.670  ? 1105 GLN AAA O   1 ? 
ATOM   1092 C  CB  . GLN A 1 127 ? -11.875 13.225  -0.004  1.000 45.589  ? 1105 GLN AAA CB  1 ? 
ATOM   1093 C  CG  . GLN A 1 127 ? -10.580 13.675  -0.699  1.000 45.337  ? 1105 GLN AAA CG  1 ? 
ATOM   1094 C  CD  . GLN A 1 127 ? -9.881  12.527  -1.399  1.000 54.652  ? 1105 GLN AAA CD  1 ? 
ATOM   1095 O  OE1 . GLN A 1 127 ? -10.468 11.822  -2.235  1.000 50.959  ? 1105 GLN AAA OE1 1 ? 
ATOM   1096 N  NE2 . GLN A 1 127 ? -8.611  12.311  -1.067  1.000 46.189  ? 1105 GLN AAA NE2 1 ? 
ATOM   1097 N  N   . GLU A 1 128 ? -13.725 15.177  -1.396  1.000 52.842  ? 1106 GLU AAA N   1 ? 
ATOM   1098 C  CA  . GLU A 1 128 ? -14.102 16.071  -2.488  1.000 61.440  ? 1106 GLU AAA CA  1 ? 
ATOM   1099 C  C   . GLU A 1 128 ? -14.647 17.412  -1.960  1.000 64.630  ? 1106 GLU AAA C   1 ? 
ATOM   1100 O  O   . GLU A 1 128 ? -14.391 18.462  -2.549  1.000 65.045  ? 1106 GLU AAA O   1 ? 
ATOM   1101 C  CB  . GLU A 1 128 ? -15.021 15.281  -3.428  1.000 62.146  ? 1106 GLU AAA CB  1 ? 
ATOM   1102 C  CG  . GLU A 1 128 ? -15.860 16.103  -4.381  1.000 83.533  ? 1106 GLU AAA CG  1 ? 
ATOM   1103 C  CD  . GLU A 1 128 ? -15.097 16.677  -5.560  1.000 98.548  ? 1106 GLU AAA CD  1 ? 
ATOM   1104 O  OE1 . GLU A 1 128 ? -14.494 17.757  -5.398  1.000 110.301 ? 1106 GLU AAA OE1 1 ? 
ATOM   1105 O  OE2 . GLU A 1 128 ? -15.102 16.039  -6.630  1.000 109.068 ? 1106 GLU AAA OE2 1 ? 
ATOM   1106 N  N   . SER A 1 129 ? -15.381 17.386  -0.836  1.000 64.421  ? 1107 SER AAA N   1 ? 
ATOM   1107 C  CA  . SER A 1 129 ? -16.027 18.567  -0.267  1.000 67.027  ? 1107 SER AAA CA  1 ? 
ATOM   1108 C  C   . SER A 1 129 ? -15.006 19.431  0.475   1.000 69.089  ? 1107 SER AAA C   1 ? 
ATOM   1109 O  O   . SER A 1 129 ? -15.348 20.293  1.289   1.000 73.291  ? 1107 SER AAA O   1 ? 
ATOM   1110 C  CB  . SER A 1 129 ? -17.151 18.167  0.658   1.000 59.988  ? 1107 SER AAA CB  1 ? 
ATOM   1111 O  OG  . SER A 1 129 ? -16.688 18.166  2.006   1.000 61.615  ? 1107 SER AAA OG  1 ? 
ATOM   1112 N  N   A ARG A 1 130 ? -13.731 19.152  0.229   0.500 63.032  ? 1108 ARG AAA N   1 ? 
ATOM   1113 C  CA  A ARG A 1 130 ? -12.656 19.911  0.835   0.500 62.778  ? 1108 ARG AAA CA  1 ? 
ATOM   1114 C  C   A ARG A 1 130 ? -11.674 20.285  -0.290  0.500 60.023  ? 1108 ARG AAA C   1 ? 
ATOM   1115 O  O   A ARG A 1 130 ? -12.026 20.262  -1.470  0.500 52.789  ? 1108 ARG AAA O   1 ? 
ATOM   1116 C  CB  A ARG A 1 130 ? -12.051 19.114  2.001   0.500 59.839  ? 1108 ARG AAA CB  1 ? 
ATOM   1117 C  CG  A ARG A 1 130 ? -13.065 18.570  3.007   0.500 54.059  ? 1108 ARG AAA CG  1 ? 
ATOM   1118 C  CD  A ARG A 1 130 ? -12.429 17.888  4.214   0.500 54.769  ? 1108 ARG AAA CD  1 ? 
ATOM   1119 N  NE  A ARG A 1 130 ? -13.347 17.448  5.265   0.500 47.366  ? 1108 ARG AAA NE  1 ? 
ATOM   1120 C  CZ  A ARG A 1 130 ? -12.973 16.869  6.396   0.500 42.347  ? 1108 ARG AAA CZ  1 ? 
ATOM   1121 N  NH1 A ARG A 1 130 ? -13.874 16.510  7.291   0.500 43.315  ? 1108 ARG AAA NH1 1 ? 
ATOM   1122 N  NH2 A ARG A 1 130 ? -11.692 16.658  6.637   0.500 45.447  ? 1108 ARG AAA NH2 1 ? 
ATOM   1123 O  OXT A ARG A 1 130 ? -10.517 20.621  -0.081  0.500 60.292  ? 1108 ARG AAA OXT 1 ? 
HETATM 1124 N  N   B ARG B 2 .   ? -12.500 19.246  0.750   0.500 79.747  ? 1201 ARG AAA N   1 ? 
HETATM 1125 C  CA  B ARG B 2 .   ? -12.179 19.981  2.007   0.500 73.502  ? 1201 ARG AAA CA  1 ? 
HETATM 1126 C  C   B ARG B 2 .   ? -11.457 21.289  1.664   0.500 72.509  ? 1201 ARG AAA C   1 ? 
HETATM 1127 O  O   B ARG B 2 .   ? -10.590 21.744  2.414   0.500 70.753  ? 1201 ARG AAA O   1 ? 
HETATM 1128 C  CB  B ARG B 2 .   ? -11.364 19.086  2.947   0.500 67.857  ? 1201 ARG AAA CB  1 ? 
HETATM 1129 C  CG  B ARG B 2 .   ? -12.227 18.090  3.709   0.500 64.839  ? 1201 ARG AAA CG  1 ? 
HETATM 1130 C  CD  B ARG B 2 .   ? -11.486 16.824  4.076   0.500 56.226  ? 1201 ARG AAA CD  1 ? 
HETATM 1131 N  NE  B ARG B 2 .   ? -10.365 17.062  4.965   0.500 52.632  ? 1201 ARG AAA NE  1 ? 
HETATM 1132 C  CZ  B ARG B 2 .   ? -9.132  17.354  4.568   0.500 47.072  ? 1201 ARG AAA CZ  1 ? 
HETATM 1133 N  NH1 B ARG B 2 .   ? -8.846  17.471  3.281   0.500 45.813  ? 1201 ARG AAA NH1 1 ? 
HETATM 1134 N  NH2 B ARG B 2 .   ? -8.195  17.540  5.469   0.500 47.279  ? 1201 ARG AAA NH2 1 ? 
HETATM 1135 O  OXT B ARG B 2 .   ? -11.742 21.905  0.634   0.500 76.453  ? 1201 ARG AAA OXT 1 ? 
HETATM 1136 S  S   . SO4 C 3 .   ? -6.739  6.659   15.332  1.000 39.188  ? 1202 SO4 AAA S   1 ? 
HETATM 1137 O  O1  . SO4 C 3 .   ? -5.449  6.723   15.924  1.000 36.461  ? 1202 SO4 AAA O1  1 ? 
HETATM 1138 O  O2  . SO4 C 3 .   ? -7.548  5.702   16.100  1.000 46.824  ? 1202 SO4 AAA O2  1 ? 
HETATM 1139 O  O3  . SO4 C 3 .   ? -6.630  6.251   13.965  1.000 47.784  ? 1202 SO4 AAA O3  1 ? 
HETATM 1140 O  O4  . SO4 C 3 .   ? -7.362  7.960   15.367  1.000 41.448  ? 1202 SO4 AAA O4  1 ? 
HETATM 1141 CL CL  . CL  D 4 .   ? 12.976  -15.958 0.673   1.000 84.761  ? 1203 CL  AAA CL  1 ? 
HETATM 1142 C  C1  . EDO E 5 .   ? -14.855 0.336   6.802   1.000 26.557  ? 1204 EDO AAA C1  1 ? 
HETATM 1143 O  O1  . EDO E 5 .   ? -15.255 -0.358  7.977   1.000 30.096  ? 1204 EDO AAA O1  1 ? 
HETATM 1144 C  C2  . EDO E 5 .   ? -15.024 -0.614  5.651   1.000 36.401  ? 1204 EDO AAA C2  1 ? 
HETATM 1145 O  O2  . EDO E 5 .   ? -16.399 -0.767  5.215   1.000 35.652  ? 1204 EDO AAA O2  1 ? 
HETATM 1146 C  C1  . EDO F 5 .   ? 1.717   -4.848  11.534  1.000 61.465  ? 1205 EDO AAA C1  1 ? 
HETATM 1147 O  O1  . EDO F 5 .   ? 1.315   -3.624  10.912  1.000 67.396  ? 1205 EDO AAA O1  1 ? 
HETATM 1148 C  C2  . EDO F 5 .   ? 3.170   -5.135  11.428  1.000 63.691  ? 1205 EDO AAA C2  1 ? 
HETATM 1149 O  O2  . EDO F 5 .   ? 3.459   -6.315  12.125  1.000 67.795  ? 1205 EDO AAA O2  1 ? 
HETATM 1150 C  C1  . EDO G 5 .   ? -12.826 1.271   -3.658  1.000 63.446  ? 1206 EDO AAA C1  1 ? 
HETATM 1151 O  O1  . EDO G 5 .   ? -12.557 -0.029  -4.110  1.000 53.579  ? 1206 EDO AAA O1  1 ? 
HETATM 1152 C  C2  . EDO G 5 .   ? -11.521 1.945   -3.661  1.000 51.561  ? 1206 EDO AAA C2  1 ? 
HETATM 1153 O  O2  . EDO G 5 .   ? -11.329 2.358   -4.980  1.000 61.442  ? 1206 EDO AAA O2  1 ? 
HETATM 1154 C  C1  . EDO H 5 .   ? -6.602  2.202   -7.312  1.000 66.212  ? 1207 EDO AAA C1  1 ? 
HETATM 1155 O  O1  . EDO H 5 .   ? -6.327  3.472   -6.717  1.000 58.793  ? 1207 EDO AAA O1  1 ? 
HETATM 1156 C  C2  . EDO H 5 .   ? -7.899  2.087   -8.020  1.000 78.694  ? 1207 EDO AAA C2  1 ? 
HETATM 1157 O  O2  . EDO H 5 .   ? -8.914  1.501   -7.227  1.000 79.348  ? 1207 EDO AAA O2  1 ? 
HETATM 1158 C  C1  . EDO I 5 .   ? 7.507   9.201   6.248   1.000 89.893  ? 1208 EDO AAA C1  1 ? 
HETATM 1159 O  O1  . EDO I 5 .   ? 7.134   9.992   7.365   1.000 80.586  ? 1208 EDO AAA O1  1 ? 
HETATM 1160 C  C2  . EDO I 5 .   ? 6.339   8.481   5.658   1.000 85.845  ? 1208 EDO AAA C2  1 ? 
HETATM 1161 O  O2  . EDO I 5 .   ? 5.138   9.110   6.076   1.000 70.551  ? 1208 EDO AAA O2  1 ? 
HETATM 1162 S  S   . SO4 J 3 .   ? 3.805   13.682  0.048   0.500 93.311  ? 1209 SO4 AAA S   1 ? 
HETATM 1163 O  O1  . SO4 J 3 .   ? 2.789   12.821  -0.501  0.500 86.272  ? 1209 SO4 AAA O1  1 ? 
HETATM 1164 O  O2  . SO4 J 3 .   ? 3.822   13.547  1.478   0.500 80.645  ? 1209 SO4 AAA O2  1 ? 
HETATM 1165 O  O3  . SO4 J 3 .   ? 3.515   15.054  -0.303  0.500 80.053  ? 1209 SO4 AAA O3  1 ? 
HETATM 1166 O  O4  . SO4 J 3 .   ? 5.090   13.300  -0.485  0.500 83.467  ? 1209 SO4 AAA O4  1 ? 
HETATM 1167 C  C1  . 8WS K 6 .   ? 22.041  -9.750  -4.156  1.000 103.075 ? 1210 8WS AAA C1  1 ? 
HETATM 1168 N  N1  . 8WS K 6 .   ? 21.376  -7.631  -5.104  1.000 147.666 ? 1210 8WS AAA N1  1 ? 
HETATM 1169 O  O1  . 8WS K 6 .   ? 19.923  -9.348  -5.180  1.000 132.798 ? 1210 8WS AAA O1  1 ? 
HETATM 1170 C  C01 . 8WS K 6 .   ? 22.649  -3.268  -5.391  1.000 107.389 ? 1210 8WS AAA C01 1 ? 
HETATM 1171 N  N01 . 8WS K 6 .   ? 21.712  -4.365  -5.598  1.000 129.671 ? 1210 8WS AAA N01 1 ? 
HETATM 1172 O  O01 . 8WS K 6 .   ? 21.801  -5.148  -3.485  1.000 127.730 ? 1210 8WS AAA O01 1 ? 
HETATM 1173 C  C02 . 8WS K 6 .   ? 21.389  -5.241  -4.642  1.000 134.979 ? 1210 8WS AAA C02 1 ? 
HETATM 1174 N  N02 . 8WS K 6 .   ? 14.701  -4.973  -3.703  1.000 76.881  ? 1210 8WS AAA N02 1 ? 
HETATM 1175 O  O02 . 8WS K 6 .   ? 12.968  -4.327  -4.999  1.000 48.954  ? 1210 8WS AAA O02 1 ? 
HETATM 1176 C  C03 . 8WS K 6 .   ? 20.517  -6.445  -5.051  1.000 136.226 ? 1210 8WS AAA C03 1 ? 
HETATM 1177 C  C04 . 8WS K 6 .   ? 19.253  -6.622  -4.192  1.000 117.542 ? 1210 8WS AAA C04 1 ? 
HETATM 1178 C  C05 . 8WS K 6 .   ? 18.091  -5.687  -4.533  1.000 96.698  ? 1210 8WS AAA C05 1 ? 
HETATM 1179 C  C06 . 8WS K 6 .   ? 16.697  -6.297  -4.450  1.000 88.724  ? 1210 8WS AAA C06 1 ? 
HETATM 1180 C  C07 . 8WS K 6 .   ? 15.612  -5.288  -4.804  1.000 78.140  ? 1210 8WS AAA C07 1 ? 
HETATM 1181 C  C08 . 8WS K 6 .   ? 13.422  -4.594  -3.879  1.000 70.358  ? 1210 8WS AAA C08 1 ? 
HETATM 1182 C  C09 . 8WS K 6 .   ? 12.567  -4.526  -2.647  1.000 67.725  ? 1210 8WS AAA C09 1 ? 
HETATM 1183 C  C10 . 8WS K 6 .   ? 21.014  -8.895  -4.837  1.000 131.931 ? 1210 8WS AAA C10 1 ? 
HETATM 1184 O  O   . HOH L 7 .   ? -6.456  10.504  0.766   1.000 42.709  ? 1301 HOH AAA O   1 ? 
HETATM 1185 O  O   . HOH L 7 .   ? 5.954   13.973  2.210   1.000 54.983  ? 1302 HOH AAA O   1 ? 
HETATM 1186 O  O   . HOH L 7 .   ? 7.753   2.115   -12.190 1.000 52.417  ? 1303 HOH AAA O   1 ? 
HETATM 1187 O  O   . HOH L 7 .   ? 6.561   7.337   -8.770  1.000 69.185  ? 1304 HOH AAA O   1 ? 
HETATM 1188 O  O   . HOH L 7 .   ? 4.368   -15.221 -4.741  1.000 42.770  ? 1305 HOH AAA O   1 ? 
HETATM 1189 O  O   . HOH L 7 .   ? -22.101 13.526  0.082   1.000 50.038  ? 1306 HOH AAA O   1 ? 
HETATM 1190 O  O   . HOH L 7 .   ? 2.015   -12.181 -8.330  1.000 43.144  ? 1307 HOH AAA O   1 ? 
HETATM 1191 O  O   . HOH L 7 .   ? 17.350  -6.691  -12.157 1.000 53.996  ? 1308 HOH AAA O   1 ? 
HETATM 1192 O  O   . HOH L 7 .   ? -9.877  -4.457  8.009   1.000 47.244  ? 1309 HOH AAA O   1 ? 
HETATM 1193 O  O   . HOH L 7 .   ? 12.403  10.801  -5.562  1.000 45.950  ? 1310 HOH AAA O   1 ? 
HETATM 1194 O  O   . HOH L 7 .   ? -11.720 -11.635 3.414   1.000 44.874  ? 1311 HOH AAA O   1 ? 
HETATM 1195 O  O   . HOH L 7 .   ? 14.285  5.849   -12.623 1.000 58.156  ? 1312 HOH AAA O   1 ? 
HETATM 1196 O  O   . HOH L 7 .   ? -18.631 16.461  -1.388  1.000 53.617  ? 1313 HOH AAA O   1 ? 
HETATM 1197 O  O   . HOH L 7 .   ? 18.563  -12.050 -15.186 1.000 59.617  ? 1314 HOH AAA O   1 ? 
HETATM 1198 O  O   . HOH L 7 .   ? -2.979  -14.048 -0.652  1.000 44.599  ? 1315 HOH AAA O   1 ? 
HETATM 1199 O  O   . HOH L 7 .   ? -1.966  -12.473 6.887   1.000 42.513  ? 1316 HOH AAA O   1 ? 
HETATM 1200 O  O   . HOH L 7 .   ? 11.890  -17.201 -9.139  1.000 39.118  ? 1317 HOH AAA O   1 ? 
HETATM 1201 O  O   . HOH L 7 .   ? 2.958   5.681   12.928  1.000 38.460  ? 1318 HOH AAA O   1 ? 
HETATM 1202 O  O   . HOH L 7 .   ? 13.918  -12.454 -4.921  1.000 56.316  ? 1319 HOH AAA O   1 ? 
HETATM 1203 O  O   . HOH L 7 .   ? 10.838  -2.383  -5.436  1.000 35.812  ? 1320 HOH AAA O   1 ? 
HETATM 1204 O  O   . HOH L 7 .   ? -21.305 11.723  -5.754  1.000 57.391  ? 1321 HOH AAA O   1 ? 
HETATM 1205 O  O   . HOH L 7 .   ? 9.994   2.632   1.153   1.000 40.533  ? 1322 HOH AAA O   1 ? 
HETATM 1206 O  O   . HOH L 7 .   ? -1.915  7.777   -2.479  1.000 48.213  ? 1323 HOH AAA O   1 ? 
HETATM 1207 O  O   . HOH L 7 .   ? 8.883   -1.974  -1.331  1.000 36.459  ? 1324 HOH AAA O   1 ? 
HETATM 1208 O  O   . HOH L 7 .   ? -22.262 4.209   -3.173  1.000 47.345  ? 1325 HOH AAA O   1 ? 
HETATM 1209 O  O   . HOH L 7 .   ? 6.598   2.521   -9.811  1.000 35.514  ? 1326 HOH AAA O   1 ? 
HETATM 1210 O  O   . HOH L 7 .   ? -18.460 -1.254  6.818   1.000 51.514  ? 1327 HOH AAA O   1 ? 
HETATM 1211 O  O   . HOH L 7 .   ? -19.008 0.960   8.517   1.000 31.095  ? 1328 HOH AAA O   1 ? 
HETATM 1212 O  O   . HOH L 7 .   ? 5.739   -8.088  9.740   1.000 50.617  ? 1329 HOH AAA O   1 ? 
HETATM 1213 O  O   . HOH L 7 .   ? 8.480   -2.728  -4.164  1.000 33.576  ? 1330 HOH AAA O   1 ? 
HETATM 1214 O  O   . HOH L 7 .   ? -21.489 15.643  8.938   1.000 63.992  ? 1331 HOH AAA O   1 ? 
HETATM 1215 O  O   . HOH L 7 .   ? 9.636   0.701   -2.837  1.000 41.475  ? 1332 HOH AAA O   1 ? 
HETATM 1216 O  O   . HOH L 7 .   ? 18.137  -14.813 -9.660  1.000 57.148  ? 1333 HOH AAA O   1 ? 
HETATM 1217 O  O   . HOH L 7 .   ? 0.469   4.099   -7.849  1.000 34.523  ? 1334 HOH AAA O   1 ? 
HETATM 1218 O  O   . HOH L 7 .   ? 11.381  -11.334 -2.529  1.000 53.601  ? 1335 HOH AAA O   1 ? 
HETATM 1219 O  O   . HOH L 7 .   ? 2.697   8.173   -2.286  1.000 46.652  ? 1336 HOH AAA O   1 ? 
HETATM 1220 O  O   . HOH L 7 .   ? 13.220  -4.533  2.154   1.000 62.304  ? 1337 HOH AAA O   1 ? 
HETATM 1221 O  O   . HOH L 7 .   ? -7.300  -9.173  -6.352  1.000 34.033  ? 1338 HOH AAA O   1 ? 
HETATM 1222 O  O   . HOH L 7 .   ? 2.123   -16.970 3.196   1.000 60.640  ? 1339 HOH AAA O   1 ? 
HETATM 1223 O  O   . HOH L 7 .   ? -17.608 3.128   -3.697  1.000 53.472  ? 1340 HOH AAA O   1 ? 
HETATM 1224 O  O   . HOH L 7 .   ? 12.719  -1.458  -15.679 1.000 47.795  ? 1341 HOH AAA O   1 ? 
HETATM 1225 O  O   . HOH L 7 .   ? -14.062 -2.631  8.933   1.000 27.013  ? 1342 HOH AAA O   1 ? 
HETATM 1226 O  O   . HOH L 7 .   ? 6.133   -10.566 6.335   1.000 38.058  ? 1343 HOH AAA O   1 ? 
HETATM 1227 O  O   . HOH L 7 .   ? 14.140  8.053   -4.130  1.000 53.027  ? 1344 HOH AAA O   1 ? 
HETATM 1228 O  O   . HOH L 7 .   ? 9.498   -11.421 1.094   1.000 40.309  ? 1345 HOH AAA O   1 ? 
HETATM 1229 O  O   . HOH L 7 .   ? 1.968   -16.064 -3.998  1.000 45.470  ? 1346 HOH AAA O   1 ? 
HETATM 1230 O  O   . HOH L 7 .   ? -23.991 -0.520  2.232   1.000 58.004  ? 1347 HOH AAA O   1 ? 
HETATM 1231 O  O   . HOH L 7 .   ? -6.759  -1.617  12.937  1.000 22.947  ? 1348 HOH AAA O   1 ? 
HETATM 1232 O  O   . HOH L 7 .   ? 7.791   7.657   -1.973  1.000 49.035  ? 1349 HOH AAA O   1 ? 
HETATM 1233 O  O   . HOH L 7 .   ? 1.775   2.338   -9.395  1.000 42.851  ? 1350 HOH AAA O   1 ? 
HETATM 1234 O  O   . HOH L 7 .   ? -17.973 -9.937  0.750   1.000 51.269  ? 1351 HOH AAA O   1 ? 
HETATM 1235 O  O   . HOH L 7 .   ? -21.189 -2.758  5.881   1.000 44.011  ? 1352 HOH AAA O   1 ? 
HETATM 1236 O  O   . HOH L 7 .   ? -9.595  9.268   -3.685  1.000 46.887  ? 1353 HOH AAA O   1 ? 
HETATM 1237 O  O   . HOH L 7 .   ? 8.793   -5.823  -15.285 1.000 54.047  ? 1354 HOH AAA O   1 ? 
HETATM 1238 O  O   . HOH L 7 .   ? 8.653   5.148   -8.017  1.000 35.330  ? 1355 HOH AAA O   1 ? 
HETATM 1239 O  O   . HOH L 7 .   ? 0.454   -1.878  -9.881  1.000 57.214  ? 1356 HOH AAA O   1 ? 
HETATM 1240 O  O   . HOH L 7 .   ? -14.883 -4.690  7.152   1.000 32.593  ? 1357 HOH AAA O   1 ? 
HETATM 1241 O  O   . HOH L 7 .   ? -0.164  14.957  8.207   1.000 61.520  ? 1358 HOH AAA O   1 ? 
HETATM 1242 O  O   . HOH L 7 .   ? -4.901  8.111   6.852   1.000 30.274  ? 1359 HOH AAA O   1 ? 
HETATM 1243 O  O   . HOH L 7 .   ? 16.666  7.173   -12.455 1.000 60.549  ? 1360 HOH AAA O   1 ? 
HETATM 1244 O  O   . HOH L 7 .   ? -20.467 -2.878  -0.719  1.000 44.169  ? 1361 HOH AAA O   1 ? 
HETATM 1245 O  O   . HOH L 7 .   ? 10.609  -12.403 -17.315 1.000 52.122  ? 1362 HOH AAA O   1 ? 
HETATM 1246 O  O   . HOH L 7 .   ? 3.086   8.125   11.496  1.000 39.180  ? 1363 HOH AAA O   1 ? 
HETATM 1247 O  O   . HOH L 7 .   ? 10.375  5.422   -10.069 1.000 47.209  ? 1364 HOH AAA O   1 ? 
HETATM 1248 O  O   . HOH L 7 .   ? -17.595 -1.013  11.430  1.000 25.894  ? 1365 HOH AAA O   1 ? 
HETATM 1249 O  O   . HOH L 7 .   ? 5.694   2.445   10.609  1.000 45.177  ? 1366 HOH AAA O   1 ? 
HETATM 1250 O  O   . HOH L 7 .   ? 13.493  -17.537 -13.789 1.000 35.352  ? 1367 HOH AAA O   1 ? 
HETATM 1251 O  O   . HOH L 7 .   ? -2.033  3.698   -9.106  1.000 43.267  ? 1368 HOH AAA O   1 ? 
HETATM 1252 O  O   . HOH L 7 .   ? 2.419   -16.327 6.165   1.000 51.800  ? 1369 HOH AAA O   1 ? 
HETATM 1253 O  O   . HOH L 7 .   ? -2.060  -11.932 3.459   1.000 42.838  ? 1370 HOH AAA O   1 ? 
HETATM 1254 O  O   . HOH L 7 .   ? -10.979 -4.221  -4.889  1.000 44.139  ? 1371 HOH AAA O   1 ? 
HETATM 1255 O  O   . HOH L 7 .   ? -5.883  -12.271 6.482   1.000 47.277  ? 1372 HOH AAA O   1 ? 
HETATM 1256 O  O   . HOH L 7 .   ? -17.208 20.982  10.166  1.000 69.614  ? 1373 HOH AAA O   1 ? 
HETATM 1257 O  O   . HOH L 7 .   ? 10.662  -2.600  0.376   1.000 48.955  ? 1374 HOH AAA O   1 ? 
HETATM 1258 O  O   . HOH L 7 .   ? -1.377  8.935   14.943  1.000 51.072  ? 1375 HOH AAA O   1 ? 
HETATM 1259 O  O   . HOH L 7 .   ? 16.207  -10.489 -18.690 1.000 43.556  ? 1376 HOH AAA O   1 ? 
HETATM 1260 O  O   . HOH L 7 .   ? -1.198  9.498   -0.465  1.000 54.633  ? 1377 HOH AAA O   1 ? 
HETATM 1261 O  O   . HOH L 7 .   ? 9.679   -7.640  -16.974 1.000 64.169  ? 1378 HOH AAA O   1 ? 
HETATM 1262 O  O   . HOH L 7 .   ? -1.824  12.612  12.997  1.000 55.775  ? 1379 HOH AAA O   1 ? 
HETATM 1263 O  O   . HOH L 7 .   ? 5.549   -3.336  8.376   1.000 49.490  ? 1380 HOH AAA O   1 ? 
HETATM 1264 O  O   . HOH L 7 .   ? 9.241   3.742   7.401   1.000 51.245  ? 1381 HOH AAA O   1 ? 
HETATM 1265 O  O   . HOH L 7 .   ? -26.207 3.821   -1.691  1.000 57.224  ? 1382 HOH AAA O   1 ? 
HETATM 1266 O  O   . HOH L 7 .   ? 11.516  1.158   -0.219  1.000 46.237  ? 1383 HOH AAA O   1 ? 
HETATM 1267 O  O   . HOH L 7 .   ? -12.200 -10.997 -3.240  1.000 57.724  ? 1384 HOH AAA O   1 ? 
HETATM 1268 O  O   . HOH L 7 .   ? 8.981   8.006   9.018   1.000 51.863  ? 1385 HOH AAA O   1 ? 
HETATM 1269 O  O   . HOH L 7 .   ? -15.736 0.728   -3.164  1.000 49.696  ? 1386 HOH AAA O   1 ? 
HETATM 1270 O  O   . HOH L 7 .   ? 15.665  -4.829  -18.555 1.000 64.946  ? 1387 HOH AAA O   1 ? 
HETATM 1271 O  O   . HOH L 7 .   ? -1.034  -18.268 -1.035  1.000 61.149  ? 1388 HOH AAA O   1 ? 
HETATM 1272 O  O   . HOH L 7 .   ? 4.046   -10.348 -11.611 1.000 60.145  ? 1389 HOH AAA O   1 ? 
HETATM 1273 O  O   . HOH L 7 .   ? -4.462  -3.428  12.905  1.000 36.967  ? 1390 HOH AAA O   1 ? 
HETATM 1274 O  O   . HOH L 7 .   ? -5.388  -12.482 -4.000  1.000 56.196  ? 1391 HOH AAA O   1 ? 
HETATM 1275 O  O   . HOH L 7 .   ? -2.536  14.405  11.555  1.000 66.934  ? 1392 HOH AAA O   1 ? 
HETATM 1276 O  O   . HOH L 7 .   ? -18.367 15.551  -3.432  1.000 54.551  ? 1393 HOH AAA O   1 ? 
HETATM 1277 O  O   . HOH L 7 .   ? 13.026  -7.241  5.884   1.000 63.298  ? 1394 HOH AAA O   1 ? 
HETATM 1278 O  O   . HOH L 7 .   ? 13.846  3.175   -0.284  1.000 56.610  ? 1395 HOH AAA O   1 ? 
HETATM 1279 O  O   . HOH L 7 .   ? -9.875  -8.557  -6.269  1.000 39.623  ? 1396 HOH AAA O   1 ? 
HETATM 1280 O  O   . HOH L 7 .   ? 1.842   9.751   13.620  1.000 50.439  ? 1397 HOH AAA O   1 ? 
HETATM 1281 O  O   . HOH L 7 .   ? 0.156   -15.470 -5.665  1.000 53.704  ? 1398 HOH AAA O   1 ? 
HETATM 1282 O  O   . HOH L 7 .   ? 18.165  -10.741 -17.679 1.000 76.180  ? 1399 HOH AAA O   1 ? 
HETATM 1283 O  O   . HOH L 7 .   ? -8.607  -12.515 0.631   1.000 55.428  ? 1400 HOH AAA O   1 ? 
HETATM 1284 O  O   . HOH L 7 .   ? -12.429 -13.824 4.494   1.000 61.784  ? 1401 HOH AAA O   1 ? 
HETATM 1285 O  O   . HOH L 7 .   ? -18.847 8.666   -8.257  1.000 73.034  ? 1402 HOH AAA O   1 ? 
HETATM 1286 O  O   . HOH L 7 .   ? 2.815   -0.902  13.300  1.000 66.784  ? 1403 HOH AAA O   1 ? 
HETATM 1287 O  O   . HOH L 7 .   ? 1.540   -2.631  -11.821 1.000 56.270  ? 1404 HOH AAA O   1 ? 
HETATM 1288 O  O   . HOH L 7 .   ? -10.755 -5.925  -6.960  1.000 53.882  ? 1405 HOH AAA O   1 ? 
HETATM 1289 O  O   . HOH L 7 .   ? -10.546 -4.215  12.370  1.000 30.181  ? 1406 HOH AAA O   1 ? 
HETATM 1290 O  O   . HOH L 7 .   ? 5.180   5.126   -10.364 1.000 53.515  ? 1407 HOH AAA O   1 ? 
HETATM 1291 O  O   . HOH L 7 .   ? 7.045   -12.451 8.278   1.000 58.074  ? 1408 HOH AAA O   1 ? 
HETATM 1292 O  O   . HOH L 7 .   ? 11.604  -17.763 -11.941 1.000 42.152  ? 1409 HOH AAA O   1 ? 
HETATM 1293 O  O   . HOH L 7 .   ? -4.393  -12.321 3.758   1.000 46.714  ? 1410 HOH AAA O   1 ? 
HETATM 1294 O  O   . HOH L 7 .   ? 4.690   -10.831 12.609  1.000 55.971  ? 1411 HOH AAA O   1 ? 
HETATM 1295 O  O   . HOH L 7 .   ? -10.938 -10.977 -5.602  1.000 50.521  ? 1412 HOH AAA O   1 ? 
HETATM 1296 O  O   . HOH L 7 .   ? -9.194  -12.904 -5.732  1.000 51.463  ? 1413 HOH AAA O   1 ? 
# 
